data_3ZK4
#
_entry.id   3ZK4
#
_cell.length_a   223.925
_cell.length_b   223.925
_cell.length_c   111.904
_cell.angle_alpha   90.00
_cell.angle_beta   90.00
_cell.angle_gamma   90.00
#
_symmetry.space_group_name_H-M   'P 42 21 2'
#
loop_
_entity.id
_entity.type
_entity.pdbx_description
1 polymer 'DIPHOSPHONUCLEOTIDE PHOSPHATASE 1'
2 branched 2-acetamido-2-deoxy-beta-D-glucopyranose-(1-4)-2-acetamido-2-deoxy-beta-D-glucopyranose
3 branched alpha-L-fucopyranose-(1-3)-[2-acetamido-2-deoxy-beta-D-glucopyranose-(1-4)]2-acetamido-2-deoxy-beta-D-glucopyranose
4 non-polymer 'FE (III) ION'
5 non-polymer 'MANGANESE (II) ION'
6 non-polymer GLYCEROL
7 non-polymer 2-acetamido-2-deoxy-beta-D-glucopyranose
8 non-polymer 'PHOSPHATE ION'
9 water water
#
_entity_poly.entity_id   1
_entity_poly.type   'polypeptide(L)'
_entity_poly.pdbx_seq_one_letter_code
;DEHAYIKATPNVLGFEGHYTEWVTLQYSNNKPSIDDWIGVFSPANFSASTCPGENKMTNPPFLCSAPIKFQYANFSSHSY
KDTGKGSLKLQLINQRSDFSFALFTGGLTNPKLIAVSNKVSFVNPNAPVYPRLAQGKTWDEITVTWTSGYDINDAEPFVE
WGPKEGNLVKTPAGTLTFDRNTMCGAPARTVGWRDPGYIHTSFLKELWPNREYTYKLGHRLFNGTTIWSKEYHFKASPYP
GQSSVQRVVIFGDMGKAEADGSNEYNNFQPGSLNTTKQIIQDLEDIDIVFHIGDLCYANGYISQWDQFTAQIEPIASTVP
YMTASGNHERDWPGTGSFYGNLDSGGECGVPAQTMFFVPAENREKFWYSTDYGMFRFCIAHTELDWRKGTEQYEFIEKCL
ASVDRQKQPWLIFLAHRVLGYSSAGFYVQEGSFEEPMGREDLQHLWQKYKVDIAMYGHVHNYERTCPIYQNVCTNKEKHN
YKGNLNGTIHVVVGGGGASLAEFAPINTTWSIFKDHDFGFVKLTAFDHSNLLLEYRKSSDGQVYDSFTISRDYRDILACS
VDSCPTTTLAS
;
_entity_poly.pdbx_strand_id   A,B,C
#
loop_
_chem_comp.id
_chem_comp.type
_chem_comp.name
_chem_comp.formula
FE non-polymer 'FE (III) ION' 'Fe 3'
FUC L-saccharide, alpha linking alpha-L-fucopyranose 'C6 H12 O5'
GOL non-polymer GLYCEROL 'C3 H8 O3'
MN non-polymer 'MANGANESE (II) ION' 'Mn 2'
NAG D-saccharide, beta linking 2-acetamido-2-deoxy-beta-D-glucopyranose 'C8 H15 N O6'
PO4 non-polymer 'PHOSPHATE ION' 'O4 P -3'
#
# COMPACT_ATOMS: atom_id res chain seq x y z
N HIS A 3 9.67 27.64 64.06
CA HIS A 3 10.22 27.15 62.75
C HIS A 3 9.10 26.54 61.92
N ALA A 4 8.89 27.08 60.71
CA ALA A 4 7.87 26.55 59.80
C ALA A 4 8.16 25.09 59.43
N TYR A 5 7.11 24.37 59.08
CA TYR A 5 7.24 23.01 58.61
C TYR A 5 6.09 22.61 57.67
N ILE A 6 6.33 21.55 56.92
CA ILE A 6 5.36 21.01 56.02
C ILE A 6 5.66 19.49 55.93
N LYS A 7 4.60 18.72 56.00
CA LYS A 7 4.67 17.25 56.01
C LYS A 7 3.65 16.70 55.04
N ALA A 8 4.01 15.60 54.37
CA ALA A 8 3.11 14.96 53.39
C ALA A 8 2.84 13.50 53.77
N THR A 9 1.60 13.06 53.64
CA THR A 9 1.23 11.67 53.81
C THR A 9 0.27 11.28 52.71
N PRO A 10 0.28 9.98 52.33
CA PRO A 10 1.18 8.94 52.74
C PRO A 10 2.51 9.09 52.04
N ASN A 11 3.54 8.47 52.61
CA ASN A 11 4.88 8.42 52.04
C ASN A 11 4.96 7.67 50.71
N VAL A 12 4.08 6.68 50.54
CA VAL A 12 4.11 5.78 49.40
C VAL A 12 2.75 5.76 48.77
N LEU A 13 2.72 6.05 47.46
CA LEU A 13 1.50 6.15 46.74
C LEU A 13 1.42 4.99 45.76
N GLY A 14 0.23 4.75 45.27
CA GLY A 14 0.04 3.84 44.14
C GLY A 14 0.25 2.39 44.45
N PHE A 15 -0.40 1.92 45.51
CA PHE A 15 -0.54 0.48 45.75
C PHE A 15 -1.71 -0.05 44.89
N GLU A 16 -1.70 -1.36 44.61
CA GLU A 16 -2.75 -2.01 43.80
C GLU A 16 -2.75 -1.45 42.37
N GLY A 17 -1.57 -1.02 41.93
CA GLY A 17 -1.37 -0.48 40.59
C GLY A 17 -1.90 0.92 40.32
N HIS A 18 -2.39 1.61 41.34
CA HIS A 18 -2.93 2.94 41.14
C HIS A 18 -1.82 3.88 40.63
N TYR A 19 -2.18 4.75 39.71
CA TYR A 19 -1.23 5.74 39.13
C TYR A 19 -1.70 7.17 39.37
N THR A 20 -2.75 7.35 40.17
CA THR A 20 -3.11 8.63 40.80
C THR A 20 -3.39 8.38 42.27
N GLU A 21 -3.17 9.40 43.10
CA GLU A 21 -3.33 9.22 44.53
C GLU A 21 -3.38 10.56 45.19
N TRP A 22 -4.22 10.67 46.22
CA TRP A 22 -4.34 11.92 46.98
C TRP A 22 -3.30 11.95 48.08
N VAL A 23 -2.60 13.07 48.17
CA VAL A 23 -1.65 13.34 49.23
C VAL A 23 -2.23 14.45 50.10
N THR A 24 -2.00 14.35 51.39
CA THR A 24 -2.44 15.40 52.31
C THR A 24 -1.20 16.05 52.84
N LEU A 25 -1.17 17.38 52.76
CA LEU A 25 -0.12 18.20 53.31
C LEU A 25 -0.64 18.91 54.56
N GLN A 26 0.21 18.94 55.57
CA GLN A 26 -0.03 19.65 56.83
C GLN A 26 1.17 20.56 57.01
N TYR A 27 0.90 21.84 57.30
CA TYR A 27 1.98 22.79 57.38
C TYR A 27 1.65 23.89 58.41
N SER A 28 2.72 24.58 58.77
CA SER A 28 2.70 25.58 59.81
C SER A 28 3.70 26.67 59.51
N ASN A 29 3.27 27.92 59.68
CA ASN A 29 4.17 29.05 59.60
C ASN A 29 3.72 30.00 60.69
N ASN A 30 4.60 30.30 61.65
CA ASN A 30 4.17 31.18 62.75
C ASN A 30 4.17 32.68 62.37
N LYS A 31 4.60 33.00 61.15
CA LYS A 31 4.43 34.37 60.60
C LYS A 31 3.66 34.30 59.25
N PRO A 32 2.40 33.89 59.32
CA PRO A 32 1.66 33.62 58.07
C PRO A 32 1.24 34.87 57.34
N SER A 33 1.11 34.76 56.02
CA SER A 33 0.67 35.84 55.14
C SER A 33 -0.16 35.21 54.05
N ILE A 34 -1.11 35.98 53.53
CA ILE A 34 -2.05 35.49 52.51
C ILE A 34 -1.35 35.09 51.22
N ASP A 35 -0.15 35.59 50.96
CA ASP A 35 0.56 35.20 49.75
C ASP A 35 1.54 34.05 49.97
N ASP A 36 1.41 33.38 51.10
CA ASP A 36 2.19 32.16 51.30
C ASP A 36 1.63 31.09 50.38
N TRP A 37 2.49 30.21 49.88
CA TRP A 37 2.06 29.18 48.92
C TRP A 37 2.94 27.95 48.99
N ILE A 38 2.41 26.85 48.45
CA ILE A 38 3.09 25.57 48.47
C ILE A 38 3.37 25.14 47.03
N GLY A 39 4.56 24.65 46.79
CA GLY A 39 4.95 24.10 45.49
C GLY A 39 5.14 22.61 45.57
N VAL A 40 4.71 21.90 44.52
CA VAL A 40 4.97 20.46 44.36
C VAL A 40 6.13 20.32 43.40
N PHE A 41 7.17 19.59 43.79
CA PHE A 41 8.36 19.43 43.00
C PHE A 41 8.58 17.98 42.70
N SER A 42 8.84 17.67 41.41
CA SER A 42 9.27 16.33 41.05
C SER A 42 10.27 16.46 39.90
N PRO A 43 11.50 16.00 40.06
CA PRO A 43 12.12 15.31 41.21
C PRO A 43 12.06 16.08 42.53
N ALA A 44 12.09 15.31 43.61
CA ALA A 44 12.01 15.83 44.97
C ALA A 44 13.19 16.76 45.29
N ASN A 45 14.33 16.49 44.70
CA ASN A 45 15.50 17.33 44.90
C ASN A 45 15.45 18.49 43.93
N PHE A 46 14.93 19.62 44.37
CA PHE A 46 14.73 20.76 43.50
C PHE A 46 15.68 21.90 43.89
N SER A 47 15.84 22.85 42.98
CA SER A 47 16.52 24.09 43.28
C SER A 47 15.49 25.22 43.48
N ALA A 48 15.56 25.88 44.63
CA ALA A 48 14.76 27.08 44.87
C ALA A 48 15.51 28.37 44.49
N SER A 49 16.65 28.25 43.81
CA SER A 49 17.38 29.44 43.35
C SER A 49 16.53 30.15 42.32
N THR A 50 16.74 31.45 42.17
CA THR A 50 16.03 32.27 41.21
C THR A 50 16.69 32.16 39.85
N CYS A 51 15.87 31.87 38.83
CA CYS A 51 16.31 31.82 37.43
C CYS A 51 15.45 32.88 36.69
N PRO A 52 15.99 34.11 36.56
CA PRO A 52 15.18 35.20 36.03
C PRO A 52 14.65 34.88 34.64
N GLY A 53 13.49 35.43 34.34
CA GLY A 53 12.87 35.31 33.04
C GLY A 53 13.75 35.82 31.91
N GLU A 54 13.71 35.15 30.76
CA GLU A 54 14.47 35.60 29.63
C GLU A 54 13.64 35.87 28.39
N ASN A 55 12.36 35.47 28.38
CA ASN A 55 11.45 35.80 27.28
C ASN A 55 10.01 35.77 27.76
N LYS A 56 9.04 36.07 26.91
CA LYS A 56 7.64 36.19 27.39
C LYS A 56 7.00 34.83 27.79
N MET A 57 7.71 33.73 27.54
CA MET A 57 7.21 32.38 27.83
C MET A 57 7.78 31.83 29.14
N THR A 58 8.78 32.51 29.71
CA THR A 58 9.34 32.07 31.00
C THR A 58 8.61 32.92 32.05
N ASN A 59 7.86 32.27 32.95
CA ASN A 59 6.89 32.97 33.78
C ASN A 59 7.10 32.73 35.27
N PRO A 60 6.49 33.59 36.10
CA PRO A 60 6.65 33.34 37.55
C PRO A 60 5.85 32.11 37.96
N PRO A 61 6.30 31.37 39.01
CA PRO A 61 7.50 31.69 39.82
C PRO A 61 8.78 31.36 39.10
N PHE A 62 9.74 32.29 39.22
CA PHE A 62 11.00 32.22 38.47
C PHE A 62 12.06 31.37 39.18
N LEU A 63 11.73 30.11 39.37
CA LEU A 63 12.61 29.20 40.06
C LEU A 63 13.39 28.36 39.07
N CYS A 64 14.63 28.04 39.41
CA CYS A 64 15.48 27.20 38.58
C CYS A 64 14.87 25.80 38.32
N SER A 65 14.15 25.25 39.30
CA SER A 65 13.33 24.04 39.09
C SER A 65 11.89 24.46 39.04
N ALA A 66 11.24 24.33 37.89
CA ALA A 66 9.83 24.62 37.78
C ALA A 66 9.05 23.62 38.58
N PRO A 67 8.21 24.10 39.53
CA PRO A 67 7.31 23.13 40.19
C PRO A 67 6.31 22.53 39.20
N ILE A 68 5.80 21.36 39.57
CA ILE A 68 4.74 20.64 38.83
C ILE A 68 3.43 21.44 38.88
N LYS A 69 3.08 21.89 40.10
CA LYS A 69 1.90 22.67 40.37
C LYS A 69 2.09 23.37 41.74
N PHE A 70 1.16 24.24 42.09
CA PHE A 70 1.34 25.04 43.30
C PHE A 70 0.00 25.57 43.72
N GLN A 71 -0.13 25.90 45.01
CA GLN A 71 -1.37 26.40 45.54
C GLN A 71 -1.10 27.30 46.74
N TYR A 72 -1.98 28.26 46.94
CA TYR A 72 -1.86 29.15 48.10
C TYR A 72 -2.15 28.37 49.36
N ALA A 73 -1.43 28.73 50.42
CA ALA A 73 -1.61 28.11 51.76
C ALA A 73 -3.00 28.20 52.32
N ASN A 74 -3.74 29.24 51.97
CA ASN A 74 -5.08 29.48 52.49
C ASN A 74 -6.21 28.88 51.66
N PHE A 75 -5.88 28.01 50.69
CA PHE A 75 -6.84 27.65 49.65
C PHE A 75 -8.05 26.93 50.26
N SER A 76 -7.81 25.95 51.11
CA SER A 76 -8.92 25.22 51.77
C SER A 76 -8.96 25.45 53.29
N SER A 77 -7.84 25.90 53.84
CA SER A 77 -7.75 26.31 55.26
C SER A 77 -7.95 27.82 55.31
N HIS A 78 -9.21 28.25 55.31
CA HIS A 78 -9.54 29.65 55.19
C HIS A 78 -9.12 30.49 56.41
N SER A 79 -8.76 29.84 57.54
CA SER A 79 -8.28 30.54 58.73
C SER A 79 -6.78 30.62 58.80
N TYR A 80 -6.07 30.12 57.75
CA TYR A 80 -4.64 30.19 57.71
C TYR A 80 -4.06 31.56 58.07
N LYS A 81 -4.72 32.61 57.61
CA LYS A 81 -4.18 33.99 57.82
C LYS A 81 -4.10 34.33 59.32
N ASP A 82 -4.93 33.63 60.08
CA ASP A 82 -5.07 33.87 61.52
C ASP A 82 -4.26 32.91 62.39
N THR A 83 -4.16 31.65 61.97
CA THR A 83 -3.54 30.58 62.77
C THR A 83 -2.17 30.20 62.32
N GLY A 84 -1.88 30.43 61.04
CA GLY A 84 -0.65 29.95 60.48
C GLY A 84 -0.62 28.43 60.31
N LYS A 85 -1.77 27.80 60.41
CA LYS A 85 -1.89 26.36 60.25
C LYS A 85 -2.74 26.09 59.04
N GLY A 86 -2.34 25.11 58.23
CA GLY A 86 -3.20 24.78 57.11
C GLY A 86 -2.90 23.38 56.58
N SER A 87 -3.76 22.96 55.67
CA SER A 87 -3.55 21.69 54.99
C SER A 87 -4.09 21.82 53.58
N LEU A 88 -3.58 20.94 52.72
CA LEU A 88 -4.03 20.84 51.33
C LEU A 88 -4.18 19.37 50.94
N LYS A 89 -5.22 19.10 50.16
CA LYS A 89 -5.38 17.77 49.56
C LYS A 89 -5.04 17.95 48.06
N LEU A 90 -4.05 17.21 47.60
CA LEU A 90 -3.60 17.30 46.18
C LEU A 90 -3.63 15.93 45.55
N GLN A 91 -4.06 15.88 44.30
CA GLN A 91 -4.15 14.59 43.58
C GLN A 91 -2.93 14.51 42.65
N LEU A 92 -2.03 13.58 42.91
CA LEU A 92 -0.83 13.44 42.16
C LEU A 92 -0.95 12.32 41.12
N ILE A 93 -0.45 12.59 39.93
CA ILE A 93 -0.29 11.53 38.95
C ILE A 93 1.13 10.99 39.00
N ASN A 94 1.29 9.71 38.66
CA ASN A 94 2.60 9.12 38.56
C ASN A 94 3.22 9.58 37.28
N GLN A 95 4.36 10.26 37.35
CA GLN A 95 5.07 10.63 36.16
C GLN A 95 6.57 10.45 36.41
N ARG A 96 6.93 9.35 37.12
CA ARG A 96 8.29 8.92 37.29
C ARG A 96 8.96 9.78 38.39
N SER A 97 10.15 9.44 38.76
CA SER A 97 10.83 10.15 39.86
C SER A 97 10.02 10.16 41.16
N ASP A 98 10.23 11.18 42.00
CA ASP A 98 9.57 11.30 43.28
C ASP A 98 9.15 12.74 43.53
N PHE A 99 8.56 13.01 44.70
CA PHE A 99 8.03 14.33 45.00
C PHE A 99 8.51 14.90 46.34
N SER A 100 8.69 16.22 46.35
CA SER A 100 8.84 17.05 47.56
CA SER A 100 8.67 16.96 47.62
C SER A 100 7.75 18.13 47.53
N PHE A 101 7.43 18.68 48.69
CA PHE A 101 6.52 19.83 48.78
C PHE A 101 7.23 20.92 49.59
N ALA A 102 7.10 22.16 49.13
CA ALA A 102 7.81 23.27 49.73
C ALA A 102 6.89 24.40 50.05
N LEU A 103 7.13 25.04 51.19
CA LEU A 103 6.32 26.18 51.62
C LEU A 103 7.17 27.45 51.45
N PHE A 104 6.57 28.44 50.79
CA PHE A 104 7.18 29.70 50.47
C PHE A 104 6.34 30.86 51.04
N THR A 105 7.04 31.96 51.34
CA THR A 105 6.41 33.26 51.56
C THR A 105 6.70 34.13 50.36
N GLY A 106 6.00 35.25 50.25
CA GLY A 106 6.40 36.27 49.29
C GLY A 106 5.64 36.21 47.98
N GLY A 107 4.69 35.28 47.86
CA GLY A 107 3.90 35.17 46.64
C GLY A 107 4.69 34.55 45.49
N LEU A 108 4.10 34.54 44.30
CA LEU A 108 4.76 33.88 43.16
C LEU A 108 5.84 34.73 42.54
N THR A 109 5.77 36.05 42.76
CA THR A 109 6.75 36.94 42.16
C THR A 109 7.99 37.15 43.01
N ASN A 110 7.94 36.99 44.34
CA ASN A 110 9.13 37.13 45.17
CA ASN A 110 9.16 37.12 45.16
C ASN A 110 9.20 36.03 46.22
N PRO A 111 9.22 34.77 45.76
CA PRO A 111 9.17 33.65 46.70
C PRO A 111 10.42 33.50 47.58
N LYS A 112 10.21 33.13 48.85
CA LYS A 112 11.31 32.74 49.75
C LYS A 112 10.95 31.42 50.39
N LEU A 113 11.83 30.46 50.25
CA LEU A 113 11.63 29.12 50.77
C LEU A 113 11.72 29.10 52.31
N ILE A 114 10.71 28.58 52.99
CA ILE A 114 10.79 28.49 54.45
C ILE A 114 10.70 27.08 55.02
N ALA A 115 10.29 26.09 54.21
CA ALA A 115 10.17 24.72 54.71
C ALA A 115 10.06 23.75 53.52
N VAL A 116 10.61 22.57 53.70
CA VAL A 116 10.52 21.50 52.71
C VAL A 116 10.06 20.23 53.39
N SER A 117 9.23 19.43 52.70
CA SER A 117 8.62 18.24 53.31
C SER A 117 9.52 17.01 53.14
N ASN A 118 9.07 15.93 53.74
CA ASN A 118 9.58 14.59 53.42
C ASN A 118 9.27 14.26 51.95
N LYS A 119 10.03 13.33 51.39
CA LYS A 119 9.80 12.82 50.03
C LYS A 119 8.64 11.84 49.98
N VAL A 120 7.93 11.85 48.86
CA VAL A 120 6.82 10.93 48.65
C VAL A 120 7.06 10.32 47.26
N SER A 121 6.68 9.06 47.08
CA SER A 121 6.87 8.39 45.79
C SER A 121 5.78 7.38 45.51
N PHE A 122 5.51 7.14 44.22
CA PHE A 122 4.75 5.95 43.83
C PHE A 122 5.56 4.68 44.08
N VAL A 123 4.88 3.57 44.37
CA VAL A 123 5.54 2.27 44.60
C VAL A 123 6.40 1.91 43.41
N ASN A 124 5.86 2.12 42.20
CA ASN A 124 6.66 1.96 41.00
C ASN A 124 6.59 3.19 40.11
N PRO A 125 7.52 4.12 40.30
CA PRO A 125 7.56 5.36 39.52
C PRO A 125 7.70 5.08 38.01
N ASN A 126 8.22 3.91 37.66
CA ASN A 126 8.47 3.62 36.27
C ASN A 126 7.33 2.91 35.54
N ALA A 127 6.20 2.69 36.22
CA ALA A 127 5.15 1.86 35.72
C ALA A 127 4.63 2.37 34.38
N PRO A 128 4.18 1.45 33.51
CA PRO A 128 3.59 1.96 32.22
C PRO A 128 2.26 2.68 32.46
N VAL A 129 2.12 3.91 31.93
CA VAL A 129 0.96 4.69 32.16
C VAL A 129 0.45 5.45 30.92
N TYR A 130 -0.78 5.84 31.02
CA TYR A 130 -1.45 6.79 30.11
C TYR A 130 -1.44 6.39 28.65
N PRO A 131 -1.84 5.15 28.34
CA PRO A 131 -1.92 4.83 26.90
C PRO A 131 -2.87 5.72 26.14
N ARG A 132 -2.51 6.00 24.89
CA ARG A 132 -3.37 6.73 24.00
C ARG A 132 -3.35 6.02 22.64
N LEU A 133 -4.53 5.77 22.10
CA LEU A 133 -4.73 5.10 20.83
C LEU A 133 -4.72 6.11 19.70
N ALA A 134 -4.23 5.67 18.55
CA ALA A 134 -4.32 6.46 17.32
C ALA A 134 -4.39 5.49 16.15
N GLN A 135 -5.17 5.86 15.16
CA GLN A 135 -5.29 5.05 13.96
C GLN A 135 -3.92 4.98 13.28
N GLY A 136 -3.62 3.81 12.73
CA GLY A 136 -2.35 3.55 12.12
C GLY A 136 -2.37 3.77 10.61
N LYS A 137 -1.47 3.11 9.93
CA LYS A 137 -1.26 3.44 8.53
C LYS A 137 -2.21 2.77 7.58
N THR A 138 -2.92 1.79 8.05
CA THR A 138 -4.02 1.16 7.31
C THR A 138 -5.27 1.07 8.19
N TRP A 139 -6.42 0.87 7.55
CA TRP A 139 -7.74 0.91 8.26
C TRP A 139 -7.80 -0.17 9.38
N ASP A 140 -7.03 -1.25 9.20
CA ASP A 140 -7.03 -2.41 10.12
C ASP A 140 -5.82 -2.45 11.04
N GLU A 141 -5.23 -1.28 11.29
CA GLU A 141 -4.11 -1.13 12.25
C GLU A 141 -4.48 -0.01 13.20
N ILE A 142 -4.26 -0.26 14.50
CA ILE A 142 -4.35 0.80 15.50
C ILE A 142 -3.06 0.81 16.29
N THR A 143 -2.66 2.01 16.76
CA THR A 143 -1.46 2.16 17.52
C THR A 143 -1.83 2.44 18.98
N VAL A 144 -1.02 1.91 19.86
CA VAL A 144 -1.09 2.17 21.30
C VAL A 144 0.25 2.84 21.68
N THR A 145 0.18 4.06 22.19
CA THR A 145 1.35 4.78 22.66
C THR A 145 1.25 5.06 24.15
N TRP A 146 2.29 4.71 24.90
CA TRP A 146 2.31 4.94 26.31
C TRP A 146 3.66 5.42 26.81
N THR A 147 3.68 5.81 28.09
CA THR A 147 4.90 6.31 28.68
C THR A 147 5.35 5.39 29.85
N SER A 148 6.63 5.16 29.98
CA SER A 148 7.16 4.45 31.13
C SER A 148 8.47 5.03 31.53
N GLY A 149 9.01 4.51 32.61
CA GLY A 149 10.37 4.79 32.98
C GLY A 149 11.41 3.75 32.64
N TYR A 150 11.08 2.80 31.76
CA TYR A 150 11.97 1.71 31.38
C TYR A 150 12.52 1.93 29.97
N ASP A 151 13.82 2.19 29.87
CA ASP A 151 14.47 2.27 28.55
C ASP A 151 14.67 0.84 28.08
N ILE A 152 15.09 0.71 26.82
CA ILE A 152 15.17 -0.58 26.16
C ILE A 152 16.19 -1.49 26.76
N ASN A 153 17.19 -0.92 27.43
CA ASN A 153 18.19 -1.73 28.13
CA ASN A 153 18.20 -1.72 28.11
C ASN A 153 17.72 -2.13 29.53
N ASP A 154 16.65 -1.51 30.03
CA ASP A 154 16.04 -1.85 31.33
C ASP A 154 14.99 -2.95 31.19
N ALA A 155 14.20 -2.86 30.12
CA ALA A 155 13.10 -3.81 29.89
C ALA A 155 12.73 -3.83 28.41
N GLU A 156 12.25 -4.95 27.91
CA GLU A 156 11.67 -5.02 26.58
C GLU A 156 10.17 -4.67 26.65
N PRO A 157 9.76 -3.57 25.98
CA PRO A 157 8.37 -3.22 26.00
C PRO A 157 7.53 -3.98 25.00
N PHE A 158 6.24 -4.16 25.29
CA PHE A 158 5.32 -4.82 24.39
C PHE A 158 3.89 -4.54 24.81
N VAL A 159 2.97 -4.90 23.93
CA VAL A 159 1.57 -4.97 24.25
C VAL A 159 1.07 -6.37 24.06
N GLU A 160 0.28 -6.81 25.02
CA GLU A 160 -0.44 -8.09 24.92
C GLU A 160 -1.87 -7.80 24.65
N TRP A 161 -2.42 -8.36 23.58
CA TRP A 161 -3.72 -7.99 23.12
C TRP A 161 -4.41 -9.09 22.32
N GLY A 162 -5.71 -8.91 22.17
CA GLY A 162 -6.54 -9.79 21.35
C GLY A 162 -7.99 -9.52 21.52
N PRO A 163 -8.81 -10.30 20.81
CA PRO A 163 -10.23 -10.10 20.91
C PRO A 163 -10.68 -10.31 22.33
N LYS A 164 -11.69 -9.56 22.74
CA LYS A 164 -12.24 -9.62 24.09
CA LYS A 164 -12.14 -9.66 24.12
C LYS A 164 -12.54 -11.10 24.44
N GLU A 165 -11.97 -11.58 25.54
CA GLU A 165 -12.10 -12.96 26.01
C GLU A 165 -11.62 -14.04 25.03
N GLY A 166 -10.83 -13.65 24.02
CA GLY A 166 -10.24 -14.57 23.06
C GLY A 166 -8.76 -14.78 23.32
N ASN A 167 -8.03 -15.22 22.29
CA ASN A 167 -6.61 -15.47 22.45
C ASN A 167 -5.79 -14.17 22.39
N LEU A 168 -4.77 -14.10 23.22
CA LEU A 168 -3.94 -12.91 23.35
C LEU A 168 -2.59 -13.21 22.74
N VAL A 169 -1.95 -12.20 22.16
CA VAL A 169 -0.59 -12.36 21.66
C VAL A 169 0.19 -11.11 22.10
N LYS A 170 1.50 -11.22 22.14
CA LYS A 170 2.38 -10.08 22.38
C LYS A 170 2.87 -9.48 21.07
N THR A 171 2.98 -8.16 21.04
CA THR A 171 3.50 -7.45 19.86
C THR A 171 4.55 -6.44 20.38
N PRO A 172 5.59 -6.15 19.57
CA PRO A 172 6.66 -5.30 20.05
C PRO A 172 6.24 -3.83 20.12
N ALA A 173 7.10 -3.01 20.69
CA ALA A 173 6.89 -1.57 20.67
C ALA A 173 8.20 -0.91 20.23
N GLY A 174 8.09 0.19 19.51
CA GLY A 174 9.24 1.07 19.28
C GLY A 174 9.35 2.03 20.43
N THR A 175 10.57 2.39 20.79
CA THR A 175 10.80 3.22 21.95
C THR A 175 11.54 4.48 21.57
N LEU A 176 10.93 5.62 21.88
CA LEU A 176 11.51 6.93 21.56
C LEU A 176 11.53 7.81 22.80
N THR A 177 12.43 8.80 22.79
CA THR A 177 12.46 9.76 23.86
C THR A 177 13.05 11.07 23.33
N PHE A 178 13.27 12.03 24.23
CA PHE A 178 13.96 13.25 23.83
C PHE A 178 14.65 13.78 25.05
N ASP A 179 15.64 14.64 24.84
CA ASP A 179 16.39 15.17 25.95
C ASP A 179 16.41 16.67 25.97
N ARG A 180 16.97 17.23 27.05
CA ARG A 180 17.00 18.66 27.23
C ARG A 180 17.53 19.37 26.00
N ASN A 181 18.62 18.89 25.42
CA ASN A 181 19.20 19.65 24.31
C ASN A 181 18.46 19.44 22.98
N THR A 182 17.44 18.57 22.97
CA THR A 182 16.52 18.49 21.83
C THR A 182 15.61 19.74 21.81
N MET A 183 15.40 20.36 22.96
CA MET A 183 14.52 21.53 23.03
C MET A 183 15.25 22.72 22.40
N CYS A 184 14.53 23.54 21.65
CA CYS A 184 15.19 24.61 20.92
C CYS A 184 15.42 25.84 21.74
N GLY A 185 14.61 26.07 22.78
CA GLY A 185 14.78 27.28 23.58
C GLY A 185 14.14 27.20 24.94
N ALA A 186 14.20 28.32 25.65
CA ALA A 186 13.63 28.48 27.00
C ALA A 186 12.16 28.83 26.97
N PRO A 187 11.38 28.31 27.94
CA PRO A 187 11.74 27.52 29.13
C PRO A 187 12.00 26.06 28.87
N ALA A 188 11.64 25.54 27.71
CA ALA A 188 11.73 24.09 27.50
C ALA A 188 13.13 23.54 27.77
N ARG A 189 14.14 24.26 27.31
CA ARG A 189 15.52 23.84 27.38
C ARG A 189 16.15 24.19 28.73
N THR A 190 15.46 24.99 29.52
CA THR A 190 16.01 25.52 30.76
C THR A 190 15.11 25.15 31.95
N VAL A 191 14.44 26.14 32.54
CA VAL A 191 13.72 25.95 33.80
C VAL A 191 12.55 24.98 33.70
N GLY A 192 11.99 24.86 32.52
CA GLY A 192 10.83 24.00 32.35
C GLY A 192 11.12 22.57 32.01
N TRP A 193 12.37 22.22 31.78
CA TRP A 193 12.77 20.88 31.39
C TRP A 193 12.37 19.85 32.46
N ARG A 194 11.82 18.72 32.06
CA ARG A 194 11.57 17.60 32.96
C ARG A 194 11.72 16.34 32.11
N ASP A 195 12.49 15.38 32.59
CA ASP A 195 12.78 14.18 31.84
C ASP A 195 11.45 13.47 31.51
N PRO A 196 11.19 13.18 30.20
CA PRO A 196 9.95 12.56 29.81
C PRO A 196 9.86 11.05 29.97
N GLY A 197 10.92 10.39 30.41
CA GLY A 197 10.95 8.94 30.42
C GLY A 197 11.00 8.44 28.98
N TYR A 198 10.24 7.39 28.71
CA TYR A 198 10.36 6.66 27.44
C TYR A 198 8.97 6.50 26.90
N ILE A 199 8.83 6.74 25.59
CA ILE A 199 7.57 6.70 24.93
C ILE A 199 7.57 5.51 23.98
N HIS A 200 6.61 4.63 24.18
CA HIS A 200 6.58 3.35 23.43
C HIS A 200 5.35 3.28 22.55
N THR A 201 5.51 2.78 21.33
CA THR A 201 4.37 2.60 20.44
C THR A 201 4.33 1.19 19.87
N SER A 202 3.19 0.54 20.06
CA SER A 202 2.86 -0.76 19.45
C SER A 202 1.86 -0.59 18.34
N PHE A 203 1.94 -1.50 17.36
CA PHE A 203 1.11 -1.52 16.20
C PHE A 203 0.27 -2.81 16.19
N LEU A 204 -1.02 -2.64 16.36
CA LEU A 204 -1.95 -3.75 16.53
C LEU A 204 -2.59 -3.92 15.17
N LYS A 205 -2.17 -4.97 14.48
CA LYS A 205 -2.50 -5.15 13.07
C LYS A 205 -3.50 -6.28 12.81
N GLU A 206 -4.00 -6.32 11.58
CA GLU A 206 -4.92 -7.38 11.13
C GLU A 206 -6.21 -7.37 11.97
N LEU A 207 -6.71 -6.17 12.24
CA LEU A 207 -7.94 -6.02 13.01
C LEU A 207 -9.16 -6.46 12.22
N TRP A 208 -10.10 -7.06 12.93
CA TRP A 208 -11.42 -7.26 12.41
C TRP A 208 -12.25 -6.03 12.65
N PRO A 209 -12.90 -5.51 11.60
CA PRO A 209 -13.64 -4.30 11.78
C PRO A 209 -14.78 -4.49 12.80
N ASN A 210 -14.99 -3.49 13.66
CA ASN A 210 -16.06 -3.47 14.63
C ASN A 210 -15.90 -4.42 15.80
N ARG A 211 -14.82 -5.16 15.85
CA ARG A 211 -14.64 -6.16 16.89
C ARG A 211 -14.07 -5.53 18.15
N GLU A 212 -14.47 -6.09 19.28
CA GLU A 212 -14.02 -5.65 20.58
C GLU A 212 -12.74 -6.33 20.96
N TYR A 213 -11.77 -5.51 21.40
CA TYR A 213 -10.46 -5.97 21.77
C TYR A 213 -10.07 -5.52 23.18
N THR A 214 -9.14 -6.23 23.79
CA THR A 214 -8.51 -5.81 25.02
C THR A 214 -6.99 -5.75 24.83
N TYR A 215 -6.34 -4.92 25.64
CA TYR A 215 -4.89 -4.80 25.62
C TYR A 215 -4.32 -4.44 26.99
N LYS A 216 -3.09 -4.89 27.19
CA LYS A 216 -2.30 -4.54 28.33
C LYS A 216 -0.92 -4.13 27.92
N LEU A 217 -0.36 -3.19 28.66
CA LEU A 217 1.00 -2.74 28.42
C LEU A 217 1.94 -3.55 29.25
N GLY A 218 3.08 -3.94 28.67
CA GLY A 218 4.05 -4.78 29.35
C GLY A 218 5.49 -4.36 29.22
N HIS A 219 6.31 -4.69 30.23
CA HIS A 219 7.74 -4.48 30.21
C HIS A 219 8.40 -5.69 30.81
N ARG A 220 9.12 -6.44 29.99
CA ARG A 220 9.90 -7.58 30.48
CA ARG A 220 9.91 -7.58 30.46
C ARG A 220 11.29 -7.13 30.93
N LEU A 221 11.49 -7.09 32.25
CA LEU A 221 12.74 -6.65 32.83
C LEU A 221 13.80 -7.69 32.49
N PHE A 222 15.05 -7.30 32.40
CA PHE A 222 16.02 -8.29 31.98
CA PHE A 222 16.09 -8.25 32.01
C PHE A 222 16.39 -9.23 33.12
N ASN A 223 15.92 -8.93 34.35
CA ASN A 223 15.94 -9.97 35.42
C ASN A 223 14.84 -11.03 35.23
N GLY A 224 13.95 -10.86 34.26
CA GLY A 224 13.00 -11.91 33.87
C GLY A 224 11.56 -11.71 34.34
N THR A 225 11.36 -10.80 35.28
CA THR A 225 10.01 -10.41 35.70
C THR A 225 9.38 -9.46 34.68
N THR A 226 8.08 -9.63 34.46
CA THR A 226 7.31 -8.71 33.63
C THR A 226 6.43 -7.84 34.48
N ILE A 227 6.49 -6.55 34.19
CA ILE A 227 5.65 -5.52 34.79
C ILE A 227 4.50 -5.25 33.84
N TRP A 228 3.28 -5.32 34.36
CA TRP A 228 2.10 -5.18 33.59
C TRP A 228 1.22 -3.99 34.01
N SER A 229 0.54 -3.39 33.04
CA SER A 229 -0.52 -2.44 33.31
C SER A 229 -1.80 -3.19 33.60
N LYS A 230 -2.85 -2.45 33.98
CA LYS A 230 -4.21 -2.93 34.01
C LYS A 230 -4.71 -3.15 32.59
N GLU A 231 -5.85 -3.84 32.45
CA GLU A 231 -6.43 -4.08 31.15
C GLU A 231 -7.17 -2.85 30.64
N TYR A 232 -7.01 -2.59 29.33
CA TYR A 232 -7.69 -1.56 28.61
C TYR A 232 -8.45 -2.23 27.44
N HIS A 233 -9.28 -1.47 26.75
CA HIS A 233 -10.07 -2.03 25.69
C HIS A 233 -10.43 -0.98 24.63
N PHE A 234 -10.75 -1.50 23.45
CA PHE A 234 -11.23 -0.68 22.35
C PHE A 234 -12.04 -1.51 21.38
N LYS A 235 -12.81 -0.81 20.58
CA LYS A 235 -13.56 -1.39 19.47
C LYS A 235 -12.85 -0.97 18.16
N ALA A 236 -12.48 -1.96 17.34
CA ALA A 236 -11.83 -1.66 16.05
C ALA A 236 -12.70 -0.81 15.14
N SER A 237 -12.05 0.07 14.39
CA SER A 237 -12.76 0.95 13.49
C SER A 237 -13.47 0.17 12.38
N PRO A 238 -14.46 0.79 11.76
CA PRO A 238 -15.12 0.22 10.59
C PRO A 238 -14.17 0.00 9.41
N TYR A 239 -14.58 -0.86 8.50
CA TYR A 239 -13.97 -0.89 7.17
C TYR A 239 -14.27 0.45 6.50
N PRO A 240 -13.28 1.05 5.78
CA PRO A 240 -13.58 2.26 5.07
C PRO A 240 -14.77 2.06 4.11
N GLY A 241 -15.76 2.91 4.25
CA GLY A 241 -16.96 2.85 3.43
C GLY A 241 -18.14 2.14 4.05
N GLN A 242 -17.94 1.55 5.21
CA GLN A 242 -19.00 0.79 5.88
C GLN A 242 -20.19 1.65 6.22
N SER A 243 -21.38 1.04 6.08
CA SER A 243 -22.65 1.64 6.44
CA SER A 243 -22.62 1.70 6.45
C SER A 243 -22.96 1.28 7.87
N SER A 244 -22.75 2.22 8.77
CA SER A 244 -23.09 2.11 10.18
C SER A 244 -23.10 3.55 10.73
N VAL A 245 -23.74 3.77 11.87
CA VAL A 245 -23.81 5.10 12.41
C VAL A 245 -22.47 5.42 13.08
N GLN A 246 -21.84 6.53 12.64
CA GLN A 246 -20.47 6.84 13.00
C GLN A 246 -20.38 8.23 13.55
N ARG A 247 -19.74 8.34 14.71
CA ARG A 247 -19.71 9.56 15.47
C ARG A 247 -18.30 10.06 15.76
N VAL A 248 -18.08 11.35 15.49
CA VAL A 248 -16.76 11.98 15.55
C VAL A 248 -16.83 13.28 16.33
N VAL A 249 -15.94 13.47 17.30
CA VAL A 249 -15.83 14.71 18.05
C VAL A 249 -14.58 15.49 17.66
N ILE A 250 -14.78 16.78 17.40
CA ILE A 250 -13.68 17.67 16.95
C ILE A 250 -13.66 18.92 17.75
N PHE A 251 -12.49 19.34 18.20
CA PHE A 251 -12.32 20.61 18.82
C PHE A 251 -10.86 20.96 18.75
N GLY A 252 -10.56 22.23 18.97
CA GLY A 252 -9.20 22.65 19.26
C GLY A 252 -9.01 23.22 20.64
N ASP A 253 -7.75 23.31 21.10
CA ASP A 253 -7.32 24.32 22.08
C ASP A 253 -7.84 24.00 23.50
N MET A 254 -8.05 22.73 23.78
CA MET A 254 -8.58 22.32 25.07
C MET A 254 -7.63 22.61 26.23
N GLY A 255 -6.36 22.33 26.08
CA GLY A 255 -5.42 22.52 27.16
C GLY A 255 -5.66 21.55 28.31
N LYS A 256 -5.21 21.96 29.47
CA LYS A 256 -5.26 21.14 30.67
C LYS A 256 -5.59 22.01 31.86
N ALA A 257 -5.99 21.36 32.96
CA ALA A 257 -6.19 22.07 34.24
C ALA A 257 -6.16 21.02 35.33
N GLU A 258 -5.92 21.49 36.54
CA GLU A 258 -5.84 20.61 37.71
C GLU A 258 -7.20 20.35 38.34
N ALA A 259 -7.60 19.09 38.35
CA ALA A 259 -8.90 18.73 38.96
C ALA A 259 -8.95 19.07 40.46
N ASP A 260 -7.80 19.06 41.10
CA ASP A 260 -7.68 19.40 42.54
C ASP A 260 -7.72 20.90 42.80
N GLY A 261 -7.84 21.69 41.73
CA GLY A 261 -7.93 23.14 41.83
C GLY A 261 -6.61 23.88 41.91
N SER A 262 -5.49 23.17 41.85
CA SER A 262 -4.18 23.76 41.93
C SER A 262 -3.87 24.66 40.72
N ASN A 263 -2.96 25.59 40.98
CA ASN A 263 -2.38 26.47 39.96
C ASN A 263 -1.19 25.76 39.35
N GLU A 264 -0.74 26.25 38.18
CA GLU A 264 0.38 25.69 37.48
C GLU A 264 0.79 26.66 36.39
N TYR A 265 1.90 26.43 35.72
CA TYR A 265 2.27 27.33 34.60
C TYR A 265 1.21 27.26 33.51
N ASN A 266 1.01 28.36 32.78
CA ASN A 266 0.12 28.37 31.66
C ASN A 266 -1.25 27.80 32.01
N ASN A 267 -1.80 28.30 33.13
CA ASN A 267 -3.06 27.82 33.65
C ASN A 267 -4.22 28.68 33.18
N PHE A 268 -4.42 28.72 31.84
CA PHE A 268 -5.40 29.60 31.25
CA PHE A 268 -5.36 29.60 31.22
C PHE A 268 -6.33 28.84 30.33
N GLN A 269 -6.71 27.65 30.75
CA GLN A 269 -7.69 26.87 30.03
C GLN A 269 -8.87 26.45 30.96
N PRO A 270 -9.73 27.44 31.30
CA PRO A 270 -10.76 27.22 32.29
C PRO A 270 -11.89 26.33 31.80
N GLY A 271 -11.98 26.09 30.48
CA GLY A 271 -12.98 25.17 29.96
C GLY A 271 -12.50 23.73 29.79
N SER A 272 -11.22 23.48 30.01
CA SER A 272 -10.63 22.18 29.70
C SER A 272 -11.28 21.02 30.42
N LEU A 273 -11.50 21.17 31.72
CA LEU A 273 -12.09 20.06 32.47
C LEU A 273 -13.51 19.78 32.06
N ASN A 274 -14.29 20.81 31.73
CA ASN A 274 -15.63 20.62 31.27
C ASN A 274 -15.65 19.88 29.94
N THR A 275 -14.79 20.27 28.98
CA THR A 275 -14.77 19.58 27.70
C THR A 275 -14.41 18.12 27.85
N THR A 276 -13.38 17.88 28.66
CA THR A 276 -12.97 16.52 28.97
C THR A 276 -14.12 15.71 29.57
N LYS A 277 -14.80 16.31 30.52
CA LYS A 277 -15.91 15.66 31.20
C LYS A 277 -17.04 15.31 30.26
N GLN A 278 -17.38 16.21 29.36
CA GLN A 278 -18.51 15.96 28.47
C GLN A 278 -18.18 14.83 27.51
N ILE A 279 -16.93 14.79 27.02
CA ILE A 279 -16.52 13.74 26.12
C ILE A 279 -16.57 12.41 26.83
N ILE A 280 -16.05 12.37 28.06
CA ILE A 280 -16.05 11.15 28.85
C ILE A 280 -17.50 10.68 29.12
N GLN A 281 -18.37 11.61 29.46
CA GLN A 281 -19.78 11.23 29.76
C GLN A 281 -20.51 10.69 28.54
N ASP A 282 -20.15 11.16 27.34
CA ASP A 282 -20.76 10.73 26.10
C ASP A 282 -19.98 9.66 25.35
N LEU A 283 -18.97 9.08 25.99
CA LEU A 283 -17.98 8.30 25.28
C LEU A 283 -18.54 7.09 24.59
N GLU A 284 -19.62 6.50 25.13
CA GLU A 284 -20.18 5.31 24.51
CA GLU A 284 -20.17 5.31 24.50
C GLU A 284 -20.77 5.63 23.14
N ASP A 285 -20.99 6.91 22.86
CA ASP A 285 -21.52 7.34 21.56
C ASP A 285 -20.55 8.31 20.84
N ILE A 286 -19.27 8.13 21.12
CA ILE A 286 -18.18 8.85 20.43
C ILE A 286 -17.20 7.81 19.95
N ASP A 287 -16.93 7.78 18.65
CA ASP A 287 -16.12 6.75 18.08
C ASP A 287 -14.65 7.13 17.87
N ILE A 288 -14.41 8.43 17.71
CA ILE A 288 -13.07 8.93 17.39
C ILE A 288 -13.08 10.42 17.74
N VAL A 289 -11.92 10.94 18.15
CA VAL A 289 -11.74 12.32 18.56
C VAL A 289 -10.58 12.88 17.75
N PHE A 290 -10.79 14.09 17.29
CA PHE A 290 -9.74 14.96 16.72
C PHE A 290 -9.57 16.21 17.54
N HIS A 291 -8.38 16.38 18.08
CA HIS A 291 -7.97 17.56 18.84
C HIS A 291 -7.03 18.37 17.93
N ILE A 292 -7.57 19.44 17.34
CA ILE A 292 -6.92 20.06 16.18
C ILE A 292 -5.93 21.18 16.58
N GLY A 293 -4.96 20.79 17.37
CA GLY A 293 -3.88 21.69 17.76
C GLY A 293 -4.15 22.45 19.06
N ASP A 294 -3.06 23.02 19.59
CA ASP A 294 -2.99 23.62 20.90
C ASP A 294 -3.53 22.58 21.91
N LEU A 295 -2.65 21.64 22.22
CA LEU A 295 -2.94 20.41 22.92
C LEU A 295 -2.98 20.66 24.42
N CYS A 296 -1.88 20.98 25.02
CA CYS A 296 -1.84 21.14 26.48
C CYS A 296 -1.36 22.49 26.96
N TYR A 297 -0.78 23.30 26.09
CA TYR A 297 -0.22 24.59 26.48
C TYR A 297 0.89 24.49 27.54
N ALA A 298 1.61 23.37 27.49
CA ALA A 298 2.78 23.26 28.34
C ALA A 298 3.73 24.41 28.02
N ASN A 299 3.87 24.68 26.71
CA ASN A 299 4.74 25.81 26.26
C ASN A 299 6.10 25.77 26.96
N GLY A 300 6.68 24.57 27.05
CA GLY A 300 7.97 24.40 27.60
C GLY A 300 8.07 24.06 29.07
N TYR A 301 6.97 24.12 29.82
CA TYR A 301 6.96 23.57 31.18
C TYR A 301 6.50 22.11 30.94
N ILE A 302 7.50 21.29 30.60
CA ILE A 302 7.36 19.95 30.02
C ILE A 302 6.59 18.98 30.89
N SER A 303 6.60 19.15 32.21
CA SER A 303 5.85 18.24 33.11
C SER A 303 4.41 18.10 32.71
N GLN A 304 3.88 19.11 32.02
CA GLN A 304 2.47 19.13 31.69
C GLN A 304 2.04 18.19 30.56
N TRP A 305 3.00 17.70 29.80
CA TRP A 305 2.66 16.70 28.77
C TRP A 305 2.14 15.44 29.43
N ASP A 306 2.82 14.94 30.46
CA ASP A 306 2.31 13.76 31.22
C ASP A 306 0.94 14.07 31.78
N GLN A 307 0.77 15.25 32.37
CA GLN A 307 -0.51 15.68 32.90
C GLN A 307 -1.61 15.58 31.87
N PHE A 308 -1.31 16.03 30.64
CA PHE A 308 -2.31 16.03 29.58
C PHE A 308 -2.63 14.60 29.18
N THR A 309 -1.61 13.75 29.04
CA THR A 309 -1.86 12.36 28.70
C THR A 309 -2.71 11.65 29.75
N ALA A 310 -2.51 12.00 31.02
CA ALA A 310 -3.36 11.46 32.09
C ALA A 310 -4.77 12.01 32.06
N GLN A 311 -4.95 13.30 31.78
CA GLN A 311 -6.28 13.87 31.70
C GLN A 311 -7.13 13.24 30.61
N ILE A 312 -6.54 13.00 29.44
CA ILE A 312 -7.29 12.45 28.36
C ILE A 312 -7.36 10.93 28.34
N GLU A 313 -6.65 10.26 29.25
CA GLU A 313 -6.56 8.76 29.27
CA GLU A 313 -6.56 8.81 29.20
C GLU A 313 -7.92 8.10 29.21
N PRO A 314 -8.91 8.59 29.99
CA PRO A 314 -10.22 7.88 29.96
C PRO A 314 -10.89 7.92 28.58
N ILE A 315 -10.51 8.90 27.74
CA ILE A 315 -10.93 8.96 26.36
C ILE A 315 -9.97 8.17 25.45
N ALA A 316 -8.73 8.60 25.42
CA ALA A 316 -7.72 8.12 24.46
C ALA A 316 -7.28 6.68 24.64
N SER A 317 -7.47 6.10 25.84
CA SER A 317 -7.15 4.68 26.03
C SER A 317 -8.23 3.77 25.44
N THR A 318 -9.39 4.33 25.06
CA THR A 318 -10.50 3.54 24.50
CA THR A 318 -10.49 3.53 24.48
C THR A 318 -10.88 3.85 23.04
N VAL A 319 -10.76 5.11 22.62
CA VAL A 319 -11.03 5.51 21.24
C VAL A 319 -9.79 6.25 20.70
N PRO A 320 -9.57 6.21 19.38
CA PRO A 320 -8.46 6.98 18.84
C PRO A 320 -8.60 8.47 19.12
N TYR A 321 -7.47 9.08 19.47
CA TYR A 321 -7.36 10.48 19.84
C TYR A 321 -6.31 11.06 18.90
N MET A 322 -6.83 11.61 17.82
CA MET A 322 -6.04 12.03 16.66
C MET A 322 -5.72 13.50 16.87
N THR A 323 -4.45 13.84 16.76
CA THR A 323 -3.99 15.19 17.03
C THR A 323 -3.55 15.90 15.74
N ALA A 324 -3.59 17.22 15.79
CA ALA A 324 -2.89 18.09 14.80
C ALA A 324 -2.01 19.01 15.61
N SER A 325 -1.06 19.65 14.93
CA SER A 325 -0.11 20.53 15.55
C SER A 325 -0.51 21.96 15.28
N GLY A 326 -0.49 22.74 16.35
CA GLY A 326 -0.72 24.16 16.30
C GLY A 326 0.48 25.00 16.77
N ASN A 327 0.24 26.28 16.95
CA ASN A 327 1.35 27.19 17.24
C ASN A 327 1.99 26.92 18.59
N HIS A 328 1.18 26.50 19.58
CA HIS A 328 1.75 26.20 20.89
C HIS A 328 2.52 24.91 20.94
N GLU A 329 2.34 24.04 19.93
CA GLU A 329 3.21 22.88 19.82
C GLU A 329 4.53 23.20 19.15
N ARG A 330 4.49 24.03 18.12
CA ARG A 330 5.59 24.03 17.14
C ARG A 330 6.36 25.35 16.99
N ASP A 331 5.70 26.49 17.12
CA ASP A 331 6.29 27.75 16.64
C ASP A 331 7.51 28.09 17.49
N TRP A 332 8.62 28.41 16.81
CA TRP A 332 9.79 28.99 17.46
C TRP A 332 10.62 29.65 16.38
N PRO A 333 11.11 30.88 16.63
CA PRO A 333 11.90 31.55 15.59
C PRO A 333 13.14 30.77 15.22
N GLY A 334 13.51 30.84 13.93
CA GLY A 334 14.73 30.22 13.41
C GLY A 334 14.77 28.72 13.43
N THR A 335 13.58 28.10 13.37
CA THR A 335 13.45 26.63 13.37
C THR A 335 12.74 26.06 12.16
N GLY A 336 12.53 26.87 11.14
CA GLY A 336 11.84 26.45 9.96
C GLY A 336 10.33 26.34 10.10
N SER A 337 9.77 26.79 11.23
CA SER A 337 8.30 26.95 11.32
C SER A 337 7.92 28.20 10.50
N PHE A 338 6.79 28.10 9.81
CA PHE A 338 6.29 29.21 8.92
C PHE A 338 5.98 30.46 9.72
N TYR A 339 5.44 30.24 10.92
CA TYR A 339 5.25 31.27 11.93
C TYR A 339 6.43 31.25 12.87
N GLY A 340 7.04 32.43 13.07
CA GLY A 340 8.20 32.55 13.97
C GLY A 340 7.89 32.96 15.41
N ASN A 341 6.64 32.79 15.82
CA ASN A 341 6.18 33.10 17.18
C ASN A 341 7.01 32.31 18.23
N LEU A 342 7.01 32.81 19.46
CA LEU A 342 7.66 32.10 20.58
CA LEU A 342 7.64 32.12 20.59
C LEU A 342 6.68 31.11 21.23
N ASP A 343 5.55 30.85 20.57
CA ASP A 343 4.42 30.21 21.24
C ASP A 343 4.68 28.79 21.79
N SER A 344 5.63 28.04 21.24
CA SER A 344 5.92 26.72 21.78
C SER A 344 6.77 26.71 23.04
N GLY A 345 7.25 27.89 23.44
CA GLY A 345 8.10 28.01 24.63
C GLY A 345 9.33 27.16 24.58
N GLY A 346 9.87 26.99 23.36
CA GLY A 346 11.08 26.29 23.12
C GLY A 346 10.97 24.84 22.73
N GLU A 347 9.73 24.32 22.74
CA GLU A 347 9.50 22.93 22.41
C GLU A 347 9.80 22.61 20.95
N CYS A 348 9.52 23.54 20.05
CA CYS A 348 9.73 23.38 18.58
C CYS A 348 9.24 22.02 18.06
N GLY A 349 8.08 21.60 18.57
CA GLY A 349 7.35 20.48 18.05
C GLY A 349 7.71 19.15 18.70
N VAL A 350 8.79 19.11 19.47
CA VAL A 350 9.41 17.81 19.83
C VAL A 350 8.47 16.98 20.76
N PRO A 351 7.96 17.60 21.84
CA PRO A 351 7.04 16.82 22.68
C PRO A 351 5.79 16.37 21.90
N ALA A 352 5.16 17.26 21.17
CA ALA A 352 3.94 16.90 20.45
C ALA A 352 4.16 15.72 19.49
N GLN A 353 5.30 15.73 18.78
CA GLN A 353 5.64 14.77 17.72
CA GLN A 353 5.53 14.70 17.73
C GLN A 353 6.18 13.45 18.31
N THR A 354 6.37 13.43 19.63
CA THR A 354 6.84 12.24 20.34
C THR A 354 5.81 11.64 21.30
N MET A 355 5.10 12.50 22.00
CA MET A 355 4.12 12.01 22.99
C MET A 355 2.92 11.38 22.29
N PHE A 356 2.59 11.84 21.09
CA PHE A 356 1.48 11.33 20.29
C PHE A 356 1.94 10.80 18.95
N PHE A 357 1.24 9.79 18.48
CA PHE A 357 1.45 9.19 17.17
C PHE A 357 0.36 9.60 16.23
N VAL A 358 0.73 10.02 15.04
CA VAL A 358 -0.21 10.10 13.94
C VAL A 358 0.42 9.43 12.73
N PRO A 359 -0.40 8.92 11.81
CA PRO A 359 0.12 8.14 10.65
C PRO A 359 0.65 9.03 9.52
N ALA A 360 1.46 10.00 9.89
CA ALA A 360 2.12 10.89 8.94
C ALA A 360 3.34 10.16 8.35
N GLU A 361 3.61 10.42 7.07
CA GLU A 361 4.85 10.00 6.40
CA GLU A 361 4.84 9.96 6.44
C GLU A 361 6.06 10.50 7.20
N ASN A 362 6.01 11.76 7.59
CA ASN A 362 7.06 12.37 8.34
C ASN A 362 6.44 13.01 9.56
N ARG A 363 6.68 12.45 10.75
CA ARG A 363 5.99 12.95 11.96
C ARG A 363 6.41 14.36 12.36
N GLU A 364 7.52 14.85 11.82
CA GLU A 364 7.93 16.25 12.01
C GLU A 364 7.00 17.18 11.24
N LYS A 365 6.56 16.72 10.09
CA LYS A 365 5.71 17.54 9.24
C LYS A 365 4.24 17.56 9.71
N PHE A 366 3.79 16.45 10.31
CA PHE A 366 2.51 16.41 11.06
C PHE A 366 1.25 16.69 10.20
N TRP A 367 1.34 16.50 8.88
CA TRP A 367 0.16 16.40 8.05
C TRP A 367 -0.09 14.93 7.69
N TYR A 368 -1.37 14.54 7.62
CA TYR A 368 -1.70 13.15 7.36
C TYR A 368 -3.16 13.00 6.97
N SER A 369 -3.45 11.82 6.43
CA SER A 369 -4.82 11.40 6.07
C SER A 369 -5.22 10.30 7.03
N THR A 370 -6.50 10.24 7.38
CA THR A 370 -7.05 9.11 8.09
C THR A 370 -8.54 8.92 7.74
N ASP A 371 -9.03 7.73 7.95
CA ASP A 371 -10.41 7.32 7.64
C ASP A 371 -11.16 6.90 8.90
N TYR A 372 -12.47 7.09 8.88
CA TYR A 372 -13.34 6.42 9.87
C TYR A 372 -14.63 6.09 9.17
N GLY A 373 -14.68 4.88 8.61
CA GLY A 373 -15.91 4.46 7.91
C GLY A 373 -16.25 5.32 6.71
N MET A 374 -17.35 6.06 6.78
CA MET A 374 -17.83 6.92 5.70
C MET A 374 -17.03 8.25 5.61
N PHE A 375 -16.21 8.52 6.61
CA PHE A 375 -15.42 9.75 6.72
C PHE A 375 -13.98 9.59 6.20
N ARG A 376 -13.52 10.59 5.47
CA ARG A 376 -12.08 10.79 5.21
C ARG A 376 -11.72 12.14 5.81
N PHE A 377 -10.63 12.14 6.56
CA PHE A 377 -10.09 13.35 7.18
C PHE A 377 -8.73 13.64 6.59
N CYS A 378 -8.54 14.91 6.25
CA CYS A 378 -7.26 15.43 5.80
CA CYS A 378 -7.22 15.39 5.82
C CYS A 378 -6.77 16.45 6.82
N ILE A 379 -5.65 16.16 7.50
CA ILE A 379 -5.17 17.01 8.58
C ILE A 379 -3.93 17.80 8.10
N ALA A 380 -4.03 19.10 8.12
CA ALA A 380 -2.96 20.01 7.80
C ALA A 380 -2.20 20.47 9.04
N HIS A 381 -1.00 21.00 8.79
CA HIS A 381 -0.13 21.55 9.81
C HIS A 381 0.09 23.02 9.48
N THR A 382 -0.60 23.89 10.20
CA THR A 382 -0.63 25.32 9.91
C THR A 382 0.63 26.08 10.38
N GLU A 383 1.58 25.35 10.94
CA GLU A 383 2.84 25.92 11.39
C GLU A 383 3.96 25.66 10.35
N LEU A 384 3.58 25.07 9.21
CA LEU A 384 4.38 24.93 8.02
C LEU A 384 3.60 25.45 6.81
N ASP A 385 4.33 25.91 5.79
CA ASP A 385 3.70 26.57 4.66
C ASP A 385 2.71 25.60 3.98
N TRP A 386 1.55 26.11 3.57
CA TRP A 386 0.49 25.33 2.98
C TRP A 386 0.16 25.77 1.57
N ARG A 387 0.90 26.73 1.06
CA ARG A 387 0.53 27.40 -0.18
C ARG A 387 0.84 26.54 -1.43
N LYS A 388 0.25 26.89 -2.55
CA LYS A 388 0.51 26.16 -3.78
C LYS A 388 2.02 26.11 -4.07
N GLY A 389 2.47 24.93 -4.46
CA GLY A 389 3.89 24.69 -4.72
C GLY A 389 4.65 24.06 -3.58
N THR A 390 4.06 24.04 -2.37
CA THR A 390 4.70 23.47 -1.23
C THR A 390 4.45 21.97 -1.16
N GLU A 391 5.33 21.31 -0.43
CA GLU A 391 5.20 19.92 -0.15
C GLU A 391 3.81 19.64 0.52
N GLN A 392 3.42 20.54 1.41
CA GLN A 392 2.13 20.35 2.12
C GLN A 392 0.93 20.42 1.21
N TYR A 393 0.91 21.40 0.31
CA TYR A 393 -0.18 21.55 -0.61
C TYR A 393 -0.30 20.29 -1.46
N GLU A 394 0.84 19.76 -1.91
CA GLU A 394 0.84 18.55 -2.73
CA GLU A 394 0.87 18.55 -2.73
C GLU A 394 0.20 17.40 -1.98
N PHE A 395 0.56 17.26 -0.70
CA PHE A 395 -0.03 16.21 0.14
C PHE A 395 -1.55 16.42 0.24
N ILE A 396 -1.98 17.66 0.48
CA ILE A 396 -3.42 17.95 0.69
C ILE A 396 -4.20 17.57 -0.58
N GLU A 397 -3.69 17.94 -1.74
CA GLU A 397 -4.33 17.57 -2.99
C GLU A 397 -4.46 16.06 -3.16
N LYS A 398 -3.40 15.31 -2.87
CA LYS A 398 -3.44 13.87 -3.00
CA LYS A 398 -3.42 13.87 -2.98
C LYS A 398 -4.43 13.27 -2.03
N CYS A 399 -4.47 13.81 -0.82
CA CYS A 399 -5.43 13.31 0.22
C CYS A 399 -6.87 13.51 -0.26
N LEU A 400 -7.17 14.69 -0.75
CA LEU A 400 -8.53 15.00 -1.20
C LEU A 400 -8.88 14.19 -2.42
N ALA A 401 -7.91 13.88 -3.28
CA ALA A 401 -8.19 13.22 -4.56
C ALA A 401 -8.35 11.71 -4.44
N SER A 402 -7.79 11.10 -3.41
CA SER A 402 -7.67 9.67 -3.33
C SER A 402 -8.89 9.02 -2.70
N VAL A 403 -9.84 9.80 -2.22
CA VAL A 403 -11.03 9.23 -1.61
C VAL A 403 -12.13 8.86 -2.64
N ASP A 404 -12.70 7.67 -2.46
CA ASP A 404 -13.88 7.18 -3.25
C ASP A 404 -15.11 7.72 -2.55
N ARG A 405 -15.76 8.72 -3.12
CA ARG A 405 -16.80 9.49 -2.44
C ARG A 405 -18.15 8.76 -2.44
N GLN A 406 -18.24 7.68 -3.18
CA GLN A 406 -19.43 6.83 -3.08
C GLN A 406 -19.38 6.04 -1.77
N LYS A 407 -18.24 5.47 -1.48
CA LYS A 407 -18.03 4.67 -0.27
CA LYS A 407 -18.06 4.68 -0.26
C LYS A 407 -17.85 5.59 0.94
N GLN A 408 -17.12 6.68 0.75
CA GLN A 408 -16.77 7.60 1.84
C GLN A 408 -17.23 9.00 1.49
N PRO A 409 -18.51 9.25 1.67
CA PRO A 409 -19.01 10.54 1.22
C PRO A 409 -18.50 11.77 1.94
N TRP A 410 -18.18 11.65 3.23
CA TRP A 410 -18.01 12.81 4.08
C TRP A 410 -16.53 13.17 4.15
N LEU A 411 -16.19 14.22 3.44
CA LEU A 411 -14.80 14.70 3.30
C LEU A 411 -14.54 15.93 4.14
N ILE A 412 -13.67 15.76 5.15
CA ILE A 412 -13.48 16.75 6.21
C ILE A 412 -12.03 17.19 6.20
N PHE A 413 -11.84 18.49 6.17
CA PHE A 413 -10.50 19.10 6.24
C PHE A 413 -10.31 19.72 7.62
N LEU A 414 -9.16 19.45 8.24
CA LEU A 414 -8.88 19.90 9.61
C LEU A 414 -7.54 20.65 9.64
N ALA A 415 -7.50 21.76 10.37
CA ALA A 415 -6.27 22.57 10.49
C ALA A 415 -6.35 23.38 11.78
N HIS A 416 -5.20 23.68 12.38
CA HIS A 416 -5.23 24.48 13.60
C HIS A 416 -5.56 25.93 13.39
N ARG A 417 -4.64 26.72 12.81
CA ARG A 417 -4.95 28.09 12.50
C ARG A 417 -6.04 28.20 11.46
N VAL A 418 -6.75 29.33 11.47
CA VAL A 418 -7.91 29.47 10.64
C VAL A 418 -7.45 29.79 9.20
N LEU A 419 -7.53 28.78 8.36
CA LEU A 419 -7.29 28.94 6.92
C LEU A 419 -8.51 29.34 6.12
N GLY A 420 -9.72 29.30 6.71
CA GLY A 420 -10.94 29.60 6.00
C GLY A 420 -11.53 30.95 6.37
N TYR A 421 -12.40 30.98 7.39
CA TYR A 421 -13.10 32.20 7.75
C TYR A 421 -13.31 32.29 9.26
N SER A 422 -13.01 33.45 9.82
CA SER A 422 -13.25 33.76 11.22
C SER A 422 -13.45 35.25 11.41
N SER A 423 -14.42 35.61 12.27
CA SER A 423 -14.59 36.97 12.64
C SER A 423 -13.91 37.36 13.93
N ALA A 424 -12.89 36.62 14.32
CA ALA A 424 -12.10 36.95 15.50
C ALA A 424 -11.55 38.35 15.46
N GLY A 425 -11.66 39.05 16.59
CA GLY A 425 -11.13 40.38 16.67
C GLY A 425 -9.69 40.52 16.24
N PHE A 426 -8.82 39.60 16.66
CA PHE A 426 -7.42 39.70 16.32
C PHE A 426 -7.15 39.60 14.82
N TYR A 427 -7.96 38.87 14.06
CA TYR A 427 -7.77 38.77 12.59
C TYR A 427 -8.24 40.06 11.99
N VAL A 428 -9.40 40.51 12.42
CA VAL A 428 -10.01 41.71 11.77
C VAL A 428 -9.16 42.97 11.99
N GLN A 429 -8.50 43.08 13.15
CA GLN A 429 -7.63 44.18 13.46
C GLN A 429 -6.42 44.27 12.53
N GLU A 430 -5.97 43.14 11.98
CA GLU A 430 -4.94 43.13 10.96
C GLU A 430 -5.49 43.10 9.54
N GLY A 431 -6.76 43.43 9.40
CA GLY A 431 -7.38 43.47 8.11
C GLY A 431 -7.60 42.14 7.43
N SER A 432 -8.13 41.16 8.17
CA SER A 432 -8.26 39.80 7.68
C SER A 432 -9.39 39.10 8.44
N PHE A 433 -9.98 38.09 7.82
CA PHE A 433 -10.96 37.21 8.49
C PHE A 433 -10.46 35.76 8.32
N GLU A 434 -9.16 35.61 8.49
CA GLU A 434 -8.37 34.36 8.30
C GLU A 434 -6.93 34.70 8.63
N GLU A 435 -6.10 33.66 8.77
CA GLU A 435 -4.69 33.91 8.62
C GLU A 435 -4.42 34.54 7.28
N PRO A 436 -3.51 35.52 7.22
CA PRO A 436 -3.07 35.98 5.89
C PRO A 436 -2.66 34.83 4.99
N MET A 437 -3.19 34.83 3.78
CA MET A 437 -2.93 33.76 2.79
C MET A 437 -3.59 32.42 3.12
N GLY A 438 -4.48 32.40 4.10
CA GLY A 438 -5.11 31.16 4.55
C GLY A 438 -5.82 30.38 3.46
N ARG A 439 -6.75 31.03 2.76
CA ARG A 439 -7.69 30.31 1.93
C ARG A 439 -7.44 30.39 0.46
N GLU A 440 -6.61 31.32 0.01
CA GLU A 440 -6.70 31.64 -1.40
C GLU A 440 -6.19 30.50 -2.32
N ASP A 441 -5.08 29.85 -1.96
CA ASP A 441 -4.59 28.69 -2.73
C ASP A 441 -5.45 27.47 -2.42
N LEU A 442 -5.66 27.21 -1.12
CA LEU A 442 -6.38 26.00 -0.70
C LEU A 442 -7.80 25.89 -1.16
N GLN A 443 -8.52 27.01 -1.32
CA GLN A 443 -9.89 26.96 -1.74
C GLN A 443 -10.03 26.36 -3.13
N HIS A 444 -8.97 26.44 -3.95
CA HIS A 444 -8.97 25.71 -5.24
C HIS A 444 -9.19 24.22 -5.01
N LEU A 445 -8.49 23.65 -4.01
CA LEU A 445 -8.61 22.28 -3.65
C LEU A 445 -9.90 21.93 -2.92
N TRP A 446 -10.30 22.74 -1.95
CA TRP A 446 -11.54 22.45 -1.22
C TRP A 446 -12.70 22.38 -2.19
N GLN A 447 -12.69 23.26 -3.19
CA GLN A 447 -13.75 23.34 -4.17
C GLN A 447 -13.69 22.25 -5.21
N LYS A 448 -12.52 22.03 -5.79
CA LYS A 448 -12.35 21.00 -6.82
C LYS A 448 -12.75 19.61 -6.31
N TYR A 449 -12.34 19.28 -5.07
CA TYR A 449 -12.54 17.98 -4.48
C TYR A 449 -13.76 17.93 -3.56
N LYS A 450 -14.52 19.02 -3.53
CA LYS A 450 -15.78 19.11 -2.72
C LYS A 450 -15.59 18.69 -1.27
N VAL A 451 -14.70 19.39 -0.60
CA VAL A 451 -14.63 19.24 0.85
C VAL A 451 -15.98 19.68 1.44
N ASP A 452 -16.58 18.84 2.27
CA ASP A 452 -17.90 19.18 2.84
C ASP A 452 -17.80 20.22 3.96
N ILE A 453 -16.90 19.95 4.91
CA ILE A 453 -16.70 20.81 6.08
C ILE A 453 -15.21 20.94 6.35
N ALA A 454 -14.75 22.16 6.57
CA ALA A 454 -13.41 22.44 7.01
C ALA A 454 -13.52 22.99 8.40
N MET A 455 -12.68 22.50 9.32
CA MET A 455 -12.76 22.93 10.73
C MET A 455 -11.38 23.38 11.24
N TYR A 456 -11.39 24.42 12.04
CA TYR A 456 -10.22 25.05 12.59
C TYR A 456 -10.34 25.19 14.09
N GLY A 457 -9.18 25.30 14.72
CA GLY A 457 -9.09 25.69 16.11
C GLY A 457 -8.54 27.13 16.18
N HIS A 458 -7.68 27.36 17.17
CA HIS A 458 -6.83 28.56 17.32
C HIS A 458 -7.57 29.79 17.84
N VAL A 459 -8.70 30.12 17.22
CA VAL A 459 -9.60 31.15 17.72
C VAL A 459 -10.48 30.51 18.78
N HIS A 460 -10.41 31.05 20.00
CA HIS A 460 -11.11 30.37 21.13
C HIS A 460 -12.58 30.77 21.22
N ASN A 461 -13.34 30.30 20.26
CA ASN A 461 -14.79 30.48 20.17
C ASN A 461 -15.34 29.53 19.12
N TYR A 462 -16.64 29.57 18.84
CA TYR A 462 -17.24 28.77 17.81
C TYR A 462 -17.86 29.69 16.80
N GLU A 463 -17.73 29.32 15.53
CA GLU A 463 -18.35 30.10 14.44
C GLU A 463 -18.59 29.20 13.26
N ARG A 464 -19.72 29.39 12.59
CA ARG A 464 -20.08 28.58 11.46
C ARG A 464 -20.45 29.47 10.29
N THR A 465 -19.87 29.17 9.12
CA THR A 465 -20.24 29.86 7.90
C THR A 465 -21.28 29.12 7.09
N CYS A 466 -21.93 29.86 6.16
CA CYS A 466 -22.66 29.23 5.06
C CYS A 466 -21.73 28.39 4.18
N PRO A 467 -22.27 27.48 3.39
CA PRO A 467 -21.46 26.90 2.29
C PRO A 467 -20.94 28.08 1.49
N ILE A 468 -19.64 28.11 1.22
CA ILE A 468 -18.99 29.35 0.76
C ILE A 468 -17.83 29.00 -0.19
N TYR A 469 -17.55 29.93 -1.07
CA TYR A 469 -16.38 29.93 -1.96
C TYR A 469 -16.06 31.37 -2.30
N GLN A 470 -14.79 31.79 -2.21
CA GLN A 470 -14.38 33.12 -2.60
C GLN A 470 -15.20 34.20 -1.89
N ASN A 471 -15.46 33.97 -0.58
CA ASN A 471 -16.11 34.95 0.27
C ASN A 471 -17.59 35.13 0.01
N VAL A 472 -18.19 34.28 -0.82
CA VAL A 472 -19.57 34.37 -1.20
C VAL A 472 -20.32 33.09 -0.86
N CYS A 473 -21.49 33.25 -0.20
CA CYS A 473 -22.34 32.11 0.08
C CYS A 473 -22.88 31.50 -1.17
N THR A 474 -22.75 30.19 -1.28
CA THR A 474 -23.19 29.42 -2.43
C THR A 474 -24.55 28.70 -2.19
N ASN A 475 -25.07 28.83 -0.97
CA ASN A 475 -26.34 28.18 -0.56
C ASN A 475 -26.86 29.04 0.57
N LYS A 476 -28.13 29.40 0.52
CA LYS A 476 -28.69 30.35 1.48
C LYS A 476 -29.36 29.70 2.73
N GLU A 477 -29.42 28.38 2.80
CA GLU A 477 -30.02 27.71 3.96
C GLU A 477 -29.18 27.88 5.20
N LYS A 478 -29.86 27.93 6.35
CA LYS A 478 -29.15 28.03 7.62
C LYS A 478 -28.93 26.73 8.30
N HIS A 479 -29.71 25.70 7.99
CA HIS A 479 -29.65 24.41 8.70
C HIS A 479 -29.85 23.16 7.88
N ASN A 480 -30.77 23.18 6.92
CA ASN A 480 -31.09 21.93 6.24
CA ASN A 480 -31.23 22.00 6.20
C ASN A 480 -30.61 22.00 4.81
N TYR A 481 -29.40 21.46 4.65
CA TYR A 481 -28.70 21.48 3.36
C TYR A 481 -29.05 20.24 2.58
N LYS A 482 -29.46 20.48 1.33
CA LYS A 482 -29.86 19.41 0.46
C LYS A 482 -29.14 19.49 -0.87
N GLY A 483 -28.71 18.34 -1.35
CA GLY A 483 -28.15 18.18 -2.68
C GLY A 483 -26.76 18.83 -2.73
N ASN A 484 -26.47 19.36 -3.91
CA ASN A 484 -25.18 19.99 -4.23
C ASN A 484 -25.10 21.37 -3.64
N LEU A 485 -24.23 21.54 -2.66
CA LEU A 485 -24.20 22.79 -1.93
C LEU A 485 -23.33 23.86 -2.57
N ASN A 486 -22.51 23.45 -3.51
CA ASN A 486 -21.66 24.37 -4.30
C ASN A 486 -20.58 25.14 -3.56
N GLY A 487 -20.31 24.75 -2.30
CA GLY A 487 -19.26 25.35 -1.51
C GLY A 487 -19.03 24.54 -0.24
N THR A 488 -17.92 24.79 0.40
CA THR A 488 -17.53 24.12 1.65
C THR A 488 -18.07 24.96 2.81
N ILE A 489 -18.50 24.28 3.87
CA ILE A 489 -18.87 24.93 5.13
C ILE A 489 -17.62 24.97 5.99
N HIS A 490 -17.36 26.14 6.54
CA HIS A 490 -16.23 26.38 7.40
C HIS A 490 -16.71 26.59 8.81
N VAL A 491 -16.00 25.93 9.72
CA VAL A 491 -16.34 26.01 11.14
C VAL A 491 -15.12 26.26 12.01
N VAL A 492 -15.20 27.27 12.86
CA VAL A 492 -14.18 27.49 13.89
C VAL A 492 -14.67 26.80 15.16
N VAL A 493 -13.84 25.91 15.69
CA VAL A 493 -14.18 25.14 16.90
C VAL A 493 -12.99 25.11 17.86
N GLY A 494 -12.46 26.29 18.12
CA GLY A 494 -11.33 26.49 18.99
C GLY A 494 -11.71 26.77 20.43
N GLY A 495 -12.98 26.51 20.76
CA GLY A 495 -13.47 26.73 22.12
C GLY A 495 -13.31 25.57 23.07
N GLY A 496 -12.26 24.76 22.90
CA GLY A 496 -12.16 23.55 23.68
C GLY A 496 -11.79 23.76 25.13
N GLY A 497 -11.22 24.91 25.46
CA GLY A 497 -10.84 25.17 26.86
C GLY A 497 -10.07 26.39 27.17
N ALA A 498 -9.14 26.77 26.29
CA ALA A 498 -8.35 27.97 26.45
C ALA A 498 -9.17 29.28 26.43
N SER A 499 -8.70 30.25 27.20
CA SER A 499 -9.34 31.58 27.37
C SER A 499 -10.05 32.08 26.13
N LEU A 500 -11.31 32.45 26.27
CA LEU A 500 -12.16 32.82 25.15
C LEU A 500 -11.66 34.04 24.39
N ALA A 501 -11.87 34.02 23.08
CA ALA A 501 -11.47 35.12 22.19
C ALA A 501 -12.69 35.90 21.73
N GLU A 502 -12.57 37.23 21.74
CA GLU A 502 -13.67 38.08 21.35
CA GLU A 502 -13.64 38.12 21.33
C GLU A 502 -13.79 38.16 19.82
N PHE A 503 -15.03 38.30 19.38
CA PHE A 503 -15.38 38.58 17.99
C PHE A 503 -15.22 40.04 17.70
N ALA A 504 -14.85 40.38 16.45
CA ALA A 504 -14.94 41.73 15.98
C ALA A 504 -16.37 42.19 15.95
N PRO A 505 -16.58 43.50 16.04
CA PRO A 505 -17.93 44.06 15.94
C PRO A 505 -18.42 44.15 14.49
N ILE A 506 -18.30 43.07 13.74
CA ILE A 506 -18.76 42.99 12.34
C ILE A 506 -19.55 41.72 12.22
N ASN A 507 -20.73 41.78 11.63
CA ASN A 507 -21.49 40.60 11.29
C ASN A 507 -21.47 40.46 9.79
N THR A 508 -20.65 39.53 9.33
CA THR A 508 -20.46 39.41 7.87
C THR A 508 -21.60 38.71 7.21
N THR A 509 -21.63 38.79 5.88
CA THR A 509 -22.64 38.14 5.08
C THR A 509 -22.68 36.62 5.26
N TRP A 510 -21.54 36.01 5.64
CA TRP A 510 -21.43 34.54 5.69
C TRP A 510 -21.40 33.90 7.07
N SER A 511 -21.45 34.68 8.15
CA SER A 511 -21.31 34.15 9.51
C SER A 511 -22.74 33.84 10.03
N ILE A 512 -23.08 32.59 10.05
CA ILE A 512 -24.44 32.12 10.40
C ILE A 512 -24.63 32.12 11.91
N PHE A 513 -23.63 31.62 12.65
CA PHE A 513 -23.74 31.46 14.10
C PHE A 513 -22.42 31.68 14.76
N LYS A 514 -22.46 32.36 15.90
CA LYS A 514 -21.31 32.61 16.73
C LYS A 514 -21.62 32.18 18.18
N ASP A 515 -20.69 31.54 18.88
CA ASP A 515 -20.77 31.38 20.36
C ASP A 515 -19.47 31.75 21.04
N HIS A 516 -19.54 32.73 21.93
CA HIS A 516 -18.45 33.12 22.77
C HIS A 516 -18.52 32.32 24.10
N ASP A 517 -18.09 31.08 24.04
CA ASP A 517 -18.21 30.13 25.17
C ASP A 517 -17.40 28.91 24.78
N PHE A 518 -17.26 27.97 25.70
CA PHE A 518 -16.53 26.72 25.47
C PHE A 518 -17.43 25.64 24.87
N GLY A 519 -16.95 24.92 23.86
CA GLY A 519 -17.72 23.85 23.28
C GLY A 519 -16.94 23.10 22.23
N PHE A 520 -17.62 22.17 21.62
CA PHE A 520 -17.00 21.25 20.65
C PHE A 520 -18.02 20.80 19.64
N VAL A 521 -17.54 20.18 18.56
CA VAL A 521 -18.42 19.67 17.52
C VAL A 521 -18.52 18.19 17.60
N LYS A 522 -19.73 17.66 17.36
CA LYS A 522 -19.91 16.24 17.15
C LYS A 522 -20.59 16.03 15.77
N LEU A 523 -19.95 15.24 14.94
CA LEU A 523 -20.51 14.82 13.68
C LEU A 523 -21.12 13.43 13.83
N THR A 524 -22.32 13.27 13.31
CA THR A 524 -22.93 11.95 13.25
C THR A 524 -23.31 11.67 11.79
N ALA A 525 -22.71 10.64 11.24
CA ALA A 525 -23.07 10.15 9.90
C ALA A 525 -24.09 9.05 10.13
N PHE A 526 -25.34 9.33 9.77
CA PHE A 526 -26.38 8.29 9.92
C PHE A 526 -26.33 7.24 8.84
N ASP A 527 -25.99 7.65 7.61
CA ASP A 527 -25.89 6.76 6.49
C ASP A 527 -25.14 7.53 5.38
N HIS A 528 -25.08 6.95 4.19
CA HIS A 528 -24.25 7.49 3.12
C HIS A 528 -24.82 8.75 2.50
N SER A 529 -26.05 9.11 2.85
CA SER A 529 -26.75 10.29 2.41
C SER A 529 -27.09 11.33 3.46
N ASN A 530 -26.81 11.07 4.73
CA ASN A 530 -27.23 11.97 5.78
C ASN A 530 -26.21 12.14 6.87
N LEU A 531 -25.72 13.37 6.97
CA LEU A 531 -24.78 13.80 8.01
C LEU A 531 -25.36 14.89 8.85
N LEU A 532 -25.03 14.84 10.15
CA LEU A 532 -25.43 15.83 11.09
C LEU A 532 -24.17 16.43 11.73
N LEU A 533 -24.11 17.74 11.77
CA LEU A 533 -23.15 18.45 12.63
C LEU A 533 -23.89 19.07 13.76
N GLU A 534 -23.35 18.90 14.96
CA GLU A 534 -23.82 19.59 16.13
C GLU A 534 -22.70 20.29 16.85
N TYR A 535 -23.01 21.49 17.31
CA TYR A 535 -22.15 22.22 18.25
C TYR A 535 -22.71 22.02 19.65
N ARG A 536 -21.90 21.48 20.53
CA ARG A 536 -22.31 21.24 21.94
C ARG A 536 -21.50 22.10 22.88
N LYS A 537 -22.15 22.73 23.87
CA LYS A 537 -21.44 23.48 24.89
C LYS A 537 -20.79 22.56 25.89
N SER A 538 -19.61 22.96 26.35
CA SER A 538 -18.87 22.15 27.30
C SER A 538 -19.52 22.21 28.71
N SER A 539 -20.30 23.25 28.97
CA SER A 539 -20.90 23.41 30.32
C SER A 539 -21.96 22.32 30.59
N ASP A 540 -22.66 21.89 29.56
CA ASP A 540 -23.78 20.94 29.72
C ASP A 540 -23.85 19.82 28.72
N GLY A 541 -23.02 19.85 27.67
CA GLY A 541 -23.06 18.82 26.68
C GLY A 541 -24.20 18.86 25.70
N GLN A 542 -25.00 19.90 25.78
CA GLN A 542 -26.19 19.98 24.95
C GLN A 542 -25.91 20.77 23.66
N VAL A 543 -26.81 20.59 22.72
CA VAL A 543 -26.67 21.15 21.37
C VAL A 543 -27.23 22.55 21.25
N TYR A 544 -26.39 23.48 20.76
CA TYR A 544 -26.77 24.87 20.59
C TYR A 544 -26.75 25.41 19.16
N ASP A 545 -26.14 24.63 18.26
CA ASP A 545 -26.19 24.91 16.84
C ASP A 545 -26.07 23.60 16.14
N SER A 546 -26.63 23.49 14.95
CA SER A 546 -26.53 22.27 14.18
C SER A 546 -26.96 22.50 12.74
N PHE A 547 -26.57 21.56 11.88
CA PHE A 547 -27.09 21.48 10.52
C PHE A 547 -27.02 20.06 10.04
N THR A 548 -27.77 19.80 8.98
CA THR A 548 -27.77 18.52 8.32
C THR A 548 -27.39 18.72 6.87
N ILE A 549 -26.72 17.73 6.36
CA ILE A 549 -26.52 17.56 4.89
C ILE A 549 -27.19 16.28 4.47
N SER A 550 -28.16 16.45 3.56
CA SER A 550 -28.84 15.32 2.98
C SER A 550 -28.59 15.38 1.46
N ARG A 551 -27.81 14.46 0.97
CA ARG A 551 -27.36 14.47 -0.43
C ARG A 551 -26.83 13.12 -0.82
N ASP A 552 -26.90 12.80 -2.11
CA ASP A 552 -26.52 11.52 -2.59
C ASP A 552 -25.24 11.61 -3.37
N TYR A 553 -24.72 10.44 -3.74
CA TYR A 553 -23.48 10.37 -4.53
C TYR A 553 -23.56 11.26 -5.77
N ARG A 554 -24.70 11.23 -6.46
CA ARG A 554 -24.83 12.00 -7.69
C ARG A 554 -24.68 13.50 -7.44
N ASP A 555 -24.97 13.93 -6.22
CA ASP A 555 -24.84 15.33 -5.88
C ASP A 555 -23.37 15.72 -5.69
N ILE A 556 -22.55 14.77 -5.23
CA ILE A 556 -21.12 14.99 -5.15
C ILE A 556 -20.53 15.05 -6.57
N LEU A 557 -21.04 14.18 -7.45
CA LEU A 557 -20.54 14.10 -8.81
C LEU A 557 -20.96 15.26 -9.69
N ALA A 558 -22.02 15.96 -9.35
CA ALA A 558 -22.49 17.07 -10.17
C ALA A 558 -21.47 18.20 -10.19
N CYS A 559 -21.41 18.92 -11.32
CA CYS A 559 -20.56 20.08 -11.40
C CYS A 559 -20.97 21.17 -10.45
N SER A 560 -19.97 21.85 -9.88
CA SER A 560 -20.14 23.13 -9.21
C SER A 560 -19.16 24.10 -9.81
N VAL A 561 -19.29 25.38 -9.50
CA VAL A 561 -18.30 26.37 -9.93
C VAL A 561 -16.90 25.91 -9.50
N ASP A 562 -15.94 25.88 -10.45
CA ASP A 562 -14.56 25.46 -10.19
C ASP A 562 -14.49 24.05 -9.65
N SER A 563 -15.45 23.21 -10.03
CA SER A 563 -15.47 21.83 -9.62
C SER A 563 -16.25 21.12 -10.72
N CYS A 564 -15.64 21.05 -11.91
CA CYS A 564 -16.31 20.44 -13.06
C CYS A 564 -15.28 19.75 -13.96
N PRO A 565 -15.19 18.42 -13.87
CA PRO A 565 -14.20 17.67 -14.64
C PRO A 565 -14.38 17.83 -16.15
N THR A 566 -13.29 17.56 -16.86
CA THR A 566 -13.28 17.64 -18.32
C THR A 566 -14.20 16.64 -18.94
N THR A 567 -14.62 16.95 -20.17
CA THR A 567 -15.44 16.02 -20.93
C THR A 567 -14.96 15.90 -22.36
N THR A 568 -15.41 14.85 -23.01
CA THR A 568 -15.28 14.74 -24.46
C THR A 568 -16.66 14.89 -25.08
N LEU A 569 -16.73 15.47 -26.29
CA LEU A 569 -17.96 15.50 -27.05
C LEU A 569 -18.32 14.17 -27.67
N ALA A 570 -17.36 13.25 -27.73
CA ALA A 570 -17.54 11.95 -28.40
C ALA A 570 -18.43 11.01 -27.58
N SER A 571 -18.96 9.98 -28.25
CA SER A 571 -19.83 8.94 -27.65
C SER A 571 -19.21 7.58 -27.81
N ASP B 1 54.02 -36.38 -26.86
CA ASP B 1 55.34 -36.51 -26.18
C ASP B 1 55.38 -35.82 -24.80
N GLU B 2 54.33 -35.08 -24.43
CA GLU B 2 54.22 -34.57 -23.05
C GLU B 2 53.82 -35.69 -22.07
N HIS B 3 53.07 -36.66 -22.58
CA HIS B 3 52.52 -37.73 -21.73
C HIS B 3 52.15 -37.22 -20.33
N ALA B 4 51.22 -36.30 -20.33
CA ALA B 4 50.97 -35.53 -19.14
C ALA B 4 49.86 -36.16 -18.35
N TYR B 5 49.75 -35.78 -17.09
CA TYR B 5 48.59 -36.17 -16.30
C TYR B 5 48.26 -35.07 -15.32
N ILE B 6 47.04 -35.11 -14.80
CA ILE B 6 46.63 -34.30 -13.67
C ILE B 6 45.50 -35.05 -12.94
N LYS B 7 45.56 -35.04 -11.62
CA LYS B 7 44.63 -35.81 -10.79
C LYS B 7 44.31 -35.00 -9.55
N ALA B 8 43.06 -35.09 -9.16
CA ALA B 8 42.55 -34.40 -7.98
C ALA B 8 42.11 -35.35 -6.86
N THR B 9 42.41 -34.93 -5.63
CA THR B 9 42.03 -35.65 -4.42
C THR B 9 41.56 -34.66 -3.36
N PRO B 10 40.50 -34.99 -2.60
CA PRO B 10 39.59 -36.09 -2.73
C PRO B 10 38.60 -35.81 -3.85
N ASN B 11 37.75 -36.78 -4.19
CA ASN B 11 36.81 -36.53 -5.28
C ASN B 11 35.38 -36.31 -4.84
N VAL B 12 35.15 -36.49 -3.54
CA VAL B 12 33.90 -36.12 -2.95
C VAL B 12 34.20 -35.08 -1.89
N LEU B 13 33.61 -33.90 -2.05
CA LEU B 13 33.87 -32.76 -1.17
C LEU B 13 32.64 -32.44 -0.33
N GLY B 14 32.87 -31.74 0.76
CA GLY B 14 31.77 -31.22 1.57
C GLY B 14 30.89 -32.23 2.25
N PHE B 15 31.51 -33.10 3.03
CA PHE B 15 30.74 -33.93 3.95
C PHE B 15 30.35 -33.06 5.14
N GLU B 16 29.37 -33.53 5.91
CA GLU B 16 28.94 -32.83 7.12
C GLU B 16 28.45 -31.43 6.75
N GLY B 17 27.85 -31.31 5.57
CA GLY B 17 27.28 -30.05 5.07
C GLY B 17 28.28 -28.93 4.76
N HIS B 18 29.58 -29.23 4.76
CA HIS B 18 30.58 -28.22 4.41
C HIS B 18 30.38 -27.75 2.96
N TYR B 19 30.60 -26.47 2.73
CA TYR B 19 30.44 -25.87 1.37
C TYR B 19 31.75 -25.23 0.86
N THR B 20 32.84 -25.49 1.60
CA THR B 20 34.19 -25.22 1.13
C THR B 20 35.06 -26.48 1.42
N GLU B 21 36.01 -26.77 0.55
CA GLU B 21 36.87 -27.95 0.72
C GLU B 21 38.19 -27.71 0.01
N TRP B 22 39.29 -28.13 0.63
CA TRP B 22 40.58 -28.13 -0.02
C TRP B 22 40.76 -29.38 -0.89
N VAL B 23 41.27 -29.15 -2.09
CA VAL B 23 41.57 -30.22 -3.05
CA VAL B 23 41.59 -30.25 -2.98
C VAL B 23 43.06 -30.13 -3.32
N THR B 24 43.71 -31.30 -3.49
CA THR B 24 45.07 -31.33 -3.88
C THR B 24 45.13 -31.86 -5.30
N LEU B 25 45.85 -31.15 -6.15
CA LEU B 25 46.05 -31.54 -7.52
C LEU B 25 47.48 -31.98 -7.64
N GLN B 26 47.73 -33.06 -8.39
CA GLN B 26 49.11 -33.36 -8.75
C GLN B 26 49.16 -33.63 -10.21
N TYR B 27 50.26 -33.23 -10.83
CA TYR B 27 50.33 -33.21 -12.25
C TYR B 27 51.78 -33.38 -12.71
N SER B 28 51.88 -33.67 -14.00
CA SER B 28 53.16 -33.94 -14.65
C SER B 28 53.10 -33.59 -16.12
N ASN B 29 54.21 -33.10 -16.63
CA ASN B 29 54.41 -32.88 -18.05
C ASN B 29 55.84 -33.35 -18.36
N ASN B 30 55.99 -34.20 -19.37
CA ASN B 30 57.36 -34.68 -19.75
C ASN B 30 58.19 -33.59 -20.43
N LYS B 31 57.51 -32.52 -20.94
CA LYS B 31 58.19 -31.37 -21.56
C LYS B 31 57.81 -30.03 -20.89
N PRO B 32 58.19 -29.84 -19.63
CA PRO B 32 57.65 -28.73 -18.86
C PRO B 32 58.13 -27.35 -19.34
N SER B 33 57.27 -26.35 -19.13
CA SER B 33 57.64 -24.96 -19.38
CA SER B 33 57.60 -24.95 -19.41
C SER B 33 57.13 -24.11 -18.23
N ILE B 34 57.82 -23.00 -17.97
CA ILE B 34 57.41 -22.07 -16.92
C ILE B 34 56.03 -21.49 -17.20
N ASP B 35 55.58 -21.55 -18.43
CA ASP B 35 54.25 -21.02 -18.73
C ASP B 35 53.15 -22.07 -18.73
N ASP B 36 53.42 -23.25 -18.14
CA ASP B 36 52.38 -24.24 -17.98
C ASP B 36 51.44 -23.80 -16.83
N TRP B 37 50.16 -24.16 -16.96
CA TRP B 37 49.15 -23.72 -16.00
C TRP B 37 48.02 -24.70 -15.91
N ILE B 38 47.31 -24.57 -14.80
CA ILE B 38 46.18 -25.42 -14.47
C ILE B 38 44.93 -24.55 -14.35
N GLY B 39 43.89 -25.01 -14.99
CA GLY B 39 42.56 -24.41 -14.92
C GLY B 39 41.59 -25.29 -14.17
N VAL B 40 40.73 -24.65 -13.38
CA VAL B 40 39.63 -25.31 -12.68
C VAL B 40 38.39 -25.01 -13.51
N PHE B 41 37.62 -26.04 -13.88
CA PHE B 41 36.43 -25.92 -14.68
C PHE B 41 35.22 -26.50 -13.99
N SER B 42 34.11 -25.75 -14.02
CA SER B 42 32.85 -26.20 -13.51
C SER B 42 31.78 -25.54 -14.35
N PRO B 43 30.99 -26.31 -15.07
CA PRO B 43 30.92 -27.77 -15.12
C PRO B 43 32.20 -28.45 -15.58
N ALA B 44 32.30 -29.73 -15.22
CA ALA B 44 33.50 -30.49 -15.49
C ALA B 44 33.69 -30.74 -16.97
N ASN B 45 32.59 -30.78 -17.72
CA ASN B 45 32.65 -30.95 -19.18
C ASN B 45 32.81 -29.62 -19.89
N PHE B 46 34.04 -29.18 -20.00
CA PHE B 46 34.36 -27.87 -20.58
C PHE B 46 34.85 -28.01 -22.02
N SER B 47 34.78 -26.90 -22.75
CA SER B 47 35.39 -26.82 -24.06
C SER B 47 36.68 -26.08 -23.94
N ALA B 48 37.73 -26.69 -24.46
CA ALA B 48 39.03 -26.09 -24.52
C ALA B 48 39.28 -25.46 -25.90
N SER B 49 38.25 -25.41 -26.75
CA SER B 49 38.34 -24.65 -28.01
C SER B 49 38.66 -23.17 -27.71
N THR B 50 39.31 -22.52 -28.67
CA THR B 50 39.65 -21.11 -28.56
C THR B 50 38.47 -20.30 -29.02
N CYS B 51 38.08 -19.30 -28.21
CA CYS B 51 37.03 -18.34 -28.61
C CYS B 51 37.72 -16.99 -28.56
N PRO B 52 38.14 -16.48 -29.73
CA PRO B 52 38.99 -15.29 -29.67
C PRO B 52 38.27 -14.09 -29.01
N GLY B 53 39.04 -13.19 -28.43
CA GLY B 53 38.53 -11.99 -27.79
C GLY B 53 37.74 -11.15 -28.79
N GLU B 54 36.68 -10.50 -28.31
CA GLU B 54 35.89 -9.64 -29.18
C GLU B 54 35.73 -8.22 -28.66
N ASN B 55 36.13 -7.97 -27.43
CA ASN B 55 36.14 -6.62 -26.89
C ASN B 55 37.13 -6.55 -25.77
N LYS B 56 37.27 -5.40 -25.14
CA LYS B 56 38.33 -5.22 -24.14
C LYS B 56 38.05 -5.96 -22.82
N MET B 57 36.82 -6.47 -22.69
CA MET B 57 36.39 -7.19 -21.48
C MET B 57 36.49 -8.72 -21.64
N THR B 58 36.73 -9.22 -22.86
CA THR B 58 36.99 -10.65 -23.11
C THR B 58 38.51 -10.84 -23.06
N ASN B 59 39.01 -11.56 -22.03
CA ASN B 59 40.43 -11.53 -21.72
C ASN B 59 41.05 -12.95 -21.73
N PRO B 60 42.38 -12.99 -21.83
CA PRO B 60 43.01 -14.32 -21.75
C PRO B 60 42.81 -14.94 -20.37
N PRO B 61 42.67 -16.27 -20.33
CA PRO B 61 42.77 -17.19 -21.47
C PRO B 61 41.53 -17.22 -22.30
N PHE B 62 41.72 -17.24 -23.62
CA PHE B 62 40.59 -17.18 -24.53
C PHE B 62 39.95 -18.51 -24.81
N LEU B 63 39.43 -19.19 -23.77
CA LEU B 63 38.76 -20.45 -23.94
C LEU B 63 37.26 -20.29 -24.07
N CYS B 64 36.63 -21.13 -24.86
CA CYS B 64 35.20 -21.11 -25.00
C CYS B 64 34.45 -21.34 -23.68
N SER B 65 35.02 -22.19 -22.83
CA SER B 65 34.53 -22.38 -21.46
C SER B 65 35.48 -21.65 -20.56
N ALA B 66 35.09 -20.49 -19.98
CA ALA B 66 35.98 -19.78 -19.07
C ALA B 66 36.18 -20.64 -17.80
N PRO B 67 37.45 -20.87 -17.41
CA PRO B 67 37.68 -21.52 -16.11
C PRO B 67 37.18 -20.65 -14.94
N ILE B 68 36.93 -21.34 -13.84
CA ILE B 68 36.57 -20.71 -12.55
C ILE B 68 37.73 -19.93 -12.03
N LYS B 69 38.92 -20.56 -12.07
CA LYS B 69 40.12 -19.96 -11.62
C LYS B 69 41.30 -20.79 -12.19
N PHE B 70 42.50 -20.29 -12.00
CA PHE B 70 43.68 -20.88 -12.66
C PHE B 70 44.93 -20.51 -11.98
N GLN B 71 45.98 -21.34 -12.14
CA GLN B 71 47.22 -21.08 -11.44
C GLN B 71 48.40 -21.68 -12.22
N TYR B 72 49.56 -21.03 -12.17
CA TYR B 72 50.74 -21.58 -12.85
C TYR B 72 51.22 -22.87 -12.13
N ALA B 73 51.67 -23.81 -12.95
CA ALA B 73 52.17 -25.12 -12.46
C ALA B 73 53.32 -24.99 -11.45
N ASN B 74 54.11 -23.91 -11.52
CA ASN B 74 55.26 -23.70 -10.66
C ASN B 74 54.98 -22.90 -9.40
N PHE B 75 53.69 -22.65 -9.11
CA PHE B 75 53.31 -21.72 -8.01
C PHE B 75 53.88 -22.07 -6.66
N SER B 76 53.65 -23.31 -6.23
CA SER B 76 54.16 -23.80 -4.97
C SER B 76 55.23 -24.90 -5.16
N SER B 77 55.26 -25.54 -6.33
CA SER B 77 56.30 -26.53 -6.65
C SER B 77 57.36 -25.82 -7.49
N HIS B 78 58.30 -25.18 -6.81
CA HIS B 78 59.20 -24.24 -7.49
C HIS B 78 60.22 -24.90 -8.42
N SER B 79 60.40 -26.22 -8.31
CA SER B 79 61.28 -26.92 -9.27
C SER B 79 60.57 -27.45 -10.49
N TYR B 80 59.27 -27.17 -10.62
CA TYR B 80 58.49 -27.63 -11.75
C TYR B 80 59.16 -27.50 -13.14
N LYS B 81 59.81 -26.37 -13.39
CA LYS B 81 60.34 -26.10 -14.72
C LYS B 81 61.44 -27.09 -15.06
N ASP B 82 62.08 -27.65 -14.03
CA ASP B 82 63.15 -28.67 -14.19
C ASP B 82 62.59 -30.09 -14.10
N THR B 83 61.72 -30.36 -13.13
CA THR B 83 61.19 -31.71 -12.91
C THR B 83 59.99 -32.11 -13.74
N GLY B 84 59.14 -31.14 -14.11
CA GLY B 84 57.89 -31.41 -14.73
C GLY B 84 56.89 -32.05 -13.79
N LYS B 85 57.13 -31.93 -12.51
CA LYS B 85 56.22 -32.47 -11.48
C LYS B 85 55.75 -31.32 -10.58
N GLY B 86 54.46 -31.28 -10.31
CA GLY B 86 54.01 -30.35 -9.29
C GLY B 86 52.72 -30.73 -8.67
N SER B 87 52.38 -29.93 -7.66
CA SER B 87 51.11 -30.03 -7.00
C SER B 87 50.59 -28.62 -6.59
N LEU B 88 49.28 -28.56 -6.39
CA LEU B 88 48.63 -27.31 -5.92
C LEU B 88 47.59 -27.70 -4.87
N LYS B 89 47.42 -26.87 -3.83
CA LYS B 89 46.27 -27.00 -2.96
C LYS B 89 45.35 -25.84 -3.32
N LEU B 90 44.11 -26.16 -3.64
CA LEU B 90 43.09 -25.17 -4.00
C LEU B 90 41.89 -25.30 -3.07
N GLN B 91 41.29 -24.17 -2.70
CA GLN B 91 40.10 -24.21 -1.87
C GLN B 91 38.89 -23.94 -2.73
N LEU B 92 38.01 -24.94 -2.88
CA LEU B 92 36.87 -24.86 -3.75
C LEU B 92 35.63 -24.51 -2.95
N ILE B 93 34.84 -23.60 -3.48
CA ILE B 93 33.52 -23.39 -2.95
C ILE B 93 32.49 -24.18 -3.71
N ASN B 94 31.43 -24.61 -3.04
CA ASN B 94 30.33 -25.24 -3.70
C ASN B 94 29.51 -24.19 -4.46
N GLN B 95 29.42 -24.38 -5.76
CA GLN B 95 28.51 -23.54 -6.59
C GLN B 95 27.83 -24.33 -7.65
N ARG B 96 27.35 -25.52 -7.25
CA ARG B 96 26.55 -26.38 -8.11
C ARG B 96 27.43 -27.07 -9.17
N SER B 97 26.80 -27.99 -9.86
CA SER B 97 27.51 -28.80 -10.92
C SER B 97 28.72 -29.56 -10.27
N ASP B 98 29.72 -29.85 -11.09
CA ASP B 98 30.94 -30.55 -10.68
C ASP B 98 32.15 -29.85 -11.25
N PHE B 99 33.34 -30.41 -11.02
CA PHE B 99 34.59 -29.78 -11.38
C PHE B 99 35.46 -30.78 -12.15
N SER B 100 36.27 -30.23 -13.05
CA SER B 100 37.41 -30.89 -13.73
CA SER B 100 37.46 -30.95 -13.52
C SER B 100 38.60 -29.98 -13.59
N PHE B 101 39.82 -30.51 -13.73
CA PHE B 101 41.02 -29.72 -13.67
C PHE B 101 41.80 -30.05 -14.93
N ALA B 102 42.50 -29.07 -15.50
CA ALA B 102 43.16 -29.29 -16.79
C ALA B 102 44.51 -28.64 -16.76
N LEU B 103 45.49 -29.30 -17.39
CA LEU B 103 46.79 -28.80 -17.49
C LEU B 103 47.05 -28.35 -18.91
N PHE B 104 47.67 -27.18 -19.01
CA PHE B 104 47.94 -26.53 -20.27
C PHE B 104 49.37 -26.11 -20.37
N THR B 105 49.85 -26.09 -21.62
CA THR B 105 51.12 -25.53 -22.00
CA THR B 105 51.13 -25.47 -21.89
C THR B 105 50.86 -24.25 -22.77
N GLY B 106 51.88 -23.41 -22.90
CA GLY B 106 51.80 -22.25 -23.80
C GLY B 106 51.35 -20.94 -23.18
N GLY B 107 51.11 -20.93 -21.88
CA GLY B 107 50.69 -19.73 -21.18
C GLY B 107 49.23 -19.42 -21.41
N LEU B 108 48.81 -18.30 -20.83
CA LEU B 108 47.41 -17.85 -20.90
C LEU B 108 47.02 -17.36 -22.27
N THR B 109 47.99 -16.88 -23.04
CA THR B 109 47.66 -16.37 -24.40
C THR B 109 47.62 -17.40 -25.52
N ASN B 110 48.45 -18.44 -25.45
CA ASN B 110 48.43 -19.50 -26.46
CA ASN B 110 48.35 -19.56 -26.44
C ASN B 110 48.34 -20.91 -25.82
N PRO B 111 47.28 -21.16 -25.02
CA PRO B 111 47.23 -22.41 -24.29
C PRO B 111 46.98 -23.60 -25.18
N LYS B 112 47.58 -24.74 -24.82
CA LYS B 112 47.31 -26.02 -25.46
C LYS B 112 46.99 -27.04 -24.36
N LEU B 113 45.88 -27.71 -24.48
CA LEU B 113 45.44 -28.64 -23.47
C LEU B 113 46.31 -29.91 -23.56
N ILE B 114 46.89 -30.33 -22.45
CA ILE B 114 47.70 -31.58 -22.46
C ILE B 114 47.22 -32.66 -21.52
N ALA B 115 46.40 -32.32 -20.51
CA ALA B 115 45.81 -33.34 -19.65
C ALA B 115 44.56 -32.83 -18.96
N VAL B 116 43.63 -33.74 -18.72
CA VAL B 116 42.42 -33.47 -17.93
C VAL B 116 42.32 -34.46 -16.78
N SER B 117 41.81 -33.99 -15.65
CA SER B 117 41.70 -34.77 -14.45
C SER B 117 40.41 -35.56 -14.38
N ASN B 118 40.34 -36.36 -13.33
CA ASN B 118 39.10 -36.96 -12.86
C ASN B 118 38.16 -35.85 -12.38
N LYS B 119 36.87 -36.19 -12.31
CA LYS B 119 35.84 -35.22 -11.85
C LYS B 119 35.74 -35.23 -10.33
N VAL B 120 35.47 -34.08 -9.72
CA VAL B 120 35.19 -34.01 -8.29
C VAL B 120 33.90 -33.22 -8.11
N SER B 121 33.21 -33.44 -7.00
CA SER B 121 31.91 -32.81 -6.77
C SER B 121 31.66 -32.73 -5.28
N PHE B 122 30.89 -31.74 -4.86
CA PHE B 122 30.32 -31.74 -3.53
C PHE B 122 29.26 -32.84 -3.43
N VAL B 123 29.08 -33.34 -2.21
CA VAL B 123 28.03 -34.36 -1.91
C VAL B 123 26.67 -33.91 -2.38
N ASN B 124 26.33 -32.65 -2.04
CA ASN B 124 25.13 -32.04 -2.55
C ASN B 124 25.47 -30.70 -3.28
N PRO B 125 25.70 -30.80 -4.59
CA PRO B 125 25.97 -29.61 -5.37
C PRO B 125 24.85 -28.56 -5.33
N ASN B 126 23.63 -29.00 -5.04
CA ASN B 126 22.44 -28.15 -5.04
C ASN B 126 22.09 -27.52 -3.70
N ALA B 127 22.88 -27.80 -2.68
CA ALA B 127 22.62 -27.34 -1.33
C ALA B 127 22.40 -25.80 -1.25
N PRO B 128 21.55 -25.39 -0.32
CA PRO B 128 21.35 -23.94 -0.11
C PRO B 128 22.56 -23.30 0.47
N VAL B 129 23.07 -22.27 -0.17
CA VAL B 129 24.32 -21.66 0.23
C VAL B 129 24.35 -20.11 0.19
N TYR B 130 25.24 -19.54 1.00
CA TYR B 130 25.65 -18.13 0.97
C TYR B 130 24.52 -17.16 1.18
N PRO B 131 23.73 -17.38 2.23
CA PRO B 131 22.72 -16.37 2.49
C PRO B 131 23.30 -14.97 2.70
N ARG B 132 22.51 -13.98 2.26
CA ARG B 132 22.82 -12.56 2.48
C ARG B 132 21.54 -11.85 2.93
N LEU B 133 21.69 -11.13 4.04
CA LEU B 133 20.62 -10.36 4.61
C LEU B 133 20.57 -8.97 3.98
N ALA B 134 19.36 -8.44 3.89
CA ALA B 134 19.16 -7.07 3.48
C ALA B 134 17.90 -6.53 4.15
N GLN B 135 17.96 -5.29 4.58
CA GLN B 135 16.76 -4.63 5.08
C GLN B 135 15.65 -4.63 4.03
N GLY B 136 14.43 -4.86 4.48
CA GLY B 136 13.27 -4.92 3.64
C GLY B 136 12.52 -3.61 3.53
N LYS B 137 11.24 -3.70 3.18
CA LYS B 137 10.43 -2.51 2.79
C LYS B 137 10.03 -1.67 3.98
N THR B 138 10.05 -2.27 5.18
CA THR B 138 9.73 -1.59 6.42
C THR B 138 10.79 -1.94 7.46
N TRP B 139 10.83 -1.14 8.53
CA TRP B 139 11.88 -1.24 9.55
C TRP B 139 11.88 -2.60 10.24
N ASP B 140 10.74 -3.25 10.26
CA ASP B 140 10.56 -4.52 11.02
C ASP B 140 10.45 -5.70 10.04
N GLU B 141 11.07 -5.57 8.86
CA GLU B 141 11.19 -6.64 7.89
C GLU B 141 12.63 -6.76 7.47
N ILE B 142 13.16 -7.97 7.45
CA ILE B 142 14.49 -8.24 6.93
C ILE B 142 14.36 -9.35 5.89
N THR B 143 15.22 -9.32 4.88
CA THR B 143 15.14 -10.29 3.80
C THR B 143 16.38 -11.17 3.88
N VAL B 144 16.17 -12.44 3.56
CA VAL B 144 17.23 -13.47 3.43
C VAL B 144 17.26 -13.94 2.00
N THR B 145 18.36 -13.72 1.30
CA THR B 145 18.49 -14.13 -0.08
C THR B 145 19.63 -15.18 -0.15
N TRP B 146 19.37 -16.28 -0.80
CA TRP B 146 20.37 -17.35 -0.94
C TRP B 146 20.33 -18.01 -2.26
N THR B 147 21.30 -18.88 -2.53
CA THR B 147 21.39 -19.53 -3.83
C THR B 147 21.29 -21.05 -3.62
N SER B 148 20.54 -21.69 -4.47
CA SER B 148 20.53 -23.17 -4.51
C SER B 148 20.54 -23.70 -5.93
N GLY B 149 20.59 -25.02 -6.03
CA GLY B 149 20.36 -25.69 -7.31
C GLY B 149 19.00 -26.26 -7.47
N TYR B 150 18.05 -25.87 -6.61
CA TYR B 150 16.70 -26.38 -6.67
C TYR B 150 15.71 -25.37 -7.22
N ASP B 151 15.18 -25.68 -8.40
CA ASP B 151 14.09 -24.88 -9.01
C ASP B 151 12.81 -25.19 -8.29
N ILE B 152 11.80 -24.38 -8.56
CA ILE B 152 10.53 -24.49 -7.84
C ILE B 152 9.79 -25.79 -8.15
N ASN B 153 10.09 -26.43 -9.28
CA ASN B 153 9.49 -27.73 -9.58
C ASN B 153 10.30 -28.87 -8.92
N ASP B 154 11.49 -28.58 -8.42
CA ASP B 154 12.36 -29.58 -7.75
C ASP B 154 12.07 -29.57 -6.27
N ALA B 155 11.84 -28.38 -5.71
CA ALA B 155 11.62 -28.25 -4.27
C ALA B 155 10.95 -26.95 -3.97
N GLU B 156 10.12 -26.93 -2.91
CA GLU B 156 9.55 -25.70 -2.40
C GLU B 156 10.56 -25.05 -1.42
N PRO B 157 11.05 -23.85 -1.75
CA PRO B 157 12.02 -23.19 -0.88
C PRO B 157 11.33 -22.44 0.25
N PHE B 158 12.02 -22.29 1.37
CA PHE B 158 11.47 -21.57 2.51
C PHE B 158 12.56 -21.24 3.49
N VAL B 159 12.25 -20.37 4.44
CA VAL B 159 13.13 -20.14 5.57
C VAL B 159 12.36 -20.50 6.86
N GLU B 160 13.04 -21.15 7.78
CA GLU B 160 12.49 -21.45 9.09
C GLU B 160 13.21 -20.57 10.06
N TRP B 161 12.48 -19.78 10.85
CA TRP B 161 13.11 -18.75 11.62
C TRP B 161 12.24 -18.36 12.83
N GLY B 162 12.89 -17.75 13.82
CA GLY B 162 12.21 -17.15 14.93
C GLY B 162 13.18 -16.67 15.94
N PRO B 163 12.64 -16.16 17.06
CA PRO B 163 13.49 -15.66 18.12
C PRO B 163 14.40 -16.76 18.65
N LYS B 164 15.64 -16.40 18.94
CA LYS B 164 16.66 -17.31 19.40
C LYS B 164 16.06 -18.13 20.54
N GLU B 165 16.18 -19.46 20.41
CA GLU B 165 15.62 -20.44 21.36
C GLU B 165 14.10 -20.34 21.63
N GLY B 166 13.37 -19.67 20.72
CA GLY B 166 11.93 -19.50 20.82
C GLY B 166 11.22 -20.30 19.75
N ASN B 167 9.98 -19.96 19.44
CA ASN B 167 9.21 -20.75 18.49
C ASN B 167 9.60 -20.39 17.05
N LEU B 168 9.68 -21.39 16.18
CA LEU B 168 10.13 -21.21 14.81
C LEU B 168 8.97 -21.38 13.90
N VAL B 169 8.96 -20.62 12.80
CA VAL B 169 7.94 -20.79 11.79
C VAL B 169 8.60 -20.81 10.41
N LYS B 170 7.89 -21.33 9.43
CA LYS B 170 8.32 -21.34 8.04
C LYS B 170 7.64 -20.19 7.28
N THR B 171 8.42 -19.56 6.40
CA THR B 171 7.91 -18.48 5.56
C THR B 171 8.42 -18.79 4.13
N PRO B 172 7.63 -18.43 3.12
CA PRO B 172 7.99 -18.78 1.74
C PRO B 172 9.16 -17.98 1.19
N ALA B 173 9.61 -18.36 0.00
CA ALA B 173 10.61 -17.56 -0.71
C ALA B 173 10.15 -17.36 -2.12
N GLY B 174 10.47 -16.19 -2.70
CA GLY B 174 10.31 -16.00 -4.13
C GLY B 174 11.58 -16.52 -4.77
N THR B 175 11.44 -17.13 -5.94
CA THR B 175 12.56 -17.72 -6.66
C THR B 175 12.73 -17.05 -8.01
N LEU B 176 13.94 -16.56 -8.23
CA LEU B 176 14.30 -15.87 -9.47
C LEU B 176 15.59 -16.46 -10.01
N THR B 177 15.77 -16.30 -11.32
CA THR B 177 17.03 -16.66 -11.91
C THR B 177 17.26 -15.81 -13.18
N PHE B 178 18.31 -16.13 -13.91
CA PHE B 178 18.54 -15.48 -15.21
C PHE B 178 19.26 -16.50 -16.10
N ASP B 179 19.20 -16.30 -17.39
CA ASP B 179 19.80 -17.23 -18.34
C ASP B 179 20.76 -16.54 -19.27
N ARG B 180 21.45 -17.30 -20.11
CA ARG B 180 22.53 -16.75 -20.92
C ARG B 180 22.00 -15.59 -21.78
N ASN B 181 20.82 -15.77 -22.31
CA ASN B 181 20.26 -14.77 -23.24
C ASN B 181 19.72 -13.51 -22.56
N THR B 182 19.68 -13.53 -21.23
CA THR B 182 19.39 -12.32 -20.40
C THR B 182 20.63 -11.42 -20.39
N MET B 183 21.81 -11.95 -20.65
CA MET B 183 23.03 -11.16 -20.65
C MET B 183 23.07 -10.34 -21.94
N CYS B 184 23.54 -9.12 -21.87
CA CYS B 184 23.45 -8.19 -23.02
C CYS B 184 24.62 -8.36 -23.96
N GLY B 185 25.77 -8.85 -23.49
CA GLY B 185 26.93 -8.92 -24.36
C GLY B 185 28.01 -9.81 -23.81
N ALA B 186 29.09 -9.89 -24.55
CA ALA B 186 30.27 -10.70 -24.18
C ALA B 186 31.17 -9.97 -23.22
N PRO B 187 31.81 -10.69 -22.27
CA PRO B 187 31.82 -12.15 -22.10
C PRO B 187 30.62 -12.76 -21.41
N ALA B 188 29.79 -11.95 -20.76
CA ALA B 188 28.67 -12.54 -20.01
C ALA B 188 27.78 -13.47 -20.80
N ARG B 189 27.47 -13.13 -22.07
CA ARG B 189 26.56 -13.88 -22.91
C ARG B 189 27.26 -15.03 -23.65
N THR B 190 28.58 -15.03 -23.60
CA THR B 190 29.41 -15.98 -24.36
C THR B 190 30.33 -16.76 -23.42
N VAL B 191 31.62 -16.50 -23.48
CA VAL B 191 32.65 -17.31 -22.78
C VAL B 191 32.53 -17.30 -21.26
N GLY B 192 31.97 -16.21 -20.71
CA GLY B 192 31.90 -16.07 -19.25
C GLY B 192 30.64 -16.65 -18.64
N TRP B 193 29.71 -17.14 -19.44
CA TRP B 193 28.42 -17.62 -18.96
C TRP B 193 28.63 -18.79 -17.98
N ARG B 194 27.90 -18.77 -16.88
CA ARG B 194 27.79 -19.94 -16.00
C ARG B 194 26.42 -19.86 -15.38
N ASP B 195 25.70 -20.98 -15.42
CA ASP B 195 24.35 -21.08 -14.85
C ASP B 195 24.39 -20.70 -13.38
N PRO B 196 23.56 -19.69 -12.99
CA PRO B 196 23.61 -19.21 -11.62
C PRO B 196 22.80 -20.00 -10.62
N GLY B 197 22.12 -21.06 -11.08
CA GLY B 197 21.20 -21.78 -10.20
C GLY B 197 19.93 -20.98 -9.98
N TYR B 198 19.47 -20.94 -8.73
CA TYR B 198 18.19 -20.33 -8.38
C TYR B 198 18.44 -19.46 -7.16
N ILE B 199 17.92 -18.22 -7.20
CA ILE B 199 18.12 -17.26 -6.13
CA ILE B 199 18.12 -17.28 -6.13
C ILE B 199 16.78 -17.07 -5.44
N HIS B 200 16.76 -17.35 -4.14
CA HIS B 200 15.55 -17.33 -3.36
C HIS B 200 15.62 -16.22 -2.34
N THR B 201 14.49 -15.51 -2.19
CA THR B 201 14.37 -14.46 -1.15
C THR B 201 13.15 -14.69 -0.25
N SER B 202 13.39 -14.71 1.07
CA SER B 202 12.35 -14.79 2.08
C SER B 202 12.27 -13.44 2.81
N PHE B 203 11.08 -13.13 3.26
CA PHE B 203 10.77 -11.85 3.93
C PHE B 203 10.33 -12.22 5.37
N LEU B 204 11.16 -11.81 6.29
CA LEU B 204 11.01 -12.13 7.71
C LEU B 204 10.39 -10.87 8.33
N LYS B 205 9.11 -10.96 8.61
CA LYS B 205 8.28 -9.79 8.95
C LYS B 205 7.90 -9.73 10.45
N GLU B 206 7.37 -8.60 10.85
CA GLU B 206 6.90 -8.42 12.23
C GLU B 206 8.01 -8.61 13.24
N LEU B 207 9.19 -8.11 12.94
CA LEU B 207 10.31 -8.24 13.83
C LEU B 207 10.13 -7.38 15.08
N TRP B 208 10.66 -7.86 16.18
CA TRP B 208 10.83 -7.03 17.41
C TRP B 208 12.18 -6.33 17.34
N PRO B 209 12.21 -5.00 17.47
CA PRO B 209 13.48 -4.30 17.37
C PRO B 209 14.49 -4.84 18.38
N ASN B 210 15.75 -4.97 17.96
CA ASN B 210 16.85 -5.34 18.85
C ASN B 210 16.85 -6.81 19.26
N ARG B 211 15.86 -7.57 18.83
CA ARG B 211 15.76 -8.97 19.27
C ARG B 211 16.67 -9.91 18.46
N GLU B 212 17.20 -10.92 19.14
CA GLU B 212 18.03 -11.95 18.51
C GLU B 212 17.17 -13.02 17.89
N TYR B 213 17.48 -13.35 16.65
CA TYR B 213 16.78 -14.30 15.84
C TYR B 213 17.73 -15.35 15.26
N THR B 214 17.16 -16.49 14.89
CA THR B 214 17.88 -17.53 14.15
C THR B 214 17.10 -17.89 12.91
N TYR B 215 17.77 -18.39 11.90
CA TYR B 215 17.13 -18.82 10.69
C TYR B 215 17.90 -19.98 10.03
N LYS B 216 17.16 -20.75 9.26
CA LYS B 216 17.69 -21.84 8.43
C LYS B 216 16.99 -21.79 7.09
N LEU B 217 17.75 -22.17 6.07
CA LEU B 217 17.27 -22.24 4.68
C LEU B 217 16.82 -23.66 4.46
N GLY B 218 15.69 -23.83 3.78
CA GLY B 218 15.13 -25.14 3.48
C GLY B 218 14.58 -25.28 2.10
N HIS B 219 14.60 -26.53 1.62
CA HIS B 219 14.00 -26.90 0.40
C HIS B 219 13.26 -28.24 0.59
N ARG B 220 11.96 -28.22 0.48
CA ARG B 220 11.15 -29.44 0.63
CA ARG B 220 11.12 -29.42 0.63
C ARG B 220 11.04 -30.05 -0.74
N LEU B 221 11.82 -31.11 -0.96
CA LEU B 221 11.81 -31.84 -2.24
C LEU B 221 10.46 -32.48 -2.43
N PHE B 222 10.07 -32.67 -3.68
CA PHE B 222 8.74 -33.17 -3.91
C PHE B 222 8.58 -34.65 -3.54
N ASN B 223 9.70 -35.36 -3.39
CA ASN B 223 9.67 -36.70 -2.78
C ASN B 223 9.42 -36.69 -1.27
N GLY B 224 9.29 -35.52 -0.66
CA GLY B 224 8.93 -35.42 0.76
C GLY B 224 10.07 -35.10 1.71
N THR B 225 11.31 -35.36 1.30
CA THR B 225 12.46 -35.02 2.09
C THR B 225 12.77 -33.50 2.04
N THR B 226 13.13 -32.94 3.17
CA THR B 226 13.54 -31.54 3.26
C THR B 226 15.04 -31.44 3.43
N ILE B 227 15.67 -30.59 2.61
CA ILE B 227 17.10 -30.31 2.70
C ILE B 227 17.28 -28.97 3.45
N TRP B 228 18.13 -28.96 4.44
CA TRP B 228 18.34 -27.84 5.38
C TRP B 228 19.75 -27.32 5.35
N SER B 229 19.89 -26.01 5.51
CA SER B 229 21.17 -25.43 5.80
C SER B 229 21.48 -25.56 7.29
N LYS B 230 22.69 -25.18 7.64
CA LYS B 230 23.06 -24.89 9.02
C LYS B 230 22.23 -23.68 9.54
N GLU B 231 22.28 -23.48 10.86
CA GLU B 231 21.62 -22.36 11.49
C GLU B 231 22.47 -21.11 11.32
N TYR B 232 21.77 -20.00 11.04
CA TYR B 232 22.39 -18.68 10.99
C TYR B 232 21.67 -17.80 12.02
N HIS B 233 22.18 -16.59 12.24
CA HIS B 233 21.55 -15.72 13.24
C HIS B 233 21.71 -14.25 12.88
N PHE B 234 20.88 -13.42 13.48
CA PHE B 234 21.01 -11.98 13.32
C PHE B 234 20.29 -11.29 14.44
N LYS B 235 20.57 -10.01 14.60
CA LYS B 235 19.87 -9.17 15.59
C LYS B 235 19.01 -8.20 14.76
N ALA B 236 17.74 -8.11 15.06
CA ALA B 236 16.86 -7.19 14.31
C ALA B 236 17.28 -5.75 14.51
N SER B 237 17.10 -4.95 13.46
CA SER B 237 17.45 -3.54 13.52
C SER B 237 16.61 -2.77 14.54
N PRO B 238 17.10 -1.62 14.95
CA PRO B 238 16.38 -0.73 15.84
C PRO B 238 15.09 -0.23 15.21
N TYR B 239 14.19 0.25 16.06
CA TYR B 239 13.09 1.07 15.57
C TYR B 239 13.70 2.37 15.01
N PRO B 240 13.15 2.90 13.93
CA PRO B 240 13.72 4.14 13.40
C PRO B 240 13.59 5.26 14.41
N GLY B 241 14.70 5.93 14.71
CA GLY B 241 14.70 6.96 15.70
C GLY B 241 15.15 6.52 17.08
N GLN B 242 15.36 5.22 17.28
CA GLN B 242 15.80 4.72 18.57
C GLN B 242 17.16 5.21 19.01
N SER B 243 17.27 5.57 20.30
CA SER B 243 18.53 5.91 20.93
CA SER B 243 18.56 5.89 20.83
C SER B 243 19.26 4.65 21.34
N SER B 244 20.34 4.31 20.66
CA SER B 244 21.26 3.23 21.05
C SER B 244 22.50 3.47 20.22
N VAL B 245 23.62 2.84 20.58
CA VAL B 245 24.88 3.05 19.86
C VAL B 245 24.82 2.22 18.60
N GLN B 246 24.96 2.88 17.45
CA GLN B 246 24.68 2.25 16.16
C GLN B 246 25.89 2.41 15.24
N ARG B 247 26.35 1.32 14.64
CA ARG B 247 27.62 1.30 13.91
C ARG B 247 27.44 0.80 12.49
N VAL B 248 27.89 1.61 11.53
CA VAL B 248 27.66 1.38 10.11
C VAL B 248 29.00 1.39 9.38
N VAL B 249 29.27 0.36 8.59
CA VAL B 249 30.44 0.36 7.75
C VAL B 249 30.10 0.64 6.29
N ILE B 250 30.93 1.49 5.66
CA ILE B 250 30.72 1.90 4.29
C ILE B 250 32.02 1.85 3.50
N PHE B 251 31.95 1.30 2.29
CA PHE B 251 33.08 1.35 1.33
C PHE B 251 32.51 1.00 -0.02
N GLY B 252 33.27 1.31 -1.07
CA GLY B 252 33.02 0.84 -2.41
C GLY B 252 34.17 -0.04 -2.92
N ASP B 253 33.90 -0.83 -3.95
CA ASP B 253 34.92 -1.26 -4.88
C ASP B 253 35.80 -2.39 -4.29
N MET B 254 35.21 -3.18 -3.39
CA MET B 254 36.01 -4.20 -2.68
C MET B 254 36.42 -5.32 -3.65
N GLY B 255 35.53 -5.75 -4.51
CA GLY B 255 35.77 -6.88 -5.41
C GLY B 255 36.04 -8.18 -4.65
N LYS B 256 36.80 -9.04 -5.28
CA LYS B 256 37.00 -10.43 -4.78
C LYS B 256 38.43 -10.82 -5.07
N ALA B 257 38.91 -11.86 -4.36
CA ALA B 257 40.19 -12.46 -4.65
C ALA B 257 40.17 -13.87 -4.05
N GLU B 258 41.10 -14.68 -4.53
CA GLU B 258 41.19 -16.09 -4.08
C GLU B 258 42.11 -16.23 -2.87
N ALA B 259 41.52 -16.70 -1.78
CA ALA B 259 42.26 -16.92 -0.53
C ALA B 259 43.38 -17.94 -0.76
N ASP B 260 43.18 -18.86 -1.69
CA ASP B 260 44.22 -19.89 -1.98
C ASP B 260 45.32 -19.37 -2.90
N GLY B 261 45.26 -18.08 -3.26
CA GLY B 261 46.28 -17.43 -4.08
C GLY B 261 46.14 -17.60 -5.59
N SER B 262 45.11 -18.27 -6.06
CA SER B 262 44.88 -18.56 -7.46
CA SER B 262 44.93 -18.57 -7.47
C SER B 262 44.56 -17.30 -8.25
N ASN B 263 44.83 -17.36 -9.54
CA ASN B 263 44.48 -16.33 -10.49
C ASN B 263 43.05 -16.56 -10.97
N GLU B 264 42.44 -15.50 -11.52
CA GLU B 264 41.13 -15.62 -12.08
C GLU B 264 40.92 -14.39 -12.98
N TYR B 265 39.83 -14.38 -13.71
CA TYR B 265 39.56 -13.23 -14.60
C TYR B 265 39.39 -12.01 -13.69
N ASN B 266 39.77 -10.82 -14.19
CA ASN B 266 39.52 -9.56 -13.42
C ASN B 266 40.03 -9.66 -12.00
N ASN B 267 41.28 -10.11 -11.88
CA ASN B 267 41.91 -10.31 -10.60
C ASN B 267 42.74 -9.11 -10.18
N PHE B 268 42.06 -7.96 -10.04
CA PHE B 268 42.76 -6.71 -9.76
CA PHE B 268 42.71 -6.70 -9.81
C PHE B 268 42.16 -6.00 -8.56
N GLN B 269 41.81 -6.80 -7.55
CA GLN B 269 41.39 -6.27 -6.26
C GLN B 269 42.31 -6.82 -5.13
N PRO B 270 43.56 -6.33 -5.06
CA PRO B 270 44.50 -6.88 -4.09
C PRO B 270 44.24 -6.52 -2.64
N GLY B 271 43.40 -5.50 -2.39
CA GLY B 271 42.94 -5.20 -1.04
C GLY B 271 41.70 -5.89 -0.56
N SER B 272 41.04 -6.64 -1.43
CA SER B 272 39.73 -7.24 -1.16
C SER B 272 39.73 -8.11 0.11
N LEU B 273 40.66 -9.04 0.20
CA LEU B 273 40.67 -9.96 1.34
C LEU B 273 41.00 -9.26 2.65
N ASN B 274 41.84 -8.26 2.62
CA ASN B 274 42.12 -7.46 3.78
C ASN B 274 40.89 -6.71 4.26
N THR B 275 40.16 -6.07 3.36
CA THR B 275 38.96 -5.37 3.84
C THR B 275 37.96 -6.36 4.47
N THR B 276 37.75 -7.49 3.80
CA THR B 276 36.81 -8.52 4.24
C THR B 276 37.25 -9.01 5.63
N LYS B 277 38.54 -9.26 5.74
CA LYS B 277 39.12 -9.69 7.02
C LYS B 277 38.91 -8.68 8.16
N GLN B 278 39.18 -7.41 7.92
CA GLN B 278 38.99 -6.42 8.99
C GLN B 278 37.55 -6.27 9.38
N ILE B 279 36.63 -6.35 8.44
CA ILE B 279 35.20 -6.28 8.82
C ILE B 279 34.77 -7.51 9.64
N ILE B 280 35.23 -8.69 9.25
CA ILE B 280 34.94 -9.90 9.98
C ILE B 280 35.50 -9.80 11.42
N GLN B 281 36.72 -9.30 11.56
CA GLN B 281 37.33 -9.21 12.87
CA GLN B 281 37.39 -9.15 12.87
C GLN B 281 36.58 -8.27 13.81
N ASP B 282 36.01 -7.19 13.25
CA ASP B 282 35.31 -6.20 14.03
C ASP B 282 33.80 -6.40 14.01
N LEU B 283 33.32 -7.54 13.55
CA LEU B 283 31.90 -7.73 13.27
C LEU B 283 31.03 -7.58 14.50
N GLU B 284 31.52 -7.93 15.70
CA GLU B 284 30.72 -7.74 16.93
CA GLU B 284 30.71 -7.75 16.92
C GLU B 284 30.32 -6.29 17.12
N ASP B 285 31.09 -5.37 16.54
CA ASP B 285 30.85 -3.94 16.65
C ASP B 285 30.51 -3.24 15.31
N ILE B 286 29.87 -4.00 14.44
CA ILE B 286 29.36 -3.53 13.13
C ILE B 286 27.95 -4.02 13.02
N ASP B 287 26.99 -3.11 12.79
CA ASP B 287 25.59 -3.44 12.77
C ASP B 287 25.01 -3.62 11.37
N ILE B 288 25.63 -2.97 10.38
CA ILE B 288 25.11 -2.93 8.99
C ILE B 288 26.24 -2.46 8.08
N VAL B 289 26.29 -2.99 6.88
CA VAL B 289 27.32 -2.67 5.93
C VAL B 289 26.64 -2.11 4.65
N PHE B 290 27.25 -1.09 4.07
CA PHE B 290 26.91 -0.58 2.72
C PHE B 290 28.10 -0.69 1.81
N HIS B 291 27.97 -1.49 0.77
CA HIS B 291 28.98 -1.66 -0.25
C HIS B 291 28.49 -0.90 -1.49
N ILE B 292 29.07 0.28 -1.69
CA ILE B 292 28.47 1.27 -2.61
C ILE B 292 28.97 1.15 -4.04
N GLY B 293 28.69 0.01 -4.63
CA GLY B 293 28.99 -0.21 -6.03
C GLY B 293 30.32 -0.84 -6.26
N ASP B 294 30.44 -1.42 -7.45
CA ASP B 294 31.65 -2.17 -7.90
C ASP B 294 31.87 -3.32 -6.89
N LEU B 295 31.03 -4.31 -7.07
CA LEU B 295 30.77 -5.34 -6.09
C LEU B 295 31.81 -6.42 -6.19
N CYS B 296 31.80 -7.18 -7.27
CA CYS B 296 32.79 -8.25 -7.39
C CYS B 296 33.72 -8.14 -8.58
N TYR B 297 33.41 -7.28 -9.55
CA TYR B 297 34.20 -7.16 -10.79
C TYR B 297 34.22 -8.45 -11.58
N ALA B 298 33.17 -9.24 -11.47
CA ALA B 298 33.00 -10.36 -12.39
C ALA B 298 33.10 -9.89 -13.82
N ASN B 299 32.43 -8.76 -14.10
CA ASN B 299 32.44 -8.21 -15.45
C ASN B 299 32.17 -9.26 -16.52
N GLY B 300 31.19 -10.12 -16.28
CA GLY B 300 30.76 -11.06 -17.26
C GLY B 300 31.38 -12.45 -17.16
N TYR B 301 32.36 -12.59 -16.29
CA TYR B 301 32.84 -13.94 -15.91
C TYR B 301 32.00 -14.33 -14.67
N ILE B 302 30.81 -14.85 -14.96
CA ILE B 302 29.63 -14.94 -14.08
C ILE B 302 29.92 -15.80 -12.84
N SER B 303 30.80 -16.79 -13.00
CA SER B 303 31.14 -17.64 -11.86
C SER B 303 31.57 -16.91 -10.60
N GLN B 304 32.11 -15.69 -10.76
CA GLN B 304 32.62 -14.93 -9.63
C GLN B 304 31.52 -14.35 -8.73
N TRP B 305 30.28 -14.29 -9.21
CA TRP B 305 29.19 -13.81 -8.35
C TRP B 305 29.01 -14.78 -7.16
N ASP B 306 29.01 -16.09 -7.41
CA ASP B 306 28.95 -17.07 -6.28
C ASP B 306 30.18 -16.86 -5.42
N GLN B 307 31.38 -16.68 -6.01
CA GLN B 307 32.58 -16.48 -5.23
C GLN B 307 32.38 -15.34 -4.25
N PHE B 308 31.79 -14.24 -4.75
CA PHE B 308 31.62 -13.06 -3.95
C PHE B 308 30.63 -13.30 -2.82
N THR B 309 29.52 -13.97 -3.10
CA THR B 309 28.52 -14.25 -2.07
C THR B 309 29.15 -15.13 -0.97
N ALA B 310 30.07 -16.01 -1.36
CA ALA B 310 30.78 -16.84 -0.38
C ALA B 310 31.78 -16.05 0.43
N GLN B 311 32.52 -15.15 -0.22
CA GLN B 311 33.47 -14.31 0.42
C GLN B 311 32.87 -13.46 1.52
N ILE B 312 31.71 -12.87 1.24
CA ILE B 312 31.09 -11.99 2.23
C ILE B 312 30.16 -12.66 3.22
N GLU B 313 29.90 -13.94 3.02
CA GLU B 313 28.96 -14.68 3.83
C GLU B 313 29.17 -14.56 5.33
N PRO B 314 30.40 -14.57 5.83
CA PRO B 314 30.54 -14.38 7.28
C PRO B 314 30.02 -13.03 7.79
N ILE B 315 29.95 -12.04 6.89
CA ILE B 315 29.39 -10.74 7.21
C ILE B 315 27.88 -10.74 6.93
N ALA B 316 27.53 -10.97 5.67
CA ALA B 316 26.17 -10.76 5.16
C ALA B 316 25.15 -11.77 5.67
N SER B 317 25.62 -12.93 6.17
CA SER B 317 24.67 -13.90 6.73
C SER B 317 24.24 -13.48 8.14
N THR B 318 24.90 -12.49 8.76
CA THR B 318 24.57 -12.05 10.11
CA THR B 318 24.65 -12.06 10.14
C THR B 318 24.19 -10.58 10.27
N VAL B 319 24.70 -9.70 9.40
CA VAL B 319 24.26 -8.29 9.35
C VAL B 319 23.79 -7.94 7.94
N PRO B 320 22.85 -6.97 7.85
CA PRO B 320 22.44 -6.56 6.50
C PRO B 320 23.63 -6.07 5.71
N TYR B 321 23.69 -6.49 4.45
CA TYR B 321 24.75 -6.11 3.52
C TYR B 321 24.08 -5.39 2.32
N MET B 322 24.04 -4.08 2.45
CA MET B 322 23.25 -3.23 1.53
C MET B 322 24.14 -2.81 0.38
N THR B 323 23.67 -3.00 -0.84
CA THR B 323 24.45 -2.71 -2.01
C THR B 323 23.92 -1.51 -2.76
N ALA B 324 24.82 -0.93 -3.53
CA ALA B 324 24.46 0.00 -4.58
C ALA B 324 25.06 -0.51 -5.86
N SER B 325 24.59 0.01 -6.96
CA SER B 325 25.05 -0.40 -8.29
C SER B 325 26.02 0.63 -8.86
N GLY B 326 27.11 0.12 -9.40
CA GLY B 326 28.14 0.94 -10.04
C GLY B 326 28.36 0.51 -11.49
N ASN B 327 29.38 1.08 -12.09
CA ASN B 327 29.66 0.88 -13.48
C ASN B 327 30.01 -0.55 -13.85
N HIS B 328 30.68 -1.25 -12.96
CA HIS B 328 30.99 -2.64 -13.25
C HIS B 328 29.82 -3.59 -13.04
N GLU B 329 28.73 -3.14 -12.40
CA GLU B 329 27.48 -3.88 -12.41
C GLU B 329 26.64 -3.66 -13.64
N ARG B 330 26.57 -2.41 -14.09
CA ARG B 330 25.51 -1.98 -14.99
C ARG B 330 25.89 -1.50 -16.39
N ASP B 331 27.02 -0.85 -16.55
CA ASP B 331 27.28 -0.12 -17.79
C ASP B 331 27.39 -1.05 -18.98
N TRP B 332 26.69 -0.72 -20.07
CA TRP B 332 26.85 -1.43 -21.32
C TRP B 332 26.25 -0.50 -22.40
N PRO B 333 26.94 -0.35 -23.50
CA PRO B 333 26.39 0.54 -24.57
C PRO B 333 25.05 0.10 -25.09
N GLY B 334 24.14 1.05 -25.38
CA GLY B 334 22.90 0.68 -26.02
C GLY B 334 21.93 -0.06 -25.14
N THR B 335 22.01 0.16 -23.83
CA THR B 335 21.18 -0.52 -22.86
C THR B 335 20.46 0.43 -21.93
N GLY B 336 20.46 1.72 -22.27
CA GLY B 336 19.75 2.68 -21.41
C GLY B 336 20.53 3.09 -20.17
N SER B 337 21.77 2.62 -20.03
CA SER B 337 22.60 3.13 -18.94
C SER B 337 23.13 4.52 -19.35
N PHE B 338 23.21 5.42 -18.38
CA PHE B 338 23.57 6.79 -18.63
C PHE B 338 25.02 6.84 -19.17
N TYR B 339 25.88 5.99 -18.62
CA TYR B 339 27.26 5.76 -19.08
C TYR B 339 27.27 4.57 -20.01
N GLY B 340 27.91 4.74 -21.17
CA GLY B 340 27.90 3.72 -22.21
C GLY B 340 29.12 2.83 -22.19
N ASN B 341 29.87 2.88 -21.09
CA ASN B 341 31.07 2.05 -20.90
C ASN B 341 30.75 0.54 -21.06
N LEU B 342 31.79 -0.23 -21.40
CA LEU B 342 31.73 -1.68 -21.49
CA LEU B 342 31.65 -1.68 -21.50
C LEU B 342 31.98 -2.36 -20.14
N ASP B 343 31.95 -1.58 -19.05
CA ASP B 343 32.50 -2.02 -17.78
C ASP B 343 31.81 -3.18 -17.11
N SER B 344 30.57 -3.44 -17.45
CA SER B 344 29.85 -4.61 -16.88
C SER B 344 30.17 -5.93 -17.60
N GLY B 345 30.93 -5.88 -18.70
CA GLY B 345 31.25 -7.09 -19.48
C GLY B 345 30.06 -7.82 -19.98
N GLY B 346 28.96 -7.09 -20.30
CA GLY B 346 27.76 -7.67 -20.84
C GLY B 346 26.69 -8.02 -19.84
N GLU B 347 26.95 -7.84 -18.54
CA GLU B 347 25.98 -8.17 -17.48
C GLU B 347 24.76 -7.27 -17.49
N CYS B 348 24.99 -6.01 -17.86
CA CYS B 348 23.93 -4.99 -17.92
C CYS B 348 23.01 -5.02 -16.67
N GLY B 349 23.64 -5.15 -15.50
CA GLY B 349 22.99 -5.12 -14.23
C GLY B 349 22.29 -6.36 -13.73
N VAL B 350 22.16 -7.38 -14.58
CA VAL B 350 21.28 -8.49 -14.29
C VAL B 350 21.74 -9.31 -13.05
N PRO B 351 23.01 -9.73 -13.01
CA PRO B 351 23.47 -10.44 -11.81
C PRO B 351 23.32 -9.59 -10.54
N ALA B 352 23.76 -8.33 -10.58
CA ALA B 352 23.70 -7.50 -9.39
C ALA B 352 22.28 -7.38 -8.84
N GLN B 353 21.32 -7.21 -9.75
CA GLN B 353 19.92 -6.98 -9.37
CA GLN B 353 19.92 -6.97 -9.42
C GLN B 353 19.15 -8.26 -9.09
N THR B 354 19.82 -9.40 -9.24
CA THR B 354 19.24 -10.69 -8.93
C THR B 354 19.94 -11.36 -7.73
N MET B 355 21.24 -11.26 -7.67
CA MET B 355 22.04 -11.94 -6.62
C MET B 355 21.78 -11.27 -5.27
N PHE B 356 21.50 -9.94 -5.31
CA PHE B 356 21.29 -9.13 -4.10
C PHE B 356 19.93 -8.49 -4.14
N PHE B 357 19.34 -8.36 -2.96
CA PHE B 357 18.08 -7.67 -2.79
C PHE B 357 18.36 -6.33 -2.15
N VAL B 358 17.69 -5.28 -2.68
CA VAL B 358 17.52 -4.03 -1.98
C VAL B 358 16.04 -3.61 -2.09
N PRO B 359 15.53 -2.83 -1.10
CA PRO B 359 14.11 -2.46 -1.06
C PRO B 359 13.78 -1.31 -2.01
N ALA B 360 14.25 -1.45 -3.24
CA ALA B 360 13.91 -0.51 -4.31
C ALA B 360 12.54 -0.84 -4.85
N GLU B 361 11.77 0.19 -5.23
CA GLU B 361 10.52 -0.11 -5.90
C GLU B 361 10.75 -0.87 -7.21
N ASN B 362 11.77 -0.44 -7.95
CA ASN B 362 12.11 -1.09 -9.20
C ASN B 362 13.57 -1.51 -9.11
N ARG B 363 13.80 -2.81 -8.94
CA ARG B 363 15.16 -3.31 -8.72
C ARG B 363 16.10 -3.03 -9.86
N GLU B 364 15.58 -2.86 -11.06
CA GLU B 364 16.41 -2.40 -12.18
C GLU B 364 16.95 -0.98 -12.00
N LYS B 365 16.19 -0.13 -11.35
CA LYS B 365 16.62 1.24 -11.14
C LYS B 365 17.62 1.36 -9.98
N PHE B 366 17.47 0.53 -8.96
CA PHE B 366 18.52 0.33 -7.94
C PHE B 366 18.79 1.57 -7.06
N TRP B 367 17.85 2.49 -6.99
CA TRP B 367 17.88 3.56 -6.02
C TRP B 367 16.86 3.28 -4.94
N TYR B 368 17.21 3.60 -3.70
CA TYR B 368 16.35 3.27 -2.58
C TYR B 368 16.68 4.01 -1.31
N SER B 369 15.74 3.97 -0.38
CA SER B 369 15.95 4.53 0.95
CA SER B 369 15.89 4.54 0.95
C SER B 369 15.95 3.40 1.97
N THR B 370 16.73 3.55 3.02
CA THR B 370 16.68 2.59 4.13
C THR B 370 17.09 3.27 5.41
N ASP B 371 16.67 2.69 6.54
CA ASP B 371 16.94 3.28 7.87
C ASP B 371 17.79 2.35 8.72
N TYR B 372 18.52 2.91 9.64
CA TYR B 372 19.11 2.11 10.72
C TYR B 372 19.12 3.00 11.98
N GLY B 373 18.04 2.89 12.79
CA GLY B 373 17.94 3.65 14.00
C GLY B 373 17.95 5.14 13.71
N MET B 374 19.01 5.84 14.15
CA MET B 374 19.13 7.27 13.98
C MET B 374 19.58 7.68 12.59
N PHE B 375 19.97 6.72 11.77
CA PHE B 375 20.44 7.00 10.42
C PHE B 375 19.31 6.84 9.41
N ARG B 376 19.31 7.72 8.43
CA ARG B 376 18.58 7.50 7.18
C ARG B 376 19.60 7.53 6.05
N PHE B 377 19.51 6.54 5.19
CA PHE B 377 20.35 6.46 3.99
C PHE B 377 19.54 6.59 2.73
N CYS B 378 20.07 7.40 1.82
N CYS B 378 20.02 7.44 1.81
CA CYS B 378 19.56 7.55 0.48
CA CYS B 378 19.44 7.52 0.48
C CYS B 378 20.60 7.01 -0.48
C CYS B 378 20.50 7.09 -0.53
N ILE B 379 20.22 6.02 -1.26
CA ILE B 379 21.17 5.36 -2.13
C ILE B 379 20.76 5.65 -3.59
N ALA B 380 21.67 6.30 -4.30
CA ALA B 380 21.52 6.60 -5.69
C ALA B 380 22.17 5.55 -6.60
N HIS B 381 21.80 5.60 -7.87
CA HIS B 381 22.35 4.72 -8.91
C HIS B 381 23.01 5.59 -9.97
N THR B 382 24.32 5.67 -9.92
CA THR B 382 25.03 6.60 -10.77
C THR B 382 25.19 6.16 -12.23
N GLU B 383 24.64 5.00 -12.59
CA GLU B 383 24.66 4.54 -13.95
C GLU B 383 23.35 4.86 -14.68
N LEU B 384 22.45 5.57 -14.00
CA LEU B 384 21.26 6.18 -14.57
C LEU B 384 21.31 7.67 -14.30
N ASP B 385 20.60 8.44 -15.15
CA ASP B 385 20.62 9.87 -15.00
C ASP B 385 20.07 10.31 -13.63
N TRP B 386 20.73 11.28 -13.02
CA TRP B 386 20.39 11.80 -11.70
C TRP B 386 19.98 13.28 -11.70
N ARG B 387 19.92 13.91 -12.87
CA ARG B 387 19.82 15.35 -12.92
C ARG B 387 18.40 15.80 -12.65
N LYS B 388 18.26 17.08 -12.39
CA LYS B 388 16.93 17.65 -12.14
C LYS B 388 16.02 17.34 -13.33
N GLY B 389 14.80 16.91 -13.04
CA GLY B 389 13.86 16.54 -14.09
C GLY B 389 13.75 15.02 -14.27
N THR B 390 14.70 14.24 -13.70
CA THR B 390 14.73 12.81 -13.89
C THR B 390 13.94 12.14 -12.77
N GLU B 391 13.54 10.92 -13.05
CA GLU B 391 12.87 10.09 -12.14
C GLU B 391 13.72 9.89 -10.88
N GLN B 392 15.01 9.70 -11.10
CA GLN B 392 15.90 9.50 -9.96
C GLN B 392 16.01 10.71 -9.04
N TYR B 393 16.11 11.90 -9.61
CA TYR B 393 16.21 13.13 -8.82
C TYR B 393 14.93 13.30 -7.99
N GLU B 394 13.76 12.98 -8.59
CA GLU B 394 12.47 13.06 -7.86
CA GLU B 394 12.48 13.08 -7.85
C GLU B 394 12.49 12.12 -6.65
N PHE B 395 13.02 10.92 -6.84
CA PHE B 395 13.15 9.95 -5.75
C PHE B 395 14.04 10.50 -4.67
N ILE B 396 15.18 11.02 -5.07
CA ILE B 396 16.15 11.50 -4.05
C ILE B 396 15.54 12.60 -3.24
N GLU B 397 14.82 13.51 -3.89
CA GLU B 397 14.21 14.59 -3.10
C GLU B 397 13.19 14.03 -2.13
N LYS B 398 12.38 13.09 -2.58
CA LYS B 398 11.37 12.47 -1.69
C LYS B 398 11.99 11.76 -0.50
N CYS B 399 13.09 11.03 -0.72
CA CYS B 399 13.81 10.39 0.34
C CYS B 399 14.37 11.34 1.38
N LEU B 400 15.01 12.40 0.92
CA LEU B 400 15.60 13.36 1.82
C LEU B 400 14.55 14.15 2.58
N ALA B 401 13.42 14.38 1.94
CA ALA B 401 12.32 15.12 2.57
C ALA B 401 11.54 14.33 3.61
N SER B 402 11.50 13.01 3.50
CA SER B 402 10.58 12.19 4.35
C SER B 402 11.11 11.89 5.77
N VAL B 403 12.38 12.18 6.01
CA VAL B 403 13.03 11.85 7.28
C VAL B 403 12.75 12.93 8.35
N ASP B 404 12.34 12.45 9.52
CA ASP B 404 12.09 13.29 10.69
C ASP B 404 13.44 13.41 11.41
N ARG B 405 14.09 14.57 11.30
CA ARG B 405 15.45 14.76 11.75
C ARG B 405 15.61 14.84 13.24
N GLN B 406 14.53 15.05 13.97
CA GLN B 406 14.62 14.96 15.41
C GLN B 406 14.87 13.51 15.80
N LYS B 407 14.11 12.62 15.20
CA LYS B 407 14.24 11.22 15.55
C LYS B 407 15.42 10.55 14.86
N GLN B 408 15.65 10.93 13.60
CA GLN B 408 16.72 10.37 12.77
C GLN B 408 17.64 11.52 12.30
N PRO B 409 18.56 11.94 13.16
CA PRO B 409 19.35 13.12 12.82
C PRO B 409 20.36 12.90 11.72
N TRP B 410 20.86 11.67 11.56
CA TRP B 410 22.05 11.43 10.69
C TRP B 410 21.62 11.04 9.29
N LEU B 411 21.74 12.01 8.37
CA LEU B 411 21.25 11.83 7.01
C LEU B 411 22.44 11.67 6.07
N ILE B 412 22.49 10.48 5.48
CA ILE B 412 23.61 10.02 4.69
C ILE B 412 23.17 9.77 3.24
N PHE B 413 23.91 10.33 2.28
CA PHE B 413 23.70 10.09 0.84
C PHE B 413 24.82 9.20 0.32
N LEU B 414 24.46 8.16 -0.40
CA LEU B 414 25.39 7.17 -0.93
C LEU B 414 25.25 7.00 -2.45
N ALA B 415 26.37 6.97 -3.16
CA ALA B 415 26.37 6.81 -4.61
C ALA B 415 27.69 6.18 -5.03
N HIS B 416 27.70 5.49 -6.15
CA HIS B 416 28.96 4.85 -6.59
C HIS B 416 29.96 5.87 -7.20
N ARG B 417 29.64 6.37 -8.40
CA ARG B 417 30.49 7.40 -9.00
C ARG B 417 30.49 8.64 -8.17
N VAL B 418 31.55 9.44 -8.30
CA VAL B 418 31.69 10.62 -7.49
C VAL B 418 30.85 11.77 -8.04
N LEU B 419 29.77 12.03 -7.34
CA LEU B 419 28.83 13.13 -7.65
C LEU B 419 29.19 14.37 -6.90
N GLY B 420 30.10 14.26 -5.91
CA GLY B 420 30.51 15.35 -5.05
C GLY B 420 31.85 15.99 -5.46
N TYR B 421 32.91 15.55 -4.80
CA TYR B 421 34.27 16.09 -4.93
C TYR B 421 35.28 14.98 -4.83
N SER B 422 36.20 14.94 -5.77
CA SER B 422 37.34 14.01 -5.74
C SER B 422 38.51 14.67 -6.47
N SER B 423 39.72 14.49 -5.92
CA SER B 423 40.96 14.93 -6.56
C SER B 423 41.62 13.83 -7.42
N ALA B 424 40.86 12.81 -7.79
CA ALA B 424 41.38 11.69 -8.60
C ALA B 424 42.01 12.22 -9.86
N GLY B 425 43.17 11.68 -10.20
CA GLY B 425 43.87 12.07 -11.44
C GLY B 425 43.02 11.95 -12.69
N PHE B 426 42.22 10.88 -12.76
CA PHE B 426 41.42 10.66 -13.95
C PHE B 426 40.33 11.72 -14.13
N TYR B 427 39.77 12.25 -13.05
CA TYR B 427 38.81 13.34 -13.19
C TYR B 427 39.50 14.64 -13.59
N VAL B 428 40.60 14.92 -12.93
CA VAL B 428 41.26 16.19 -13.13
C VAL B 428 41.81 16.27 -14.58
N GLN B 429 42.26 15.15 -15.12
CA GLN B 429 42.70 15.13 -16.52
C GLN B 429 41.57 15.50 -17.51
N GLU B 430 40.29 15.24 -17.18
CA GLU B 430 39.18 15.68 -18.06
C GLU B 430 38.61 17.04 -17.62
N GLY B 431 39.32 17.73 -16.75
CA GLY B 431 38.93 19.04 -16.31
C GLY B 431 37.77 19.02 -15.36
N SER B 432 37.82 18.12 -14.38
CA SER B 432 36.73 17.98 -13.40
C SER B 432 37.28 17.45 -12.06
N PHE B 433 36.52 17.67 -10.99
CA PHE B 433 36.82 17.07 -9.65
C PHE B 433 35.56 16.33 -9.20
N GLU B 434 34.91 15.70 -10.18
CA GLU B 434 33.64 14.97 -10.04
C GLU B 434 33.35 14.33 -11.37
N GLU B 435 32.39 13.44 -11.43
CA GLU B 435 31.77 13.14 -12.71
C GLU B 435 31.24 14.43 -13.30
N PRO B 436 31.39 14.61 -14.62
CA PRO B 436 30.69 15.76 -15.24
C PRO B 436 29.21 15.77 -14.85
N MET B 437 28.72 16.95 -14.46
CA MET B 437 27.35 17.16 -14.02
C MET B 437 27.01 16.49 -12.69
N GLY B 438 28.04 16.03 -11.96
CA GLY B 438 27.79 15.28 -10.74
C GLY B 438 26.98 16.01 -9.70
N ARG B 439 27.45 17.21 -9.34
CA ARG B 439 26.95 17.88 -8.14
C ARG B 439 25.98 19.01 -8.36
N GLU B 440 25.89 19.52 -9.58
CA GLU B 440 25.32 20.86 -9.73
C GLU B 440 23.84 20.88 -9.43
N ASP B 441 23.09 19.90 -9.89
CA ASP B 441 21.66 19.83 -9.57
C ASP B 441 21.49 19.24 -8.17
N LEU B 442 22.21 18.19 -7.85
CA LEU B 442 21.98 17.50 -6.61
C LEU B 442 22.35 18.30 -5.36
N GLN B 443 23.32 19.21 -5.46
CA GLN B 443 23.69 19.97 -4.29
C GLN B 443 22.57 20.86 -3.79
N HIS B 444 21.66 21.24 -4.69
CA HIS B 444 20.43 21.91 -4.27
C HIS B 444 19.73 21.05 -3.20
N LEU B 445 19.64 19.76 -3.46
CA LEU B 445 18.93 18.86 -2.54
C LEU B 445 19.76 18.58 -1.30
N TRP B 446 21.06 18.32 -1.47
CA TRP B 446 21.92 18.08 -0.30
C TRP B 446 21.88 19.23 0.68
N GLN B 447 21.84 20.45 0.15
CA GLN B 447 21.86 21.63 0.95
C GLN B 447 20.49 21.95 1.54
N LYS B 448 19.43 21.87 0.74
CA LYS B 448 18.08 22.17 1.21
C LYS B 448 17.70 21.23 2.35
N TYR B 449 18.05 19.95 2.23
CA TYR B 449 17.65 18.93 3.21
C TYR B 449 18.72 18.60 4.22
N LYS B 450 19.83 19.33 4.17
CA LYS B 450 20.95 19.18 5.12
C LYS B 450 21.44 17.77 5.24
N VAL B 451 21.83 17.20 4.11
CA VAL B 451 22.57 15.97 4.11
C VAL B 451 23.86 16.16 4.90
N ASP B 452 24.12 15.31 5.91
CA ASP B 452 25.29 15.45 6.73
C ASP B 452 26.59 15.01 6.04
N ILE B 453 26.53 13.84 5.44
CA ILE B 453 27.68 13.22 4.80
C ILE B 453 27.20 12.54 3.54
N ALA B 454 27.92 12.80 2.46
CA ALA B 454 27.70 12.14 1.20
C ALA B 454 28.95 11.33 0.91
N MET B 455 28.74 10.08 0.53
CA MET B 455 29.86 9.15 0.30
CA MET B 455 29.85 9.14 0.33
C MET B 455 29.80 8.45 -1.02
N TYR B 456 30.99 8.26 -1.60
CA TYR B 456 31.15 7.70 -2.94
C TYR B 456 32.15 6.59 -2.95
N GLY B 457 32.04 5.72 -3.94
CA GLY B 457 33.11 4.76 -4.28
C GLY B 457 33.83 5.23 -5.55
N HIS B 458 34.12 4.24 -6.40
CA HIS B 458 34.53 4.39 -7.81
C HIS B 458 35.98 4.85 -7.96
N VAL B 459 36.39 5.87 -7.24
CA VAL B 459 37.77 6.28 -7.18
C VAL B 459 38.43 5.44 -6.07
N HIS B 460 39.50 4.72 -6.41
CA HIS B 460 40.10 3.75 -5.48
C HIS B 460 41.13 4.37 -4.57
N ASN B 461 40.62 5.14 -3.64
CA ASN B 461 41.35 5.82 -2.60
C ASN B 461 40.34 6.39 -1.61
N TYR B 462 40.86 7.06 -0.60
CA TYR B 462 40.06 7.78 0.39
C TYR B 462 40.37 9.25 0.34
N GLU B 463 39.31 10.07 0.40
CA GLU B 463 39.50 11.50 0.48
C GLU B 463 38.30 12.08 1.24
N ARG B 464 38.55 13.08 2.05
CA ARG B 464 37.50 13.79 2.81
C ARG B 464 37.57 15.28 2.57
N THR B 465 36.44 15.90 2.30
CA THR B 465 36.31 17.33 2.19
C THR B 465 35.85 18.00 3.48
N CYS B 466 36.07 19.31 3.54
CA CYS B 466 35.42 20.18 4.50
C CYS B 466 33.90 20.11 4.26
N PRO B 467 33.11 20.52 5.24
CA PRO B 467 31.69 20.84 4.93
C PRO B 467 31.72 21.89 3.82
N ILE B 468 30.91 21.69 2.77
CA ILE B 468 31.11 22.38 1.52
C ILE B 468 29.79 22.58 0.79
N TYR B 469 29.72 23.65 0.00
CA TYR B 469 28.63 23.88 -0.92
C TYR B 469 29.18 24.76 -2.07
N GLN B 470 28.85 24.43 -3.32
CA GLN B 470 29.27 25.30 -4.46
C GLN B 470 30.78 25.52 -4.47
N ASN B 471 31.52 24.45 -4.15
CA ASN B 471 32.99 24.43 -4.20
C ASN B 471 33.69 25.23 -3.10
N VAL B 472 32.94 25.69 -2.08
CA VAL B 472 33.45 26.60 -1.07
C VAL B 472 33.23 26.00 0.31
N CYS B 473 34.27 25.94 1.11
CA CYS B 473 34.13 25.43 2.49
CA CYS B 473 34.12 25.43 2.49
C CYS B 473 33.20 26.32 3.32
N THR B 474 32.28 25.71 4.05
CA THR B 474 31.34 26.44 4.84
C THR B 474 31.69 26.39 6.32
N ASN B 475 32.74 25.66 6.66
CA ASN B 475 33.22 25.50 8.04
C ASN B 475 34.66 25.12 7.96
N LYS B 476 35.49 25.74 8.82
CA LYS B 476 36.92 25.63 8.70
C LYS B 476 37.55 24.57 9.63
N GLU B 477 36.75 23.88 10.44
CA GLU B 477 37.30 22.87 11.36
C GLU B 477 37.76 21.65 10.59
N LYS B 478 38.82 21.00 11.08
CA LYS B 478 39.32 19.79 10.43
C LYS B 478 38.76 18.50 11.04
N HIS B 479 38.33 18.55 12.29
CA HIS B 479 37.93 17.32 13.01
C HIS B 479 36.75 17.45 13.95
N ASN B 480 36.64 18.54 14.65
CA ASN B 480 35.60 18.57 15.70
CA ASN B 480 35.67 18.71 15.76
C ASN B 480 34.53 19.60 15.31
N TYR B 481 33.53 19.05 14.60
CA TYR B 481 32.46 19.85 14.08
C TYR B 481 31.36 20.06 15.15
N LYS B 482 30.95 21.30 15.30
CA LYS B 482 29.94 21.64 16.28
CA LYS B 482 29.92 21.63 16.28
C LYS B 482 28.82 22.46 15.65
N GLY B 483 27.57 22.15 15.97
CA GLY B 483 26.46 22.97 15.52
C GLY B 483 26.13 22.82 14.05
N ASN B 484 25.62 23.90 13.49
CA ASN B 484 25.20 23.96 12.09
C ASN B 484 26.44 24.17 11.23
N LEU B 485 26.77 23.18 10.40
CA LEU B 485 27.98 23.22 9.60
C LEU B 485 27.82 23.95 8.29
N ASN B 486 26.58 24.20 7.88
CA ASN B 486 26.28 25.01 6.72
C ASN B 486 26.65 24.40 5.38
N GLY B 487 27.02 23.12 5.37
CA GLY B 487 27.32 22.38 4.17
C GLY B 487 27.47 20.91 4.47
N THR B 488 27.51 20.11 3.40
CA THR B 488 27.64 18.68 3.47
C THR B 488 29.09 18.28 3.41
N ILE B 489 29.47 17.25 4.20
CA ILE B 489 30.80 16.68 4.10
C ILE B 489 30.78 15.57 3.08
N HIS B 490 31.72 15.60 2.15
CA HIS B 490 31.83 14.60 1.13
C HIS B 490 33.08 13.72 1.36
N VAL B 491 32.88 12.44 1.15
CA VAL B 491 33.88 11.42 1.39
C VAL B 491 33.92 10.40 0.25
N VAL B 492 35.09 10.25 -0.36
CA VAL B 492 35.41 9.18 -1.27
C VAL B 492 35.95 8.02 -0.42
N VAL B 493 35.31 6.85 -0.54
CA VAL B 493 35.68 5.66 0.20
C VAL B 493 35.69 4.46 -0.75
N GLY B 494 36.34 4.64 -1.92
CA GLY B 494 36.39 3.64 -2.97
C GLY B 494 37.64 2.76 -2.87
N GLY B 495 38.30 2.85 -1.73
CA GLY B 495 39.50 2.04 -1.44
C GLY B 495 39.21 0.65 -0.87
N GLY B 496 38.06 0.06 -1.15
CA GLY B 496 37.72 -1.27 -0.60
C GLY B 496 38.55 -2.46 -1.06
N GLY B 497 39.19 -2.36 -2.21
CA GLY B 497 39.98 -3.51 -2.66
C GLY B 497 40.58 -3.37 -4.04
N ALA B 498 39.83 -2.78 -4.98
CA ALA B 498 40.31 -2.62 -6.34
C ALA B 498 41.53 -1.72 -6.45
N SER B 499 42.38 -2.02 -7.46
CA SER B 499 43.69 -1.35 -7.65
C SER B 499 43.61 0.16 -7.42
N LEU B 500 44.55 0.69 -6.66
CA LEU B 500 44.51 2.05 -6.19
C LEU B 500 44.56 3.05 -7.35
N ALA B 501 43.90 4.18 -7.13
CA ALA B 501 43.87 5.27 -8.08
C ALA B 501 44.71 6.44 -7.59
N GLU B 502 45.53 6.99 -8.48
CA GLU B 502 46.38 8.12 -8.07
CA GLU B 502 46.39 8.12 -8.15
C GLU B 502 45.60 9.40 -7.99
N PHE B 503 46.02 10.24 -7.08
CA PHE B 503 45.53 11.60 -6.99
C PHE B 503 46.23 12.49 -8.00
N ALA B 504 45.51 13.50 -8.48
CA ALA B 504 46.14 14.57 -9.24
C ALA B 504 47.07 15.36 -8.36
N PRO B 505 48.08 16.01 -8.96
CA PRO B 505 49.04 16.80 -8.20
C PRO B 505 48.52 18.21 -7.91
N ILE B 506 47.33 18.29 -7.33
CA ILE B 506 46.66 19.51 -6.92
C ILE B 506 46.14 19.24 -5.50
N ASN B 507 46.40 20.18 -4.61
CA ASN B 507 45.80 20.17 -3.29
C ASN B 507 44.77 21.31 -3.23
N THR B 508 43.50 20.95 -3.35
CA THR B 508 42.46 21.96 -3.35
C THR B 508 42.22 22.58 -2.02
N THR B 509 41.46 23.67 -2.03
CA THR B 509 41.05 24.37 -0.85
C THR B 509 40.19 23.50 0.07
N TRP B 510 39.52 22.51 -0.50
CA TRP B 510 38.52 21.76 0.25
C TRP B 510 38.95 20.34 0.67
N SER B 511 40.10 19.87 0.22
CA SER B 511 40.53 18.51 0.47
C SER B 511 41.32 18.45 1.77
N ILE B 512 40.69 17.88 2.78
CA ILE B 512 41.28 17.87 4.12
C ILE B 512 42.23 16.70 4.31
N PHE B 513 41.90 15.54 3.80
CA PHE B 513 42.69 14.34 4.03
C PHE B 513 42.59 13.45 2.82
N LYS B 514 43.71 12.82 2.45
CA LYS B 514 43.77 11.87 1.36
C LYS B 514 44.57 10.64 1.80
N ASP B 515 44.13 9.46 1.39
CA ASP B 515 44.93 8.22 1.59
C ASP B 515 44.92 7.42 0.32
N HIS B 516 46.11 7.17 -0.23
CA HIS B 516 46.30 6.31 -1.39
C HIS B 516 46.65 4.91 -0.86
N ASP B 517 45.61 4.20 -0.43
CA ASP B 517 45.69 2.90 0.21
C ASP B 517 44.28 2.36 0.30
N PHE B 518 44.17 1.13 0.78
CA PHE B 518 42.92 0.41 0.92
C PHE B 518 42.34 0.67 2.30
N GLY B 519 41.04 0.91 2.36
CA GLY B 519 40.40 1.13 3.63
C GLY B 519 38.91 1.39 3.49
N PHE B 520 38.30 1.71 4.61
CA PHE B 520 36.84 1.79 4.74
C PHE B 520 36.46 2.69 5.87
N VAL B 521 35.18 3.07 5.92
CA VAL B 521 34.66 3.97 6.93
C VAL B 521 33.74 3.25 7.83
N LYS B 522 33.82 3.60 9.11
CA LYS B 522 32.80 3.27 10.08
C LYS B 522 32.21 4.53 10.70
N LEU B 523 30.88 4.62 10.69
CA LEU B 523 30.10 5.68 11.32
C LEU B 523 29.55 5.11 12.61
N THR B 524 29.77 5.82 13.71
CA THR B 524 29.15 5.46 14.97
C THR B 524 28.28 6.57 15.47
N ALA B 525 26.98 6.33 15.59
CA ALA B 525 26.09 7.26 16.24
C ALA B 525 25.97 6.84 17.72
N PHE B 526 26.46 7.69 18.61
CA PHE B 526 26.43 7.42 20.06
C PHE B 526 25.10 7.81 20.65
N ASP B 527 24.49 8.84 20.08
CA ASP B 527 23.24 9.36 20.56
C ASP B 527 22.73 10.34 19.52
N HIS B 528 21.64 11.02 19.82
CA HIS B 528 21.03 11.89 18.83
C HIS B 528 21.82 13.18 18.54
N SER B 529 22.85 13.46 19.32
CA SER B 529 23.63 14.68 19.21
C SER B 529 25.08 14.42 18.83
N ASN B 530 25.51 13.16 18.73
CA ASN B 530 26.96 12.90 18.56
C ASN B 530 27.22 11.77 17.61
N LEU B 531 27.96 12.08 16.54
CA LEU B 531 28.29 11.16 15.48
C LEU B 531 29.81 11.19 15.29
N LEU B 532 30.38 10.00 15.07
CA LEU B 532 31.77 9.77 14.77
C LEU B 532 31.96 9.09 13.43
N LEU B 533 32.86 9.64 12.63
CA LEU B 533 33.35 8.97 11.45
C LEU B 533 34.78 8.57 11.68
N GLU B 534 35.08 7.32 11.35
CA GLU B 534 36.44 6.81 11.36
C GLU B 534 36.78 6.21 10.02
N TYR B 535 37.96 6.56 9.52
CA TYR B 535 38.54 5.89 8.37
C TYR B 535 39.60 4.90 8.88
N ARG B 536 39.43 3.66 8.50
CA ARG B 536 40.36 2.58 8.90
CA ARG B 536 40.37 2.62 8.92
C ARG B 536 41.06 1.99 7.71
N LYS B 537 42.35 1.70 7.81
CA LYS B 537 43.03 1.00 6.74
C LYS B 537 42.69 -0.48 6.81
N SER B 538 42.60 -1.09 5.64
CA SER B 538 42.34 -2.49 5.52
C SER B 538 43.55 -3.35 5.96
N SER B 539 44.73 -2.80 5.89
CA SER B 539 45.96 -3.61 6.22
C SER B 539 46.00 -3.94 7.74
N ASP B 540 45.56 -3.02 8.58
CA ASP B 540 45.63 -3.20 10.05
C ASP B 540 44.37 -2.91 10.83
N GLY B 541 43.31 -2.45 10.17
CA GLY B 541 42.07 -2.12 10.87
C GLY B 541 42.14 -0.92 11.76
N GLN B 542 43.23 -0.16 11.72
CA GLN B 542 43.42 0.98 12.60
CA GLN B 542 43.39 0.98 12.62
C GLN B 542 42.89 2.28 11.98
N VAL B 543 42.63 3.26 12.83
CA VAL B 543 42.05 4.54 12.41
C VAL B 543 43.15 5.51 11.96
N TYR B 544 43.03 6.05 10.74
CA TYR B 544 43.97 7.05 10.23
C TYR B 544 43.38 8.45 9.96
N ASP B 545 42.06 8.55 9.93
CA ASP B 545 41.39 9.85 9.84
C ASP B 545 40.07 9.70 10.59
N SER B 546 39.57 10.81 11.11
CA SER B 546 38.29 10.77 11.83
C SER B 546 37.78 12.16 11.99
N PHE B 547 36.48 12.27 12.26
CA PHE B 547 35.92 13.49 12.75
C PHE B 547 34.70 13.18 13.57
N THR B 548 34.23 14.18 14.29
CA THR B 548 32.99 14.10 15.03
C THR B 548 32.08 15.23 14.68
N ILE B 549 30.78 14.98 14.78
CA ILE B 549 29.79 16.01 14.70
C ILE B 549 29.03 15.99 16.01
N SER B 550 28.99 17.14 16.67
CA SER B 550 28.23 17.35 17.89
C SER B 550 27.25 18.50 17.65
N ARG B 551 25.96 18.21 17.61
CA ARG B 551 24.97 19.24 17.29
C ARG B 551 23.62 18.74 17.72
N ASP B 552 22.70 19.67 17.94
CA ASP B 552 21.37 19.33 18.40
C ASP B 552 20.35 19.54 17.31
N TYR B 553 19.15 19.05 17.54
CA TYR B 553 18.08 19.25 16.59
C TYR B 553 17.92 20.70 16.09
N ARG B 554 17.97 21.68 16.99
CA ARG B 554 17.84 23.07 16.62
C ARG B 554 18.88 23.55 15.59
N ASP B 555 20.05 22.92 15.60
CA ASP B 555 21.09 23.19 14.62
C ASP B 555 20.71 22.69 13.22
N ILE B 556 19.99 21.57 13.16
CA ILE B 556 19.52 21.06 11.90
C ILE B 556 18.42 22.00 11.38
N LEU B 557 17.56 22.49 12.27
CA LEU B 557 16.46 23.35 11.90
C LEU B 557 16.88 24.80 11.53
N ALA B 558 18.05 25.23 12.01
CA ALA B 558 18.52 26.58 11.74
C ALA B 558 18.77 26.79 10.22
N CYS B 559 18.51 28.00 9.73
CA CYS B 559 18.78 28.31 8.33
C CYS B 559 20.26 28.17 7.99
N SER B 560 20.52 27.70 6.78
CA SER B 560 21.85 27.81 6.19
C SER B 560 21.66 28.42 4.81
N VAL B 561 22.76 28.77 4.17
CA VAL B 561 22.66 29.23 2.76
C VAL B 561 21.96 28.21 1.92
N ASP B 562 20.97 28.63 1.13
CA ASP B 562 20.14 27.74 0.32
C ASP B 562 19.46 26.60 1.11
N SER B 563 19.13 26.90 2.36
CA SER B 563 18.47 25.94 3.22
C SER B 563 17.71 26.77 4.27
N CYS B 564 16.72 27.50 3.80
CA CYS B 564 15.99 28.41 4.71
C CYS B 564 14.52 28.47 4.29
N PRO B 565 13.64 27.75 5.00
CA PRO B 565 12.24 27.66 4.57
C PRO B 565 11.52 29.00 4.59
N THR B 566 10.40 29.05 3.88
CA THR B 566 9.59 30.26 3.79
C THR B 566 9.05 30.63 5.14
N THR B 567 8.70 31.91 5.28
CA THR B 567 8.02 32.37 6.49
C THR B 567 6.88 33.29 6.12
N THR B 568 5.96 33.45 7.08
CA THR B 568 5.00 34.57 7.04
C THR B 568 5.40 35.61 8.03
N LEU B 569 5.03 36.86 7.74
CA LEU B 569 5.22 37.93 8.71
C LEU B 569 4.13 37.91 9.79
N ALA B 570 3.03 37.23 9.54
CA ALA B 570 1.88 37.22 10.44
C ALA B 570 2.21 36.44 11.73
N SER B 571 1.38 36.66 12.76
CA SER B 571 1.53 36.01 14.06
C SER B 571 0.28 35.22 14.41
N ALA C 4 -57.14 -18.53 -15.78
N ALA C 4 -58.39 -16.80 -14.62
CA ALA C 4 -55.74 -18.98 -16.02
CA ALA C 4 -56.96 -17.15 -14.82
C ALA C 4 -55.08 -19.29 -14.70
C ALA C 4 -56.27 -17.44 -13.49
N TYR C 5 -54.14 -20.23 -14.74
N TYR C 5 -55.36 -18.43 -13.48
CA TYR C 5 -53.39 -20.58 -13.54
CA TYR C 5 -54.48 -18.69 -12.33
C TYR C 5 -51.92 -20.81 -13.83
C TYR C 5 -53.07 -19.14 -12.77
N ILE C 6 -51.09 -20.61 -12.83
N ILE C 6 -52.13 -19.04 -11.84
CA ILE C 6 -49.69 -20.99 -12.92
CA ILE C 6 -50.78 -19.46 -12.13
C ILE C 6 -49.20 -21.45 -11.57
C ILE C 6 -50.23 -19.96 -10.80
N LYS C 7 -48.37 -22.48 -11.59
N LYS C 7 -49.52 -21.07 -10.87
CA LYS C 7 -47.92 -23.14 -10.40
CA LYS C 7 -48.94 -21.62 -9.68
C LYS C 7 -46.45 -23.51 -10.60
C LYS C 7 -47.52 -22.06 -9.92
N ALA C 8 -45.68 -23.40 -9.53
N ALA C 8 -46.74 -22.01 -8.85
CA ALA C 8 -44.26 -23.68 -9.58
CA ALA C 8 -45.34 -22.31 -8.91
C ALA C 8 -43.83 -24.73 -8.57
C ALA C 8 -44.99 -23.40 -7.94
N THR C 9 -42.96 -25.64 -9.00
N THR C 9 -44.18 -24.34 -8.40
CA THR C 9 -42.37 -26.63 -8.10
CA THR C 9 -43.60 -25.37 -7.53
C THR C 9 -40.91 -26.90 -8.42
C THR C 9 -42.13 -25.62 -7.88
N PRO C 10 -40.17 -27.37 -7.40
N PRO C 10 -41.36 -26.10 -6.90
CA PRO C 10 -40.58 -27.53 -6.01
CA PRO C 10 -41.77 -26.24 -5.50
C PRO C 10 -40.65 -26.18 -5.31
C PRO C 10 -41.77 -24.89 -4.79
N ASN C 11 -41.31 -26.10 -4.16
N ASN C 11 -42.34 -24.82 -3.60
CA ASN C 11 -41.47 -24.79 -3.53
CA ASN C 11 -42.40 -23.57 -2.86
C ASN C 11 -40.30 -24.42 -2.62
C ASN C 11 -41.10 -23.18 -2.19
N VAL C 12 -39.36 -25.35 -2.46
N VAL C 12 -40.26 -24.18 -1.91
CA VAL C 12 -38.16 -25.16 -1.65
CA VAL C 12 -38.97 -23.94 -1.29
C VAL C 12 -36.94 -25.65 -2.44
C VAL C 12 -37.88 -24.54 -2.14
N LEU C 13 -36.02 -24.72 -2.70
N LEU C 13 -36.91 -23.69 -2.45
CA LEU C 13 -34.88 -25.00 -3.59
CA LEU C 13 -35.83 -24.00 -3.36
C LEU C 13 -33.58 -25.03 -2.82
C LEU C 13 -34.53 -24.19 -2.59
N GLY C 14 -32.59 -25.71 -3.38
N GLY C 14 -33.62 -24.95 -3.18
CA GLY C 14 -31.24 -25.68 -2.84
CA GLY C 14 -32.25 -25.05 -2.68
C GLY C 14 -31.06 -26.43 -1.53
C GLY C 14 -32.06 -25.61 -1.29
N PHE C 15 -31.39 -27.71 -1.52
N PHE C 15 -32.33 -26.89 -1.13
CA PHE C 15 -31.06 -28.54 -0.36
CA PHE C 15 -31.94 -27.59 0.09
C PHE C 15 -29.64 -29.09 -0.55
C PHE C 15 -30.46 -27.97 -0.01
N GLU C 16 -28.98 -29.42 0.55
N GLU C 16 -29.95 -28.58 1.06
CA GLU C 16 -27.57 -29.84 0.53
CA GLU C 16 -28.53 -28.92 1.11
C GLU C 16 -26.64 -28.71 0.06
C GLU C 16 -27.69 -27.91 0.36
N GLY C 17 -27.11 -27.48 0.16
N GLY C 17 -28.08 -26.63 0.48
CA GLY C 17 -26.27 -26.31 -0.07
CA GLY C 17 -27.21 -25.51 0.17
C GLY C 17 -26.41 -25.72 -1.45
C GLY C 17 -27.10 -25.11 -1.28
N HIS C 18 -27.20 -26.36 -2.30
N HIS C 18 -28.04 -25.54 -2.12
CA HIS C 18 -27.36 -25.90 -3.68
CA HIS C 18 -28.03 -25.12 -3.52
C HIS C 18 -27.76 -24.44 -3.74
C HIS C 18 -28.57 -23.69 -3.65
N TYR C 19 -27.11 -23.68 -4.60
N TYR C 19 -28.01 -22.94 -4.57
CA TYR C 19 -27.46 -22.28 -4.81
CA TYR C 19 -28.41 -21.55 -4.78
C TYR C 19 -28.00 -22.11 -6.24
C TYR C 19 -28.94 -21.35 -6.21
N THR C 20 -28.24 -23.23 -6.91
N THR C 20 -29.28 -22.48 -6.82
CA THR C 20 -28.96 -23.21 -8.18
CA THR C 20 -29.96 -22.52 -8.11
C THR C 20 -29.85 -24.43 -8.30
C THR C 20 -30.96 -23.65 -8.02
N GLU C 21 -31.03 -24.23 -8.90
N GLU C 21 -32.11 -23.47 -8.65
CA GLU C 21 -32.08 -25.23 -8.91
CA GLU C 21 -33.19 -24.45 -8.59
C GLU C 21 -33.03 -25.11 -10.10
C GLU C 21 -34.18 -24.19 -9.71
N TRP C 22 -33.43 -26.25 -10.64
N TRP C 22 -34.71 -25.28 -10.27
CA TRP C 22 -34.39 -26.29 -11.72
CA TRP C 22 -35.69 -25.16 -11.34
C TRP C 22 -35.82 -26.25 -11.16
C TRP C 22 -37.05 -25.03 -10.73
N VAL C 23 -36.60 -25.26 -11.59
N VAL C 23 -37.83 -24.13 -11.30
CA VAL C 23 -38.00 -25.15 -11.21
CA VAL C 23 -39.19 -23.93 -10.86
C VAL C 23 -38.87 -25.47 -12.43
C VAL C 23 -40.10 -24.25 -12.06
N THR C 24 -39.90 -26.30 -12.25
N THR C 24 -41.22 -24.89 -11.74
CA THR C 24 -40.85 -26.57 -13.33
CA THR C 24 -42.20 -25.21 -12.76
C THR C 24 -42.10 -25.74 -13.14
C THR C 24 -43.45 -24.40 -12.50
N LEU C 25 -42.46 -24.97 -14.16
N LEU C 25 -43.89 -23.71 -13.55
CA LEU C 25 -43.70 -24.22 -14.15
CA LEU C 25 -45.08 -22.90 -13.51
C LEU C 25 -44.77 -24.97 -14.95
C LEU C 25 -46.18 -23.59 -14.31
N GLN C 26 -45.97 -25.02 -14.39
N GLN C 26 -47.37 -23.62 -13.72
CA GLN C 26 -47.14 -25.60 -15.06
CA GLN C 26 -48.56 -24.12 -14.39
C GLN C 26 -48.26 -24.56 -15.15
C GLN C 26 -49.63 -23.05 -14.30
N TYR C 27 -48.76 -24.29 -16.36
N TYR C 27 -50.25 -22.74 -15.43
CA TYR C 27 -49.69 -23.17 -16.55
CA TYR C 27 -51.23 -21.67 -15.48
C TYR C 27 -50.78 -23.49 -17.58
C TYR C 27 -52.34 -21.97 -16.48
N SER C 28 -51.90 -22.79 -17.46
N SER C 28 -53.42 -21.20 -16.35
CA SER C 28 -53.01 -22.93 -18.39
CA SER C 28 -54.58 -21.32 -17.22
C SER C 28 -53.76 -21.59 -18.49
C SER C 28 -55.16 -19.92 -17.45
N ASN C 29 -54.55 -21.41 -19.53
N ASN C 29 -55.54 -19.64 -18.69
CA ASN C 29 -55.13 -20.08 -19.76
CA ASN C 29 -56.25 -18.41 -19.05
C ASN C 29 -56.64 -20.03 -20.09
C ASN C 29 -57.30 -18.76 -20.12
N ASN C 30 -57.37 -19.20 -19.34
N ASN C 30 -58.59 -18.59 -19.81
CA ASN C 30 -58.80 -18.95 -19.53
CA ASN C 30 -59.62 -19.06 -20.75
C ASN C 30 -59.17 -18.46 -20.94
C ASN C 30 -59.91 -18.07 -21.91
N LYS C 31 -58.45 -17.43 -21.40
N LYS C 31 -59.14 -16.98 -21.99
CA LYS C 31 -58.73 -16.77 -22.68
CA LYS C 31 -59.07 -16.17 -23.22
C LYS C 31 -57.39 -16.47 -23.37
C LYS C 31 -57.62 -15.90 -23.61
N PRO C 32 -56.74 -17.51 -23.92
N PRO C 32 -56.91 -16.95 -24.07
CA PRO C 32 -55.34 -17.49 -24.35
CA PRO C 32 -55.49 -16.86 -24.34
C PRO C 32 -54.95 -16.35 -25.30
C PRO C 32 -55.14 -16.07 -25.59
N SER C 33 -53.72 -16.43 -25.82
N SER C 33 -54.03 -15.33 -25.53
CA SER C 33 -53.20 -15.50 -26.81
CA SER C 33 -53.47 -14.73 -26.74
C SER C 33 -51.96 -16.15 -27.42
C SER C 33 -51.98 -15.06 -26.83
N ILE C 34 -51.13 -15.37 -28.11
N ILE C 34 -51.43 -15.11 -28.02
CA ILE C 34 -50.00 -15.92 -28.87
CA ILE C 34 -50.06 -15.59 -28.08
C ILE C 34 -48.66 -15.37 -28.35
C ILE C 34 -49.09 -14.51 -27.59
N ASP C 35 -48.76 -14.16 -27.84
N ASP C 35 -49.61 -13.34 -27.19
CA ASP C 35 -47.66 -13.48 -27.21
CA ASP C 35 -48.74 -12.31 -26.62
C ASP C 35 -47.71 -13.75 -25.72
C ASP C 35 -48.86 -12.27 -25.10
N ASP C 36 -48.30 -14.87 -25.32
N ASP C 36 -49.52 -13.26 -24.52
CA ASP C 36 -48.40 -15.21 -23.89
CA ASP C 36 -49.52 -13.41 -23.08
C ASP C 36 -47.00 -15.46 -23.31
C ASP C 36 -48.12 -13.83 -22.64
N TRP C 37 -46.71 -14.88 -22.15
N TRP C 37 -47.68 -13.27 -21.52
CA TRP C 37 -45.39 -15.06 -21.57
CA TRP C 37 -46.37 -13.62 -21.01
C TRP C 37 -45.37 -15.15 -20.05
C TRP C 37 -46.35 -13.74 -19.49
N ILE C 38 -44.28 -15.72 -19.55
N ILE C 38 -45.26 -14.32 -18.97
CA ILE C 38 -44.10 -15.90 -18.12
CA ILE C 38 -45.09 -14.50 -17.56
C ILE C 38 -42.94 -15.04 -17.62
C ILE C 38 -43.83 -13.78 -17.10
N GLY C 39 -43.16 -14.33 -16.52
N GLY C 39 -43.97 -13.02 -16.03
CA GLY C 39 -42.10 -13.58 -15.86
CA GLY C 39 -42.84 -12.35 -15.39
C GLY C 39 -41.71 -14.17 -14.53
C GLY C 39 -42.49 -12.97 -14.05
N VAL C 40 -40.42 -14.11 -14.21
N VAL C 40 -41.19 -12.96 -13.76
CA VAL C 40 -39.87 -14.49 -12.90
CA VAL C 40 -40.68 -13.38 -12.48
C VAL C 40 -39.61 -13.23 -12.12
C VAL C 40 -40.34 -12.10 -11.71
N PHE C 41 -40.16 -13.15 -10.91
N PHE C 41 -40.92 -11.97 -10.53
CA PHE C 41 -40.02 -11.98 -10.07
CA PHE C 41 -40.68 -10.83 -9.63
C PHE C 41 -39.37 -12.35 -8.77
C PHE C 41 -40.01 -11.21 -8.31
N SER C 42 -38.41 -11.52 -8.35
N SER C 42 -39.01 -10.41 -7.92
CA SER C 42 -37.80 -11.66 -7.04
CA SER C 42 -38.37 -10.56 -6.63
C SER C 42 -37.38 -10.28 -6.56
C SER C 42 -37.87 -9.20 -6.19
N PRO C 43 -37.91 -9.82 -5.40
N PRO C 43 -38.38 -8.69 -5.08
CA PRO C 43 -38.89 -10.36 -4.45
CA PRO C 43 -39.34 -9.29 -4.13
C PRO C 43 -40.32 -10.55 -4.99
C PRO C 43 -40.58 -9.87 -4.76
N ALA C 44 -41.34 -10.55 -4.09
N ALA C 44 -41.04 -11.04 -4.25
CA ALA C 44 -42.70 -11.05 -4.42
CA ALA C 44 -42.27 -11.71 -4.72
C ALA C 44 -43.79 -9.98 -4.42
C ALA C 44 -43.44 -10.75 -4.69
N ASN C 45 -43.81 -9.12 -3.43
N ASN C 45 -43.38 -9.74 -3.84
CA ASN C 45 -44.77 -8.06 -3.45
CA ASN C 45 -44.31 -8.63 -3.93
C ASN C 45 -44.47 -7.28 -4.72
C ASN C 45 -43.80 -7.55 -4.87
N PHE C 46 -44.31 -8.01 -5.84
N PHE C 46 -44.67 -7.10 -5.77
CA PHE C 46 -43.98 -7.38 -7.13
CA PHE C 46 -44.26 -6.18 -6.83
C PHE C 46 -45.15 -6.56 -7.64
C PHE C 46 -45.40 -5.21 -7.17
N SER C 47 -44.84 -5.50 -8.38
N SER C 47 -45.06 -4.12 -7.83
CA SER C 47 -45.84 -4.64 -9.01
CA SER C 47 -46.06 -3.22 -8.39
C SER C 47 -45.94 -4.92 -10.52
C SER C 47 -46.23 -3.42 -9.91
N ALA C 48 -47.14 -5.23 -11.00
N ALA C 48 -47.47 -3.69 -10.32
CA ALA C 48 -47.40 -5.33 -12.44
CA ALA C 48 -47.83 -3.88 -11.72
C ALA C 48 -47.97 -4.01 -12.99
C ALA C 48 -48.33 -2.58 -12.33
N SER C 49 -47.89 -2.95 -12.18
N SER C 49 -48.23 -1.51 -11.56
CA SER C 49 -48.21 -1.61 -12.68
CA SER C 49 -48.57 -0.20 -12.06
C SER C 49 -47.25 -1.28 -13.78
C SER C 49 -47.65 0.11 -13.23
N THR C 50 -47.71 -0.44 -14.71
N THR C 50 -48.12 0.94 -14.16
CA THR C 50 -46.90 -0.01 -15.83
CA THR C 50 -47.28 1.37 -15.25
C THR C 50 -46.13 1.24 -15.45
C THR C 50 -46.39 2.53 -14.81
N CYS C 51 -44.82 1.18 -15.63
N CYS C 51 -45.13 2.47 -15.23
CA CYS C 51 -43.94 2.31 -15.40
CA CYS C 51 -44.17 3.53 -14.99
C CYS C 51 -43.35 2.69 -16.76
C CYS C 51 -43.59 3.87 -16.35
N PRO C 52 -43.90 3.73 -17.41
N PRO C 52 -44.09 4.94 -16.99
CA PRO C 52 -43.49 3.97 -18.79
CA PRO C 52 -43.75 5.25 -18.37
C PRO C 52 -42.00 4.28 -18.83
C PRO C 52 -42.28 5.55 -18.53
N GLY C 53 -41.34 3.91 -19.92
N GLY C 53 -41.75 5.21 -19.70
CA GLY C 53 -39.91 4.24 -20.08
CA GLY C 53 -40.35 5.45 -19.95
C GLY C 53 -39.67 5.74 -20.08
C GLY C 53 -40.06 6.93 -19.83
N GLU C 54 -38.48 6.15 -19.64
N GLU C 54 -38.89 7.27 -19.28
CA GLU C 54 -38.13 7.60 -19.69
CA GLU C 54 -38.45 8.64 -19.28
C GLU C 54 -36.84 7.90 -20.44
C GLU C 54 -37.12 8.89 -19.96
N ASN C 55 -36.06 6.88 -20.77
N ASN C 55 -36.44 7.82 -20.39
CA ASN C 55 -34.87 7.10 -21.60
CA ASN C 55 -35.27 7.97 -21.26
C ASN C 55 -34.60 5.85 -22.41
C ASN C 55 -35.02 6.71 -22.09
N LYS C 56 -33.61 5.89 -23.28
N LYS C 56 -33.98 6.72 -22.93
CA LYS C 56 -33.36 4.76 -24.18
CA LYS C 56 -33.80 5.61 -23.87
C LYS C 56 -32.90 3.51 -23.42
C LYS C 56 -33.33 4.34 -23.19
N MET C 57 -32.62 3.66 -22.13
N MET C 57 -32.99 4.43 -21.90
CA MET C 57 -32.12 2.57 -21.28
CA MET C 57 -32.51 3.25 -21.19
C MET C 57 -33.24 1.82 -20.55
C MET C 57 -33.62 2.67 -20.30
N THR C 58 -34.42 2.43 -20.51
N THR C 58 -34.78 3.34 -20.24
CA THR C 58 -35.54 1.78 -19.86
CA THR C 58 -35.96 2.75 -19.59
C THR C 58 -36.30 1.06 -20.95
C THR C 58 -36.82 2.09 -20.67
N ASN C 59 -36.39 -0.27 -20.86
N ASN C 59 -36.98 0.76 -20.57
CA ASN C 59 -36.91 -1.06 -21.96
CA ASN C 59 -37.47 -0.06 -21.69
C ASN C 59 -38.15 -1.89 -21.58
C ASN C 59 -38.70 -0.87 -21.29
N PRO C 60 -38.84 -2.48 -22.58
N PRO C 60 -39.47 -1.38 -22.28
CA PRO C 60 -39.97 -3.37 -22.29
CA PRO C 60 -40.58 -2.27 -21.94
C PRO C 60 -39.47 -4.71 -21.75
C PRO C 60 -40.11 -3.63 -21.42
N PRO C 61 -40.26 -5.38 -20.91
N PRO C 61 -40.87 -4.24 -20.52
CA PRO C 61 -41.54 -4.89 -20.46
CA PRO C 61 -42.16 -3.75 -20.03
C PRO C 61 -41.44 -3.78 -19.43
C PRO C 61 -42.04 -2.66 -18.98
N PHE C 62 -42.29 -2.76 -19.56
N PHE C 62 -42.87 -1.63 -19.14
CA PHE C 62 -42.27 -1.57 -18.72
CA PHE C 62 -42.76 -0.41 -18.38
C PHE C 62 -43.07 -1.77 -17.45
C PHE C 62 -43.50 -0.51 -17.06
N LEU C 63 -42.62 -2.70 -16.61
N LEU C 63 -43.09 -1.49 -16.24
CA LEU C 63 -43.28 -2.97 -15.36
CA LEU C 63 -43.69 -1.74 -14.94
C LEU C 63 -42.55 -2.26 -14.23
C LEU C 63 -42.91 -1.04 -13.85
N CYS C 64 -43.27 -1.84 -13.21
N CYS C 64 -43.61 -0.53 -12.84
CA CYS C 64 -42.61 -1.14 -12.12
CA CYS C 64 -42.96 0.15 -11.72
C CYS C 64 -41.64 -2.05 -11.35
C CYS C 64 -42.00 -0.76 -10.96
N SER C 65 -41.93 -3.35 -11.31
N SER C 65 -42.29 -2.06 -10.99
CA SER C 65 -40.95 -4.32 -10.84
CA SER C 65 -41.40 -3.10 -10.46
C SER C 65 -40.33 -5.10 -12.01
C SER C 65 -40.82 -3.87 -11.67
N ALA C 66 -39.05 -4.87 -12.28
N ALA C 66 -39.54 -3.69 -12.02
CA ALA C 66 -38.47 -5.53 -13.44
CA ALA C 66 -38.97 -4.43 -13.14
C ALA C 66 -38.32 -7.01 -13.14
C ALA C 66 -38.88 -5.89 -12.77
N PRO C 67 -38.87 -7.88 -14.00
N PRO C 67 -39.44 -6.76 -13.64
CA PRO C 67 -38.61 -9.31 -13.79
CA PRO C 67 -39.26 -8.17 -13.40
C PRO C 67 -37.12 -9.65 -13.86
C PRO C 67 -37.80 -8.60 -13.49
N ILE C 68 -36.77 -10.75 -13.20
N ILE C 68 -37.52 -9.76 -12.92
CA ILE C 68 -35.46 -11.36 -13.25
CA ILE C 68 -36.22 -10.36 -13.00
C ILE C 68 -35.18 -11.86 -14.65
C ILE C 68 -35.96 -10.85 -14.40
N LYS C 69 -36.18 -12.58 -15.19
N LYS C 69 -36.97 -11.50 -14.95
CA LYS C 69 -36.11 -13.15 -16.51
CA LYS C 69 -36.90 -12.02 -16.29
C LYS C 69 -37.55 -13.51 -16.93
C LYS C 69 -38.32 -12.34 -16.71
N PHE C 70 -37.71 -13.92 -18.18
N PHE C 70 -38.50 -12.75 -17.95
CA PHE C 70 -39.04 -14.16 -18.72
CA PHE C 70 -39.84 -12.94 -18.45
C PHE C 70 -38.95 -14.99 -20.00
C PHE C 70 -39.88 -13.81 -19.70
N GLN C 71 -40.04 -15.66 -20.35
N GLN C 71 -41.01 -14.48 -19.94
CA GLN C 71 -40.01 -16.55 -21.50
CA GLN C 71 -41.05 -15.39 -21.06
C GLN C 71 -41.41 -16.72 -22.02
C GLN C 71 -42.48 -15.47 -21.58
N TYR C 72 -41.52 -17.03 -23.31
N TYR C 72 -42.64 -15.75 -22.85
CA TYR C 72 -42.84 -17.21 -23.93
CA TYR C 72 -43.99 -15.95 -23.43
C TYR C 72 -43.44 -18.53 -23.55
C TYR C 72 -44.69 -17.20 -22.92
N ALA C 73 -44.76 -18.57 -23.48
N ALA C 73 -46.01 -17.09 -22.70
CA ALA C 73 -45.51 -19.72 -22.95
CA ALA C 73 -46.79 -18.19 -22.11
C ALA C 73 -45.23 -21.00 -23.74
C ALA C 73 -46.75 -19.47 -22.95
N ASN C 74 -45.05 -20.80 -25.04
N ASN C 74 -46.58 -19.32 -24.25
CA ASN C 74 -44.88 -21.86 -26.03
CA ASN C 74 -46.58 -20.47 -25.14
C ASN C 74 -43.43 -22.22 -26.29
C ASN C 74 -45.18 -20.99 -25.46
N PHE C 75 -42.50 -21.60 -25.56
N PHE C 75 -44.20 -20.59 -24.69
CA PHE C 75 -41.15 -22.09 -25.62
CA PHE C 75 -42.83 -20.84 -25.08
C PHE C 75 -41.32 -23.55 -25.22
C PHE C 75 -42.54 -22.32 -25.13
N SER C 76 -42.55 -23.92 -24.92
N SER C 76 -42.99 -23.04 -24.10
CA SER C 76 -42.76 -25.23 -24.38
CA SER C 76 -42.62 -24.41 -23.93
C SER C 76 -44.20 -25.66 -24.56
C SER C 76 -43.75 -25.34 -24.31
N SER C 77 -45.07 -24.66 -24.56
N SER C 77 -44.87 -25.23 -23.60
CA SER C 77 -46.48 -24.87 -24.67
CA SER C 77 -46.05 -25.94 -23.99
C SER C 77 -46.97 -24.29 -25.99
C SER C 77 -46.18 -25.71 -25.50
N HIS C 78 -46.48 -24.84 -27.10
N HIS C 78 -45.14 -26.07 -26.26
CA HIS C 78 -47.04 -24.56 -28.47
CA HIS C 78 -45.19 -25.98 -27.71
C HIS C 78 -48.47 -25.01 -28.64
C HIS C 78 -46.69 -25.98 -28.07
N SER C 79 -48.56 -26.31 -28.90
N SER C 79 -47.44 -25.13 -27.34
CA SER C 79 -49.78 -27.01 -28.75
CA SER C 79 -48.85 -24.73 -27.56
C SER C 79 -50.34 -26.21 -27.60
C SER C 79 -49.41 -23.93 -26.31
N TYR C 80 -49.45 -25.43 -26.98
N TYR C 80 -50.67 -23.44 -26.37
CA TYR C 80 -49.93 -24.39 -26.07
CA TYR C 80 -51.32 -22.59 -25.32
C TYR C 80 -51.04 -23.72 -26.86
C TYR C 80 -52.41 -21.65 -25.90
N LYS C 81 -50.62 -22.89 -27.82
N LYS C 81 -52.25 -21.21 -27.13
CA LYS C 81 -51.53 -22.12 -28.67
CA LYS C 81 -53.19 -20.27 -27.69
C LYS C 81 -52.79 -22.91 -28.99
C LYS C 81 -54.54 -20.95 -27.96
N ASP C 82 -52.62 -24.22 -29.16
N ASP C 82 -54.60 -22.27 -27.83
CA ASP C 82 -53.74 -25.11 -29.51
CA ASP C 82 -55.77 -23.07 -28.22
C ASP C 82 -54.27 -25.92 -28.33
C ASP C 82 -56.56 -23.53 -27.01
N THR C 83 -53.54 -25.93 -27.23
N THR C 83 -55.85 -23.83 -25.91
CA THR C 83 -53.89 -26.71 -26.06
CA THR C 83 -56.50 -24.39 -24.74
C THR C 83 -54.31 -25.76 -24.91
C THR C 83 -56.45 -23.47 -23.53
N GLY C 84 -53.69 -24.58 -24.88
N GLY C 84 -55.56 -22.48 -23.56
CA GLY C 84 -53.87 -23.64 -23.76
CA GLY C 84 -55.42 -21.50 -22.44
C GLY C 84 -53.21 -24.08 -22.46
C GLY C 84 -54.54 -22.07 -21.35
N LYS C 85 -52.26 -25.01 -22.57
N LYS C 85 -54.06 -23.28 -21.59
CA LYS C 85 -51.48 -25.47 -21.42
CA LYS C 85 -53.31 -24.03 -20.60
C LYS C 85 -50.03 -25.66 -21.81
C LYS C 85 -51.83 -24.06 -20.98
N GLY C 86 -49.13 -25.48 -20.84
N GLY C 86 -50.96 -24.00 -19.98
CA GLY C 86 -47.71 -25.58 -21.11
CA GLY C 86 -49.56 -23.99 -20.26
C GLY C 86 -46.87 -25.71 -19.86
C GLY C 86 -48.73 -24.15 -19.01
N SER C 87 -45.60 -26.01 -20.06
N SER C 87 -47.47 -24.52 -19.21
CA SER C 87 -44.63 -26.14 -18.99
CA SER C 87 -46.50 -24.54 -18.11
C SER C 87 -43.33 -25.45 -19.40
C SER C 87 -45.14 -24.03 -18.61
N LEU C 88 -42.58 -25.08 -18.38
N LEU C 88 -44.31 -23.61 -17.67
CA LEU C 88 -41.25 -24.48 -18.56
CA LEU C 88 -42.96 -23.14 -17.97
C LEU C 88 -40.38 -25.01 -17.45
C LEU C 88 -42.01 -23.68 -16.92
N LYS C 89 -39.15 -25.37 -17.79
N LYS C 89 -40.82 -24.05 -17.34
CA LYS C 89 -38.16 -25.64 -16.77
CA LYS C 89 -39.69 -24.36 -16.43
C LYS C 89 -37.22 -24.44 -16.78
C LYS C 89 -38.69 -23.21 -16.48
N LEU C 90 -37.07 -23.81 -15.62
N LEU C 90 -38.39 -22.64 -15.33
CA LEU C 90 -36.16 -22.67 -15.45
CA LEU C 90 -37.40 -21.54 -15.29
C LEU C 90 -35.12 -22.97 -14.38
C LEU C 90 -36.35 -21.85 -14.24
N GLN C 91 -33.89 -22.55 -14.59
N GLN C 91 -35.13 -21.44 -14.53
CA GLN C 91 -32.81 -22.68 -13.62
CA GLN C 91 -34.06 -21.70 -13.60
C GLN C 91 -32.73 -21.35 -12.87
C GLN C 91 -33.74 -20.42 -12.79
N LEU C 92 -33.12 -21.31 -11.60
N LEU C 92 -33.97 -20.50 -11.50
CA LEU C 92 -33.21 -20.03 -10.87
CA LEU C 92 -33.69 -19.40 -10.59
C LEU C 92 -32.00 -19.85 -10.01
C LEU C 92 -32.39 -19.62 -9.79
N ILE C 93 -31.56 -18.58 -9.79
CA ILE C 93 -30.44 -18.42 -8.88
C ILE C 93 -30.90 -17.76 -7.60
N ASN C 94 -30.24 -18.29 -6.56
N ASN C 94 -30.25 -18.00 -6.46
CA ASN C 94 -30.39 -17.77 -5.24
CA ASN C 94 -30.69 -17.28 -5.23
C ASN C 94 -29.65 -16.49 -5.24
C ASN C 94 -30.17 -15.81 -5.22
N GLN C 95 -30.39 -15.42 -5.15
N GLN C 95 -31.04 -14.82 -5.00
CA GLN C 95 -29.83 -14.11 -5.02
CA GLN C 95 -30.55 -13.43 -4.82
C GLN C 95 -30.71 -13.43 -3.99
C GLN C 95 -31.30 -12.65 -3.72
N ARG C 96 -31.04 -14.22 -2.94
N ARG C 96 -31.62 -13.37 -2.66
CA ARG C 96 -31.69 -13.68 -1.74
CA ARG C 96 -32.24 -12.79 -1.49
C ARG C 96 -33.18 -13.41 -2.03
C ARG C 96 -33.74 -12.55 -1.76
N SER C 97 -33.92 -13.12 -0.98
N SER C 97 -34.44 -12.17 -0.71
CA SER C 97 -35.32 -12.91 -1.11
CA SER C 97 -35.87 -11.95 -0.75
C SER C 97 -35.99 -14.20 -1.63
C SER C 97 -36.64 -13.21 -1.25
N ASP C 98 -37.06 -14.02 -2.37
N ASP C 98 -37.74 -13.00 -1.94
CA ASP C 98 -37.87 -15.14 -2.86
CA ASP C 98 -38.52 -14.14 -2.40
C ASP C 98 -38.48 -14.86 -4.24
C ASP C 98 -39.07 -13.85 -3.79
N PHE C 99 -39.26 -15.81 -4.76
N PHE C 99 -39.88 -14.76 -4.33
CA PHE C 99 -39.77 -15.78 -6.14
CA PHE C 99 -40.36 -14.69 -5.71
C PHE C 99 -41.28 -15.95 -6.29
C PHE C 99 -41.90 -14.78 -5.83
N SER C 100 -41.86 -15.18 -7.21
N SER C 100 -42.44 -13.99 -6.77
CA SER C 100 -43.20 -15.42 -7.76
CA SER C 100 -43.80 -14.12 -7.33
C SER C 100 -43.02 -15.70 -9.25
C SER C 100 -43.69 -14.35 -8.82
N PHE C 101 -43.97 -16.41 -9.86
N PHE C 101 -44.69 -15.02 -9.39
CA PHE C 101 -44.01 -16.50 -11.33
CA PHE C 101 -44.78 -15.11 -10.82
C PHE C 101 -45.35 -16.04 -11.84
C PHE C 101 -46.15 -14.64 -11.24
N ALA C 102 -45.32 -15.32 -12.95
N ALA C 102 -46.17 -13.88 -12.33
CA ALA C 102 -46.51 -14.65 -13.44
CA ALA C 102 -47.38 -13.27 -12.80
C ALA C 102 -46.71 -14.92 -14.91
C ALA C 102 -47.64 -13.50 -14.29
N LEU C 103 -47.99 -15.18 -15.24
N LEU C 103 -48.91 -13.69 -14.62
CA LEU C 103 -48.42 -15.38 -16.61
CA LEU C 103 -49.38 -13.88 -15.97
C LEU C 103 -49.02 -14.08 -17.14
C LEU C 103 -49.98 -12.57 -16.48
N PHE C 104 -48.56 -13.65 -18.31
N PHE C 104 -49.54 -12.13 -17.66
CA PHE C 104 -49.09 -12.47 -18.96
CA PHE C 104 -50.00 -10.89 -18.28
C PHE C 104 -49.58 -12.78 -20.38
C PHE C 104 -50.58 -11.13 -19.66
N THR C 105 -50.52 -11.97 -20.85
N THR C 105 -51.53 -10.28 -20.06
CA THR C 105 -50.87 -11.92 -22.26
CA THR C 105 -51.96 -10.20 -21.44
C THR C 105 -50.54 -10.52 -22.73
C THR C 105 -51.46 -8.88 -22.02
N GLY C 106 -50.57 -10.30 -24.04
N GLY C 106 -51.49 -8.77 -23.34
CA GLY C 106 -50.37 -8.97 -24.58
CA GLY C 106 -51.21 -7.51 -24.01
C GLY C 106 -48.94 -8.72 -25.02
C GLY C 106 -49.76 -7.31 -24.42
N GLY C 107 -48.09 -9.73 -24.87
N GLY C 107 -48.92 -8.31 -24.20
CA GLY C 107 -46.69 -9.57 -25.23
CA GLY C 107 -47.55 -8.27 -24.68
C GLY C 107 -45.93 -8.72 -24.23
C GLY C 107 -46.74 -7.32 -23.82
N LEU C 108 -44.67 -8.47 -24.55
N LEU C 108 -45.53 -7.04 -24.24
CA LEU C 108 -43.82 -7.65 -23.68
CA LEU C 108 -44.61 -6.32 -23.36
C LEU C 108 -44.18 -6.17 -23.81
C LEU C 108 -44.95 -4.83 -23.32
N THR C 109 -44.79 -5.81 -24.93
N THR C 109 -45.65 -4.35 -24.35
CA THR C 109 -45.15 -4.41 -25.22
CA THR C 109 -45.88 -2.91 -24.50
C THR C 109 -46.34 -3.89 -24.41
C THR C 109 -47.20 -2.43 -23.89
N ASN C 110 -47.02 -5.14 -24.42
N ASN C 110 -48.12 -3.35 -23.61
CA ASN C 110 -48.47 -5.19 -24.23
CA ASN C 110 -49.42 -2.97 -23.02
C ASN C 110 -48.95 -6.09 -23.08
C ASN C 110 -49.93 -4.00 -22.04
N PRO C 111 -48.21 -5.99 -21.80
N PRO C 111 -49.04 -4.41 -21.12
CA PRO C 111 -48.56 -7.18 -21.03
CA PRO C 111 -49.37 -5.53 -20.26
C PRO C 111 -49.80 -6.95 -20.13
C PRO C 111 -50.56 -5.25 -19.34
N LYS C 112 -50.63 -7.99 -20.00
N LYS C 112 -51.40 -6.26 -19.16
CA LYS C 112 -51.74 -7.97 -19.06
CA LYS C 112 -52.45 -6.19 -18.16
C LYS C 112 -51.56 -9.20 -18.18
C LYS C 112 -52.30 -7.40 -17.28
N LEU C 113 -51.40 -8.98 -16.88
N LEU C 113 -52.26 -7.19 -15.98
CA LEU C 113 -51.20 -10.06 -15.92
CA LEU C 113 -52.12 -8.29 -15.06
C LEU C 113 -52.48 -10.84 -15.82
C LEU C 113 -53.40 -9.14 -14.95
N ILE C 114 -52.39 -12.17 -15.81
N ILE C 114 -53.28 -10.45 -15.03
CA ILE C 114 -53.60 -13.02 -15.77
CA ILE C 114 -54.47 -11.31 -14.85
C ILE C 114 -53.52 -14.14 -14.76
C ILE C 114 -54.35 -12.40 -13.81
N ALA C 115 -52.32 -14.46 -14.29
N ALA C 115 -53.13 -12.75 -13.38
CA ALA C 115 -52.17 -15.44 -13.22
CA ALA C 115 -52.99 -13.77 -12.35
C ALA C 115 -50.83 -15.29 -12.51
C ALA C 115 -51.64 -13.66 -11.68
N VAL C 116 -50.86 -15.56 -11.21
N VAL C 116 -51.61 -13.98 -10.40
CA VAL C 116 -49.68 -15.47 -10.37
CA VAL C 116 -50.39 -13.95 -9.63
C VAL C 116 -49.51 -16.79 -9.62
C VAL C 116 -50.30 -15.26 -8.88
N SER C 117 -48.28 -17.22 -9.46
N SER C 117 -49.08 -15.76 -8.69
CA SER C 117 -48.00 -18.51 -8.85
CA SER C 117 -48.88 -17.04 -8.08
C SER C 117 -47.90 -18.44 -7.34
C SER C 117 -48.65 -16.95 -6.60
N ASN C 118 -47.75 -19.62 -6.75
N ASN C 118 -48.55 -18.13 -6.00
CA ASN C 118 -47.31 -19.74 -5.38
CA ASN C 118 -48.01 -18.31 -4.66
C ASN C 118 -45.88 -19.23 -5.32
C ASN C 118 -46.56 -17.84 -4.65
N LYS C 119 -45.47 -18.89 -4.11
N LYS C 119 -46.05 -17.52 -3.46
CA LYS C 119 -44.14 -18.36 -3.86
CA LYS C 119 -44.62 -17.16 -3.29
C LYS C 119 -43.14 -19.48 -3.77
C LYS C 119 -43.70 -18.38 -3.08
N VAL C 120 -41.94 -19.18 -4.24
N VAL C 120 -42.44 -18.27 -3.52
CA VAL C 120 -40.83 -20.07 -4.18
CA VAL C 120 -41.47 -19.38 -3.41
C VAL C 120 -39.67 -19.24 -3.60
C VAL C 120 -40.05 -18.87 -3.07
N SER C 121 -39.47 -19.30 -2.29
N SER C 121 -39.10 -19.82 -2.77
CA SER C 121 -38.30 -18.67 -1.67
CA SER C 121 -37.76 -19.52 -2.16
C SER C 121 -37.25 -19.76 -1.55
C SER C 121 -36.68 -20.65 -2.00
N PHE C 122 -35.96 -19.38 -1.60
N PHE C 122 -35.39 -20.26 -2.03
CA PHE C 122 -34.89 -20.28 -1.21
CA PHE C 122 -34.28 -21.17 -1.61
C PHE C 122 -34.94 -20.52 0.29
C PHE C 122 -34.33 -21.37 -0.09
N VAL C 123 -34.43 -21.67 0.71
N VAL C 123 -33.72 -22.44 0.41
CA VAL C 123 -34.45 -22.07 2.11
CA VAL C 123 -33.79 -22.71 1.86
C VAL C 123 -33.66 -21.08 2.94
C VAL C 123 -33.27 -21.54 2.73
N ASN C 124 -32.35 -21.02 2.61
N ASN C 124 -32.41 -20.68 2.18
CA ASN C 124 -31.45 -19.93 3.03
CA ASN C 124 -31.94 -19.49 2.93
C ASN C 124 -31.11 -18.96 1.89
C ASN C 124 -31.68 -18.31 1.97
N PRO C 125 -32.01 -18.03 1.65
N PRO C 125 -32.56 -17.29 1.98
CA PRO C 125 -31.92 -17.00 0.65
CA PRO C 125 -32.45 -16.24 0.99
C PRO C 125 -30.71 -16.11 0.90
C PRO C 125 -31.18 -15.43 1.22
N ASN C 126 -30.30 -16.06 2.16
N ASN C 126 -30.56 -15.64 2.38
CA ASN C 126 -29.34 -15.03 2.58
CA ASN C 126 -29.37 -14.87 2.71
C ASN C 126 -27.98 -15.60 2.56
C ASN C 126 -27.99 -15.59 2.62
N ALA C 127 -27.92 -16.83 2.10
CA ALA C 127 -26.71 -17.61 2.08
C ALA C 127 -25.55 -16.92 1.31
N PRO C 128 -24.31 -17.14 1.75
CA PRO C 128 -23.14 -16.55 1.07
C PRO C 128 -22.99 -17.20 -0.30
N VAL C 129 -23.00 -16.36 -1.35
CA VAL C 129 -22.94 -16.89 -2.71
C VAL C 129 -21.97 -16.12 -3.63
N TYR C 130 -21.56 -16.84 -4.67
CA TYR C 130 -20.86 -16.30 -5.89
C TYR C 130 -19.54 -15.60 -5.54
N PRO C 131 -18.64 -16.30 -4.85
CA PRO C 131 -17.37 -15.64 -4.59
C PRO C 131 -16.61 -15.38 -5.89
N ARG C 132 -15.84 -14.29 -5.88
CA ARG C 132 -15.00 -13.90 -7.02
C ARG C 132 -13.66 -13.47 -6.43
N LEU C 133 -12.61 -14.07 -6.94
CA LEU C 133 -11.24 -13.75 -6.56
C LEU C 133 -10.71 -12.56 -7.36
N ALA C 134 -9.84 -11.78 -6.72
CA ALA C 134 -9.06 -10.76 -7.42
C ALA C 134 -7.75 -10.56 -6.72
N GLN C 135 -6.69 -10.34 -7.49
CA GLN C 135 -5.40 -10.05 -6.93
C GLN C 135 -5.47 -8.79 -6.04
N GLY C 136 -4.76 -8.87 -4.95
CA GLY C 136 -4.76 -7.82 -3.93
C GLY C 136 -3.67 -6.81 -4.12
N LYS C 137 -3.33 -6.10 -3.05
CA LYS C 137 -2.40 -4.95 -3.09
CA LYS C 137 -2.41 -4.96 -3.22
C LYS C 137 -0.94 -5.34 -3.25
N THR C 138 -0.60 -6.57 -2.86
CA THR C 138 0.72 -7.12 -3.03
C THR C 138 0.61 -8.49 -3.69
N TRP C 139 1.73 -8.97 -4.18
CA TRP C 139 1.79 -10.23 -4.95
C TRP C 139 1.34 -11.45 -4.13
N ASP C 140 1.49 -11.35 -2.82
CA ASP C 140 1.17 -12.44 -1.90
C ASP C 140 -0.14 -12.23 -1.13
N GLU C 141 -1.04 -11.43 -1.71
CA GLU C 141 -2.37 -11.19 -1.20
C GLU C 141 -3.35 -11.47 -2.30
N ILE C 142 -4.41 -12.23 -2.01
CA ILE C 142 -5.55 -12.37 -2.92
C ILE C 142 -6.81 -12.03 -2.13
N THR C 143 -7.81 -11.53 -2.81
CA THR C 143 -9.03 -11.11 -2.21
C THR C 143 -10.18 -12.05 -2.65
N VAL C 144 -11.07 -12.30 -1.72
CA VAL C 144 -12.30 -13.06 -1.98
C VAL C 144 -13.46 -12.12 -1.73
N THR C 145 -14.28 -11.85 -2.76
CA THR C 145 -15.42 -10.99 -2.65
C THR C 145 -16.69 -11.82 -2.90
N TRP C 146 -17.64 -11.72 -1.97
CA TRP C 146 -18.93 -12.46 -2.13
C TRP C 146 -20.11 -11.67 -1.68
N THR C 147 -21.33 -12.21 -1.94
CA THR C 147 -22.56 -11.53 -1.67
C THR C 147 -23.40 -12.35 -0.68
N SER C 148 -24.03 -11.66 0.26
CA SER C 148 -24.91 -12.36 1.23
C SER C 148 -26.07 -11.49 1.55
N GLY C 149 -27.03 -12.03 2.32
CA GLY C 149 -28.05 -11.20 2.86
C GLY C 149 -27.84 -10.84 4.32
N TYR C 150 -26.63 -11.04 4.81
CA TYR C 150 -26.32 -10.75 6.24
C TYR C 150 -25.53 -9.44 6.42
N ASP C 151 -26.19 -8.42 6.95
CA ASP C 151 -25.53 -7.17 7.36
C ASP C 151 -24.65 -7.44 8.58
N ILE C 152 -23.78 -6.48 8.91
CA ILE C 152 -22.82 -6.68 9.98
C ILE C 152 -23.47 -6.79 11.35
N ASN C 153 -24.67 -6.26 11.50
CA ASN C 153 -25.45 -6.43 12.74
C ASN C 153 -26.19 -7.79 12.78
N ASP C 154 -26.31 -8.47 11.65
CA ASP C 154 -26.92 -9.84 11.58
C ASP C 154 -25.89 -10.94 11.82
N ALA C 155 -24.64 -10.75 11.33
CA ALA C 155 -23.61 -11.76 11.41
C ALA C 155 -22.25 -11.11 11.14
N GLU C 156 -21.21 -11.69 11.70
CA GLU C 156 -19.85 -11.25 11.43
C GLU C 156 -19.33 -12.10 10.29
N PRO C 157 -19.03 -11.44 9.14
CA PRO C 157 -18.56 -12.19 7.98
C PRO C 157 -17.10 -12.54 8.10
N PHE C 158 -16.68 -13.63 7.49
CA PHE C 158 -15.27 -14.02 7.49
C PHE C 158 -15.02 -15.06 6.42
N VAL C 159 -13.75 -15.30 6.16
CA VAL C 159 -13.33 -16.38 5.30
C VAL C 159 -12.47 -17.28 6.12
N GLU C 160 -12.70 -18.60 6.02
CA GLU C 160 -11.84 -19.57 6.65
C GLU C 160 -11.02 -20.23 5.58
N TRP C 161 -9.70 -20.24 5.74
CA TRP C 161 -8.83 -20.63 4.63
C TRP C 161 -7.50 -21.11 5.08
N GLY C 162 -6.82 -21.81 4.18
CA GLY C 162 -5.48 -22.26 4.41
C GLY C 162 -4.97 -23.16 3.29
N PRO C 163 -3.74 -23.65 3.41
CA PRO C 163 -3.19 -24.55 2.43
C PRO C 163 -4.04 -25.81 2.34
N LYS C 164 -4.14 -26.35 1.14
CA LYS C 164 -4.97 -27.53 0.87
C LYS C 164 -4.54 -28.64 1.83
N GLU C 165 -5.53 -29.19 2.54
CA GLU C 165 -5.30 -30.25 3.53
C GLU C 165 -4.44 -29.81 4.73
N GLY C 166 -4.29 -28.50 4.96
CA GLY C 166 -3.40 -28.00 6.03
C GLY C 166 -4.20 -27.28 7.08
N ASN C 167 -3.55 -26.41 7.86
CA ASN C 167 -4.23 -25.69 8.93
C ASN C 167 -5.01 -24.50 8.40
N LEU C 168 -6.20 -24.31 8.93
CA LEU C 168 -7.10 -23.28 8.47
C LEU C 168 -7.15 -22.18 9.51
N VAL C 169 -7.41 -20.95 9.05
CA VAL C 169 -7.55 -19.79 9.91
C VAL C 169 -8.68 -18.93 9.39
N LYS C 170 -9.24 -18.10 10.27
CA LYS C 170 -10.30 -17.20 9.91
C LYS C 170 -9.73 -15.81 9.72
N THR C 171 -10.25 -15.09 8.73
CA THR C 171 -9.80 -13.72 8.40
C THR C 171 -11.05 -12.88 8.20
N PRO C 172 -11.04 -11.61 8.61
CA PRO C 172 -12.23 -10.80 8.55
C PRO C 172 -12.62 -10.45 7.15
N ALA C 173 -13.76 -9.78 7.03
CA ALA C 173 -14.15 -9.21 5.77
C ALA C 173 -14.67 -7.82 6.00
N GLY C 174 -14.41 -6.93 5.05
CA GLY C 174 -15.05 -5.67 5.03
C GLY C 174 -16.39 -5.82 4.31
N THR C 175 -17.39 -5.08 4.77
CA THR C 175 -18.72 -5.18 4.20
C THR C 175 -19.18 -3.88 3.66
N LEU C 176 -19.62 -3.88 2.39
CA LEU C 176 -20.08 -2.70 1.69
C LEU C 176 -21.43 -3.00 1.02
N THR C 177 -22.20 -1.96 0.75
CA THR C 177 -23.46 -2.09 0.05
C THR C 177 -23.75 -0.78 -0.67
N PHE C 178 -24.91 -0.69 -1.30
CA PHE C 178 -25.37 0.57 -1.84
C PHE C 178 -26.91 0.53 -1.87
N ASP C 179 -27.52 1.68 -2.00
CA ASP C 179 -28.94 1.82 -1.87
C ASP C 179 -29.51 2.55 -3.07
N ARG C 180 -30.84 2.59 -3.16
CA ARG C 180 -31.46 3.14 -4.35
C ARG C 180 -30.96 4.55 -4.67
N ASN C 181 -30.78 5.36 -3.64
CA ASN C 181 -30.45 6.74 -3.85
C ASN C 181 -28.95 6.96 -4.18
N THR C 182 -28.17 5.89 -4.14
CA THR C 182 -26.78 5.93 -4.65
C THR C 182 -26.74 5.92 -6.17
N MET C 183 -27.81 5.40 -6.77
CA MET C 183 -27.95 5.36 -8.24
C MET C 183 -28.23 6.75 -8.76
N CYS C 184 -27.60 7.11 -9.88
CA CYS C 184 -27.66 8.46 -10.34
C CYS C 184 -28.90 8.73 -11.17
N GLY C 185 -29.46 7.72 -11.79
CA GLY C 185 -30.64 7.94 -12.64
C GLY C 185 -31.39 6.67 -12.98
N ALA C 186 -32.41 6.83 -13.83
CA ALA C 186 -33.27 5.71 -14.23
C ALA C 186 -32.68 4.94 -15.40
N PRO C 187 -32.88 3.62 -15.45
CA PRO C 187 -33.75 2.80 -14.57
C PRO C 187 -33.15 2.41 -13.24
N ALA C 188 -31.82 2.59 -13.07
CA ALA C 188 -31.17 2.11 -11.83
C ALA C 188 -31.84 2.66 -10.58
N ARG C 189 -32.22 3.94 -10.58
CA ARG C 189 -32.74 4.62 -9.41
C ARG C 189 -34.26 4.37 -9.24
N THR C 190 -34.89 3.85 -10.30
CA THR C 190 -36.36 3.74 -10.36
C THR C 190 -36.74 2.30 -10.58
N VAL C 191 -37.23 1.99 -11.76
CA VAL C 191 -37.81 0.66 -12.06
C VAL C 191 -36.84 -0.51 -12.01
N GLY C 192 -35.54 -0.25 -12.22
CA GLY C 192 -34.63 -1.34 -12.22
C GLY C 192 -33.96 -1.64 -10.87
N TRP C 193 -34.28 -0.84 -9.87
CA TRP C 193 -33.68 -0.96 -8.53
C TRP C 193 -34.00 -2.32 -7.96
N ARG C 194 -32.97 -3.03 -7.52
CA ARG C 194 -33.13 -4.20 -6.67
C ARG C 194 -32.07 -4.15 -5.57
N ASP C 195 -32.48 -4.43 -4.34
CA ASP C 195 -31.53 -4.43 -3.23
C ASP C 195 -30.41 -5.44 -3.45
N PRO C 196 -29.14 -5.00 -3.34
CA PRO C 196 -27.98 -5.86 -3.60
C PRO C 196 -27.49 -6.78 -2.47
N GLY C 197 -28.14 -6.70 -1.32
CA GLY C 197 -27.64 -7.39 -0.17
C GLY C 197 -26.35 -6.69 0.30
N TYR C 198 -25.38 -7.49 0.67
CA TYR C 198 -24.16 -7.06 1.33
C TYR C 198 -23.05 -7.74 0.60
N ILE C 199 -22.03 -6.94 0.26
CA ILE C 199 -20.89 -7.45 -0.43
C ILE C 199 -19.67 -7.41 0.51
N HIS C 200 -19.05 -8.54 0.66
CA HIS C 200 -18.00 -8.80 1.65
C HIS C 200 -16.72 -9.08 0.93
N THR C 201 -15.62 -8.50 1.42
CA THR C 201 -14.32 -8.81 0.89
C THR C 201 -13.32 -9.18 1.97
N SER C 202 -12.67 -10.32 1.82
CA SER C 202 -11.58 -10.78 2.66
C SER C 202 -10.27 -10.73 1.93
N PHE C 203 -9.24 -10.48 2.73
CA PHE C 203 -7.88 -10.33 2.21
C PHE C 203 -7.04 -11.45 2.75
N LEU C 204 -6.63 -12.35 1.85
CA LEU C 204 -5.89 -13.55 2.21
C LEU C 204 -4.45 -13.28 1.96
N LYS C 205 -3.70 -13.03 3.04
CA LYS C 205 -2.32 -12.55 2.99
C LYS C 205 -1.26 -13.59 3.29
N GLU C 206 -0.02 -13.17 3.07
CA GLU C 206 1.18 -13.98 3.30
C GLU C 206 1.09 -15.31 2.56
N LEU C 207 0.61 -15.26 1.34
CA LEU C 207 0.57 -16.44 0.50
C LEU C 207 1.95 -16.99 0.14
N TRP C 208 2.02 -18.31 -0.02
CA TRP C 208 3.20 -18.94 -0.57
C TRP C 208 2.98 -19.04 -2.09
N PRO C 209 3.92 -18.54 -2.89
CA PRO C 209 3.71 -18.59 -4.34
C PRO C 209 3.51 -20.02 -4.83
N ASN C 210 2.57 -20.18 -5.75
CA ASN C 210 2.30 -21.44 -6.42
C ASN C 210 1.56 -22.50 -5.55
N ARG C 211 1.27 -22.16 -4.31
CA ARG C 211 0.69 -23.15 -3.40
C ARG C 211 -0.77 -23.25 -3.57
N GLU C 212 -1.30 -24.46 -3.34
CA GLU C 212 -2.72 -24.70 -3.37
C GLU C 212 -3.41 -24.41 -2.06
N TYR C 213 -4.50 -23.68 -2.15
CA TYR C 213 -5.31 -23.24 -1.03
C TYR C 213 -6.77 -23.60 -1.15
N THR C 214 -7.44 -23.68 0.01
CA THR C 214 -8.89 -23.80 0.06
C THR C 214 -9.47 -22.67 0.91
N TYR C 215 -10.70 -22.34 0.63
CA TYR C 215 -11.43 -21.34 1.41
C TYR C 215 -12.92 -21.68 1.51
N LYS C 216 -13.54 -21.16 2.57
CA LYS C 216 -14.97 -21.13 2.76
C LYS C 216 -15.40 -19.80 3.26
N LEU C 217 -16.58 -19.39 2.86
CA LEU C 217 -17.22 -18.16 3.23
C LEU C 217 -18.04 -18.47 4.49
N GLY C 218 -18.02 -17.55 5.44
CA GLY C 218 -18.72 -17.77 6.75
C GLY C 218 -19.37 -16.53 7.31
N HIS C 219 -20.52 -16.71 7.99
CA HIS C 219 -21.21 -15.65 8.69
C HIS C 219 -21.53 -16.15 10.08
N ARG C 220 -20.92 -15.55 11.12
CA ARG C 220 -21.24 -15.95 12.48
CA ARG C 220 -21.23 -15.91 12.51
C ARG C 220 -22.42 -15.13 12.97
N LEU C 221 -23.59 -15.78 13.04
CA LEU C 221 -24.77 -15.11 13.50
C LEU C 221 -24.61 -14.75 14.98
N PHE C 222 -25.26 -13.70 15.40
CA PHE C 222 -25.05 -13.28 16.78
C PHE C 222 -25.75 -14.21 17.77
N ASN C 223 -26.67 -15.04 17.30
CA ASN C 223 -27.10 -16.20 18.12
C ASN C 223 -26.03 -17.31 18.26
N GLY C 224 -24.86 -17.17 17.63
CA GLY C 224 -23.72 -18.08 17.83
C GLY C 224 -23.54 -19.19 16.79
N THR C 225 -24.57 -19.39 15.96
CA THR C 225 -24.49 -20.33 14.87
C THR C 225 -23.76 -19.71 13.67
N THR C 226 -22.89 -20.48 13.04
CA THR C 226 -22.17 -20.02 11.85
C THR C 226 -22.79 -20.63 10.60
N ILE C 227 -23.11 -19.77 9.64
CA ILE C 227 -23.58 -20.20 8.32
C ILE C 227 -22.37 -20.28 7.38
N TRP C 228 -22.18 -21.43 6.72
CA TRP C 228 -21.01 -21.69 5.90
C TRP C 228 -21.36 -21.92 4.44
N SER C 229 -20.48 -21.50 3.54
CA SER C 229 -20.54 -21.92 2.16
C SER C 229 -19.90 -23.29 2.03
N LYS C 230 -20.02 -23.84 0.81
CA LYS C 230 -19.19 -24.94 0.39
C LYS C 230 -17.74 -24.55 0.26
N GLU C 231 -16.88 -25.55 0.08
CA GLU C 231 -15.48 -25.34 -0.05
C GLU C 231 -15.12 -24.89 -1.47
N TYR C 232 -14.25 -23.88 -1.57
CA TYR C 232 -13.68 -23.41 -2.84
C TYR C 232 -12.16 -23.55 -2.81
N HIS C 233 -11.46 -23.33 -3.93
CA HIS C 233 -10.03 -23.56 -3.97
C HIS C 233 -9.37 -22.62 -4.98
N PHE C 234 -8.07 -22.40 -4.80
CA PHE C 234 -7.30 -21.59 -5.75
C PHE C 234 -5.86 -21.93 -5.59
N LYS C 235 -5.08 -21.59 -6.62
CA LYS C 235 -3.66 -21.69 -6.59
C LYS C 235 -3.08 -20.26 -6.52
N ALA C 236 -2.23 -20.01 -5.53
CA ALA C 236 -1.60 -18.69 -5.38
C ALA C 236 -0.74 -18.32 -6.57
N SER C 237 -0.77 -17.04 -6.89
CA SER C 237 0.01 -16.51 -7.99
C SER C 237 1.49 -16.72 -7.82
N PRO C 238 2.24 -16.73 -8.92
CA PRO C 238 3.68 -16.72 -8.84
C PRO C 238 4.27 -15.50 -8.11
N TYR C 239 5.50 -15.63 -7.70
CA TYR C 239 6.29 -14.46 -7.28
C TYR C 239 6.54 -13.59 -8.51
N PRO C 240 6.44 -12.25 -8.39
CA PRO C 240 6.70 -11.46 -9.60
C PRO C 240 8.08 -11.70 -10.18
N GLY C 241 8.14 -12.02 -11.47
CA GLY C 241 9.41 -12.31 -12.09
C GLY C 241 9.73 -13.79 -12.20
N GLN C 242 8.88 -14.62 -11.59
CA GLN C 242 9.11 -16.07 -11.59
C GLN C 242 9.07 -16.66 -12.99
N SER C 243 10.01 -17.56 -13.25
CA SER C 243 10.06 -18.38 -14.47
CA SER C 243 9.94 -18.34 -14.50
C SER C 243 9.15 -19.62 -14.36
N SER C 244 7.94 -19.58 -14.93
CA SER C 244 7.04 -20.71 -15.05
C SER C 244 6.11 -20.39 -16.21
N VAL C 245 5.40 -21.38 -16.73
CA VAL C 245 4.48 -21.14 -17.85
C VAL C 245 3.18 -20.52 -17.32
N GLN C 246 2.84 -19.32 -17.85
CA GLN C 246 1.83 -18.49 -17.27
C GLN C 246 0.84 -18.07 -18.35
N ARG C 247 -0.44 -18.32 -18.07
CA ARG C 247 -1.51 -18.20 -19.03
C ARG C 247 -2.58 -17.22 -18.58
N VAL C 248 -2.86 -16.24 -19.43
CA VAL C 248 -3.79 -15.17 -19.18
C VAL C 248 -4.84 -15.05 -20.28
N VAL C 249 -6.10 -14.98 -19.89
CA VAL C 249 -7.18 -14.72 -20.82
C VAL C 249 -7.69 -13.28 -20.68
N ILE C 250 -7.89 -12.65 -21.85
CA ILE C 250 -8.39 -11.30 -21.91
C ILE C 250 -9.52 -11.19 -22.95
N PHE C 251 -10.57 -10.48 -22.60
CA PHE C 251 -11.66 -10.08 -23.52
C PHE C 251 -12.43 -8.95 -22.88
N GLY C 252 -13.21 -8.28 -23.68
CA GLY C 252 -14.24 -7.37 -23.24
C GLY C 252 -15.64 -7.82 -23.58
N ASP C 253 -16.61 -7.18 -22.94
CA ASP C 253 -17.95 -7.03 -23.50
C ASP C 253 -18.72 -8.36 -23.53
N MET C 254 -18.41 -9.25 -22.59
CA MET C 254 -19.11 -10.57 -22.54
C MET C 254 -20.58 -10.50 -22.20
N GLY C 255 -20.98 -9.70 -21.20
CA GLY C 255 -22.37 -9.61 -20.78
C GLY C 255 -22.82 -10.94 -20.21
N LYS C 256 -24.12 -11.12 -20.28
CA LYS C 256 -24.79 -12.27 -19.69
C LYS C 256 -25.98 -12.69 -20.56
N ALA C 257 -26.55 -13.85 -20.20
CA ALA C 257 -27.70 -14.40 -20.88
C ALA C 257 -28.27 -15.53 -20.01
N GLU C 258 -29.58 -15.77 -20.17
CA GLU C 258 -30.26 -16.82 -19.41
C GLU C 258 -30.07 -18.15 -20.11
N ALA C 259 -29.30 -19.04 -19.48
CA ALA C 259 -29.11 -20.39 -19.95
C ALA C 259 -30.44 -21.19 -20.08
N ASP C 260 -31.53 -20.69 -19.47
CA ASP C 260 -32.85 -21.31 -19.61
C ASP C 260 -33.69 -20.71 -20.76
N GLY C 261 -33.12 -19.73 -21.48
CA GLY C 261 -33.64 -19.21 -22.74
C GLY C 261 -34.63 -18.14 -22.48
N SER C 262 -34.79 -17.78 -21.21
CA SER C 262 -35.72 -16.75 -20.89
C SER C 262 -35.16 -15.43 -21.43
N ASN C 263 -36.07 -14.49 -21.60
CA ASN C 263 -35.76 -13.17 -21.95
C ASN C 263 -35.54 -12.32 -20.67
N GLU C 264 -34.89 -11.18 -20.84
CA GLU C 264 -34.54 -10.33 -19.72
C GLU C 264 -34.20 -8.97 -20.33
N TYR C 265 -34.10 -7.95 -19.52
CA TYR C 265 -33.70 -6.65 -20.02
C TYR C 265 -32.28 -6.74 -20.58
N ASN C 266 -31.99 -5.88 -21.55
CA ASN C 266 -30.62 -5.84 -22.14
C ASN C 266 -30.06 -7.19 -22.51
N ASN C 267 -30.90 -7.94 -23.24
CA ASN C 267 -30.57 -9.30 -23.59
C ASN C 267 -29.94 -9.38 -24.95
N PHE C 268 -28.84 -8.65 -25.13
CA PHE C 268 -28.22 -8.53 -26.44
CA PHE C 268 -28.20 -8.50 -26.43
C PHE C 268 -26.78 -8.99 -26.42
N GLN C 269 -26.54 -10.07 -25.68
CA GLN C 269 -25.22 -10.67 -25.65
C GLN C 269 -25.26 -12.12 -26.02
N PRO C 270 -25.50 -12.38 -27.32
CA PRO C 270 -25.67 -13.78 -27.77
C PRO C 270 -24.46 -14.66 -27.74
N GLY C 271 -23.24 -14.11 -27.62
CA GLY C 271 -22.04 -14.86 -27.46
C GLY C 271 -21.63 -15.13 -26.01
N SER C 272 -22.34 -14.55 -25.05
CA SER C 272 -21.95 -14.60 -23.61
C SER C 272 -21.75 -16.02 -23.10
N LEU C 273 -22.75 -16.87 -23.31
CA LEU C 273 -22.64 -18.24 -22.79
C LEU C 273 -21.57 -19.04 -23.45
N ASN C 274 -21.34 -18.88 -24.76
CA ASN C 274 -20.22 -19.54 -25.39
C ASN C 274 -18.83 -19.17 -24.86
N THR C 275 -18.59 -17.87 -24.68
CA THR C 275 -17.32 -17.44 -24.14
C THR C 275 -17.10 -18.04 -22.73
N THR C 276 -18.10 -17.87 -21.87
CA THR C 276 -18.06 -18.46 -20.51
C THR C 276 -17.76 -19.96 -20.59
N LYS C 277 -18.50 -20.66 -21.45
CA LYS C 277 -18.26 -22.10 -21.65
C LYS C 277 -16.85 -22.44 -22.05
N GLN C 278 -16.27 -21.71 -23.01
CA GLN C 278 -14.93 -22.04 -23.47
C GLN C 278 -13.86 -21.79 -22.40
N ILE C 279 -14.05 -20.72 -21.62
CA ILE C 279 -13.13 -20.46 -20.52
C ILE C 279 -13.25 -21.56 -19.47
N ILE C 280 -14.47 -21.92 -19.11
CA ILE C 280 -14.65 -22.99 -18.09
C ILE C 280 -14.02 -24.28 -18.64
N GLN C 281 -14.27 -24.63 -19.91
CA GLN C 281 -13.68 -25.85 -20.48
CA GLN C 281 -13.69 -25.83 -20.52
C GLN C 281 -12.18 -25.85 -20.44
N ASP C 282 -11.56 -24.67 -20.59
CA ASP C 282 -10.11 -24.63 -20.70
C ASP C 282 -9.45 -24.19 -19.37
N LEU C 283 -10.24 -24.18 -18.31
CA LEU C 283 -9.84 -23.51 -17.06
C LEU C 283 -8.60 -24.06 -16.45
N GLU C 284 -8.35 -25.37 -16.64
CA GLU C 284 -7.13 -25.97 -16.14
C GLU C 284 -5.88 -25.29 -16.69
N ASP C 285 -6.00 -24.65 -17.84
CA ASP C 285 -4.84 -24.03 -18.44
C ASP C 285 -5.04 -22.52 -18.59
N ILE C 286 -5.80 -21.94 -17.67
CA ILE C 286 -5.99 -20.49 -17.59
C ILE C 286 -5.66 -20.10 -16.13
N ASP C 287 -4.74 -19.15 -15.95
CA ASP C 287 -4.29 -18.76 -14.59
C ASP C 287 -4.95 -17.50 -14.04
N ILE C 288 -5.39 -16.62 -14.94
CA ILE C 288 -5.97 -15.35 -14.56
C ILE C 288 -6.76 -14.82 -15.72
N VAL C 289 -7.85 -14.13 -15.45
CA VAL C 289 -8.70 -13.54 -16.46
C VAL C 289 -8.79 -12.03 -16.27
N PHE C 290 -8.76 -11.30 -17.39
CA PHE C 290 -9.10 -9.88 -17.45
C PHE C 290 -10.29 -9.66 -18.36
N HIS C 291 -11.33 -9.11 -17.80
CA HIS C 291 -12.54 -8.77 -18.51
C HIS C 291 -12.54 -7.25 -18.55
N ILE C 292 -12.23 -6.72 -19.73
CA ILE C 292 -11.85 -5.30 -19.86
C ILE C 292 -13.00 -4.37 -20.18
N GLY C 293 -13.96 -4.35 -19.27
CA GLY C 293 -15.09 -3.45 -19.33
C GLY C 293 -16.31 -4.04 -20.06
N ASP C 294 -17.45 -3.38 -19.86
CA ASP C 294 -18.75 -3.87 -20.32
C ASP C 294 -18.94 -5.28 -19.81
N LEU C 295 -19.29 -5.32 -18.52
CA LEU C 295 -19.26 -6.52 -17.75
C LEU C 295 -20.56 -7.34 -17.94
N CYS C 296 -21.68 -6.82 -17.49
CA CYS C 296 -22.98 -7.57 -17.58
C CYS C 296 -24.05 -6.89 -18.41
N TYR C 297 -23.89 -5.62 -18.74
CA TYR C 297 -24.91 -4.82 -19.38
C TYR C 297 -26.24 -4.84 -18.65
N ALA C 298 -26.20 -4.91 -17.33
CA ALA C 298 -27.38 -4.62 -16.56
C ALA C 298 -27.98 -3.29 -16.92
N ASN C 299 -27.12 -2.26 -17.12
CA ASN C 299 -27.58 -0.94 -17.44
C ASN C 299 -28.75 -0.44 -16.61
N GLY C 300 -28.67 -0.67 -15.30
CA GLY C 300 -29.68 -0.16 -14.36
C GLY C 300 -30.76 -1.17 -13.97
N TYR C 301 -30.82 -2.30 -14.64
CA TYR C 301 -31.70 -3.45 -14.25
C TYR C 301 -30.79 -4.33 -13.34
N ILE C 302 -30.66 -3.82 -12.12
CA ILE C 302 -29.63 -4.19 -11.14
C ILE C 302 -29.61 -5.66 -10.79
N SER C 303 -30.76 -6.34 -10.92
CA SER C 303 -30.81 -7.75 -10.61
C SER C 303 -29.79 -8.58 -11.34
N GLN C 304 -29.38 -8.10 -12.52
CA GLN C 304 -28.45 -8.84 -13.34
C GLN C 304 -27.00 -8.87 -12.87
N TRP C 305 -26.63 -8.00 -11.92
CA TRP C 305 -25.29 -8.11 -11.35
C TRP C 305 -25.13 -9.45 -10.63
N ASP C 306 -26.10 -9.83 -9.79
CA ASP C 306 -26.06 -11.17 -9.17
C ASP C 306 -25.97 -12.28 -10.24
N GLN C 307 -26.79 -12.10 -11.28
CA GLN C 307 -26.80 -13.05 -12.40
C GLN C 307 -25.41 -13.25 -12.99
N PHE C 308 -24.72 -12.12 -13.20
CA PHE C 308 -23.39 -12.17 -13.73
C PHE C 308 -22.37 -12.81 -12.80
N THR C 309 -22.43 -12.47 -11.50
CA THR C 309 -21.52 -13.13 -10.57
C THR C 309 -21.73 -14.65 -10.51
N ALA C 310 -22.99 -15.09 -10.64
CA ALA C 310 -23.29 -16.53 -10.69
C ALA C 310 -22.74 -17.17 -11.98
N GLN C 311 -22.97 -16.48 -13.09
CA GLN C 311 -22.50 -16.98 -14.40
C GLN C 311 -21.00 -17.21 -14.44
N ILE C 312 -20.23 -16.25 -13.90
CA ILE C 312 -18.82 -16.40 -13.90
C ILE C 312 -18.21 -17.15 -12.71
N GLU C 313 -19.04 -17.54 -11.74
CA GLU C 313 -18.51 -18.19 -10.54
CA GLU C 313 -18.53 -18.18 -10.53
C GLU C 313 -17.62 -19.38 -10.82
N PRO C 314 -17.96 -20.25 -11.81
CA PRO C 314 -17.05 -21.35 -12.00
C PRO C 314 -15.61 -20.98 -12.42
N ILE C 315 -15.47 -19.77 -12.96
CA ILE C 315 -14.19 -19.22 -13.30
C ILE C 315 -13.60 -18.41 -12.10
N ALA C 316 -14.36 -17.41 -11.68
CA ALA C 316 -13.90 -16.35 -10.75
C ALA C 316 -13.72 -16.89 -9.33
N SER C 317 -14.43 -17.98 -8.98
CA SER C 317 -14.20 -18.58 -7.66
C SER C 317 -12.90 -19.34 -7.53
N THR C 318 -12.20 -19.63 -8.64
CA THR C 318 -10.97 -20.38 -8.63
CA THR C 318 -10.94 -20.39 -8.63
C THR C 318 -9.72 -19.66 -9.17
N VAL C 319 -9.92 -18.74 -10.12
CA VAL C 319 -8.81 -17.89 -10.62
C VAL C 319 -9.20 -16.42 -10.45
N PRO C 320 -8.21 -15.53 -10.31
CA PRO C 320 -8.58 -14.11 -10.21
C PRO C 320 -9.28 -13.65 -11.47
N TYR C 321 -10.31 -12.85 -11.30
CA TYR C 321 -11.17 -12.34 -12.37
C TYR C 321 -11.07 -10.84 -12.24
N MET C 322 -10.13 -10.30 -13.01
CA MET C 322 -9.77 -8.89 -12.90
C MET C 322 -10.57 -8.06 -13.88
N THR C 323 -11.19 -7.01 -13.41
CA THR C 323 -12.12 -6.18 -14.17
C THR C 323 -11.52 -4.80 -14.53
N ALA C 324 -12.06 -4.20 -15.60
CA ALA C 324 -11.91 -2.82 -15.96
C ALA C 324 -13.28 -2.28 -16.15
N SER C 325 -13.39 -0.99 -16.05
CA SER C 325 -14.62 -0.30 -16.18
C SER C 325 -14.78 0.27 -17.57
N GLY C 326 -15.96 0.03 -18.12
CA GLY C 326 -16.36 0.58 -19.41
C GLY C 326 -17.57 1.46 -19.39
N ASN C 327 -18.05 1.83 -20.58
CA ASN C 327 -19.10 2.78 -20.63
C ASN C 327 -20.42 2.26 -20.02
N HIS C 328 -20.68 0.97 -20.15
CA HIS C 328 -21.95 0.43 -19.61
C HIS C 328 -21.84 0.29 -18.07
N GLU C 329 -20.63 0.39 -17.52
CA GLU C 329 -20.51 0.45 -16.05
C GLU C 329 -20.71 1.83 -15.55
N ARG C 330 -20.16 2.84 -16.26
CA ARG C 330 -19.90 4.17 -15.66
C ARG C 330 -20.60 5.35 -16.24
N ASP C 331 -20.81 5.40 -17.57
CA ASP C 331 -21.22 6.63 -18.18
C ASP C 331 -22.59 7.10 -17.73
N TRP C 332 -22.68 8.37 -17.38
CA TRP C 332 -23.98 9.05 -17.13
C TRP C 332 -23.74 10.53 -17.20
N PRO C 333 -24.62 11.28 -17.86
CA PRO C 333 -24.29 12.69 -18.00
C PRO C 333 -24.34 13.42 -16.69
N GLY C 334 -23.46 14.40 -16.56
CA GLY C 334 -23.43 15.24 -15.34
C GLY C 334 -22.92 14.53 -14.10
N THR C 335 -22.07 13.53 -14.28
CA THR C 335 -21.53 12.74 -13.16
C THR C 335 -19.99 12.70 -13.12
N GLY C 336 -19.34 13.61 -13.84
CA GLY C 336 -17.88 13.61 -13.92
C GLY C 336 -17.29 12.50 -14.73
N SER C 337 -18.10 11.71 -15.42
CA SER C 337 -17.53 10.79 -16.40
C SER C 337 -17.15 11.62 -17.65
N PHE C 338 -16.07 11.21 -18.27
CA PHE C 338 -15.47 11.94 -19.39
C PHE C 338 -16.42 11.87 -20.59
N TYR C 339 -17.04 10.68 -20.76
CA TYR C 339 -18.17 10.45 -21.70
C TYR C 339 -19.49 10.66 -20.97
N GLY C 340 -20.37 11.44 -21.60
CA GLY C 340 -21.66 11.78 -21.02
C GLY C 340 -22.81 10.89 -21.48
N ASN C 341 -22.49 9.74 -22.08
CA ASN C 341 -23.50 8.79 -22.59
C ASN C 341 -24.43 8.34 -21.45
N LEU C 342 -25.61 7.86 -21.82
CA LEU C 342 -26.54 7.24 -20.87
C LEU C 342 -26.28 5.76 -20.64
N ASP C 343 -25.15 5.25 -21.07
CA ASP C 343 -24.89 3.83 -21.22
C ASP C 343 -24.94 3.02 -19.94
N SER C 344 -24.70 3.61 -18.77
CA SER C 344 -24.79 2.84 -17.53
C SER C 344 -26.21 2.69 -17.03
N GLY C 345 -27.18 3.33 -17.69
CA GLY C 345 -28.57 3.27 -17.23
C GLY C 345 -28.77 3.75 -15.81
N GLY C 346 -27.95 4.72 -15.40
CA GLY C 346 -28.07 5.36 -14.10
C GLY C 346 -27.23 4.78 -12.99
N GLU C 347 -26.47 3.73 -13.30
CA GLU C 347 -25.59 3.06 -12.33
C GLU C 347 -24.42 3.95 -11.90
N CYS C 348 -23.94 4.75 -12.86
CA CYS C 348 -22.78 5.65 -12.61
C CYS C 348 -21.64 5.00 -11.83
N GLY C 349 -21.32 3.79 -12.23
CA GLY C 349 -20.20 3.02 -11.74
C GLY C 349 -20.40 2.28 -10.42
N VAL C 350 -21.49 2.56 -9.72
CA VAL C 350 -21.63 2.06 -8.34
C VAL C 350 -21.66 0.56 -8.21
N PRO C 351 -22.56 -0.12 -8.97
CA PRO C 351 -22.47 -1.58 -8.90
C PRO C 351 -21.11 -2.15 -9.27
N ALA C 352 -20.50 -1.68 -10.35
CA ALA C 352 -19.26 -2.27 -10.78
C ALA C 352 -18.14 -2.14 -9.73
N GLN C 353 -18.11 -0.97 -9.09
CA GLN C 353 -17.06 -0.66 -8.11
CA GLN C 353 -17.09 -0.63 -8.11
C GLN C 353 -17.34 -1.24 -6.73
N THR C 354 -18.50 -1.91 -6.57
CA THR C 354 -18.87 -2.57 -5.31
C THR C 354 -18.89 -4.09 -5.47
N MET C 355 -19.46 -4.57 -6.57
CA MET C 355 -19.59 -6.02 -6.78
C MET C 355 -18.23 -6.69 -6.99
N PHE C 356 -17.27 -5.94 -7.54
CA PHE C 356 -15.96 -6.43 -7.84
C PHE C 356 -14.90 -5.58 -7.13
N PHE C 357 -13.84 -6.25 -6.74
CA PHE C 357 -12.66 -5.60 -6.16
C PHE C 357 -11.53 -5.61 -7.17
N VAL C 358 -10.87 -4.46 -7.26
CA VAL C 358 -9.57 -4.38 -7.90
C VAL C 358 -8.67 -3.59 -6.97
N PRO C 359 -7.37 -3.80 -7.05
CA PRO C 359 -6.41 -3.09 -6.14
C PRO C 359 -6.09 -1.68 -6.58
N ALA C 360 -7.11 -0.90 -6.92
CA ALA C 360 -6.98 0.52 -7.19
C ALA C 360 -6.80 1.27 -5.89
N GLU C 361 -5.96 2.31 -5.90
CA GLU C 361 -5.91 3.22 -4.75
C GLU C 361 -7.31 3.83 -4.46
N ASN C 362 -8.02 4.21 -5.51
CA ASN C 362 -9.34 4.80 -5.42
C ASN C 362 -10.27 3.98 -6.33
N ARG C 363 -11.15 3.17 -5.73
CA ARG C 363 -11.97 2.26 -6.55
C ARG C 363 -12.94 2.99 -7.45
N GLU C 364 -13.24 4.24 -7.13
CA GLU C 364 -14.06 5.07 -8.02
C GLU C 364 -13.32 5.37 -9.32
N LYS C 365 -12.00 5.50 -9.26
CA LYS C 365 -11.19 5.85 -10.44
C LYS C 365 -10.93 4.60 -11.32
N PHE C 366 -10.79 3.42 -10.69
CA PHE C 366 -10.81 2.13 -11.37
C PHE C 366 -9.61 1.94 -12.31
N TRP C 367 -8.52 2.67 -12.10
CA TRP C 367 -7.27 2.36 -12.77
C TRP C 367 -6.37 1.73 -11.77
N TYR C 368 -5.61 0.73 -12.20
CA TYR C 368 -4.74 0.02 -11.31
C TYR C 368 -3.67 -0.78 -12.03
N SER C 369 -2.68 -1.20 -11.25
CA SER C 369 -1.64 -2.09 -11.75
CA SER C 369 -1.58 -2.04 -11.69
C SER C 369 -1.76 -3.42 -11.06
N THR C 370 -1.41 -4.48 -11.77
CA THR C 370 -1.38 -5.80 -11.15
C THR C 370 -0.33 -6.67 -11.86
N ASP C 371 0.17 -7.69 -11.17
CA ASP C 371 1.19 -8.57 -11.74
C ASP C 371 0.72 -10.01 -11.83
N TYR C 372 1.29 -10.76 -12.77
CA TYR C 372 1.15 -12.21 -12.73
C TYR C 372 2.45 -12.78 -13.25
N GLY C 373 3.38 -13.07 -12.35
CA GLY C 373 4.63 -13.63 -12.70
C GLY C 373 5.46 -12.73 -13.58
N MET C 374 5.72 -13.18 -14.80
CA MET C 374 6.47 -12.40 -15.79
C MET C 374 5.66 -11.22 -16.39
N PHE C 375 4.37 -11.19 -16.18
CA PHE C 375 3.46 -10.17 -16.72
C PHE C 375 3.30 -9.01 -15.73
N ARG C 376 3.33 -7.78 -16.23
CA ARG C 376 2.76 -6.59 -15.58
C ARG C 376 1.62 -6.05 -16.43
N PHE C 377 0.49 -5.80 -15.78
CA PHE C 377 -0.68 -5.21 -16.39
C PHE C 377 -0.96 -3.85 -15.84
N CYS C 378 -1.27 -2.93 -16.75
N CYS C 378 -1.15 -2.87 -16.73
CA CYS C 378 -1.65 -1.60 -16.38
CA CYS C 378 -1.62 -1.53 -16.36
C CYS C 378 -3.02 -1.34 -16.98
C CYS C 378 -3.02 -1.34 -16.97
N ILE C 379 -3.99 -1.17 -16.08
CA ILE C 379 -5.37 -1.05 -16.43
C ILE C 379 -5.86 0.38 -16.32
N ALA C 380 -6.35 0.91 -17.44
CA ALA C 380 -6.93 2.25 -17.55
C ALA C 380 -8.45 2.24 -17.44
N HIS C 381 -8.99 3.41 -17.20
CA HIS C 381 -10.42 3.61 -17.08
C HIS C 381 -10.77 4.61 -18.12
N THR C 382 -11.33 4.14 -19.24
CA THR C 382 -11.60 5.03 -20.37
C THR C 382 -12.80 5.89 -20.22
N GLU C 383 -13.53 5.81 -19.10
CA GLU C 383 -14.62 6.71 -18.86
C GLU C 383 -14.24 7.92 -17.97
N LEU C 384 -12.94 8.01 -17.69
CA LEU C 384 -12.30 9.21 -17.12
C LEU C 384 -11.19 9.68 -18.05
N ASP C 385 -10.86 10.99 -17.99
CA ASP C 385 -9.87 11.54 -18.87
C ASP C 385 -8.54 10.83 -18.65
N TRP C 386 -7.83 10.55 -19.74
CA TRP C 386 -6.56 9.86 -19.74
C TRP C 386 -5.41 10.71 -20.31
N ARG C 387 -5.70 11.96 -20.67
CA ARG C 387 -4.75 12.76 -21.42
C ARG C 387 -3.60 13.29 -20.55
N LYS C 388 -2.53 13.74 -21.19
CA LYS C 388 -1.42 14.31 -20.42
C LYS C 388 -1.90 15.44 -19.51
N GLY C 389 -1.40 15.46 -18.29
CA GLY C 389 -1.85 16.43 -17.30
C GLY C 389 -2.89 15.88 -16.36
N THR C 390 -3.50 14.76 -16.70
CA THR C 390 -4.51 14.20 -15.83
C THR C 390 -3.92 13.29 -14.75
N GLU C 391 -4.70 13.10 -13.71
CA GLU C 391 -4.38 12.14 -12.67
C GLU C 391 -4.13 10.73 -13.26
N GLN C 392 -4.97 10.36 -14.23
CA GLN C 392 -4.87 9.03 -14.79
C GLN C 392 -3.55 8.85 -15.57
N TYR C 393 -3.20 9.84 -16.36
CA TYR C 393 -1.98 9.76 -17.16
C TYR C 393 -0.78 9.59 -16.20
N GLU C 394 -0.77 10.37 -15.12
CA GLU C 394 0.30 10.29 -14.13
CA GLU C 394 0.28 10.27 -14.10
C GLU C 394 0.39 8.86 -13.57
N PHE C 395 -0.76 8.26 -13.24
CA PHE C 395 -0.78 6.91 -12.79
C PHE C 395 -0.19 5.95 -13.82
N ILE C 396 -0.64 6.10 -15.07
CA ILE C 396 -0.20 5.20 -16.11
C ILE C 396 1.32 5.24 -16.27
N GLU C 397 1.87 6.44 -16.28
CA GLU C 397 3.31 6.59 -16.42
C GLU C 397 4.03 5.90 -15.25
N LYS C 398 3.52 6.07 -14.03
CA LYS C 398 4.13 5.45 -12.84
CA LYS C 398 4.18 5.45 -12.87
C LYS C 398 4.10 3.93 -12.94
N CYS C 399 2.98 3.41 -13.38
CA CYS C 399 2.82 1.97 -13.54
C CYS C 399 3.79 1.43 -14.58
N LEU C 400 3.87 2.07 -15.74
CA LEU C 400 4.76 1.58 -16.77
C LEU C 400 6.23 1.71 -16.37
N ALA C 401 6.56 2.74 -15.60
CA ALA C 401 7.92 2.98 -15.14
C ALA C 401 8.41 2.10 -13.99
N SER C 402 7.50 1.51 -13.21
CA SER C 402 7.92 0.83 -12.00
C SER C 402 8.31 -0.62 -12.23
N VAL C 403 8.03 -1.14 -13.42
CA VAL C 403 8.30 -2.58 -13.68
C VAL C 403 9.75 -2.80 -14.10
N ASP C 404 10.33 -3.81 -13.47
CA ASP C 404 11.67 -4.28 -13.80
C ASP C 404 11.52 -5.28 -14.96
N ARG C 405 11.94 -4.89 -16.17
CA ARG C 405 11.62 -5.65 -17.34
C ARG C 405 12.50 -6.86 -17.53
N GLN C 406 13.57 -6.96 -16.75
CA GLN C 406 14.39 -8.19 -16.76
C GLN C 406 13.61 -9.30 -16.08
N LYS C 407 13.00 -8.98 -14.95
CA LYS C 407 12.20 -9.95 -14.21
CA LYS C 407 12.20 -9.96 -14.24
C LYS C 407 10.83 -10.12 -14.82
N GLN C 408 10.21 -9.00 -15.25
CA GLN C 408 8.86 -9.03 -15.77
C GLN C 408 8.84 -8.47 -17.19
N PRO C 409 9.16 -9.28 -18.17
CA PRO C 409 9.34 -8.75 -19.52
C PRO C 409 8.07 -8.30 -20.19
N TRP C 410 6.94 -8.96 -19.86
CA TRP C 410 5.73 -8.83 -20.67
C TRP C 410 4.85 -7.71 -20.09
N LEU C 411 4.88 -6.55 -20.76
CA LEU C 411 4.18 -5.34 -20.32
C LEU C 411 2.92 -5.12 -21.17
N ILE C 412 1.79 -5.22 -20.51
CA ILE C 412 0.49 -5.18 -21.13
C ILE C 412 -0.36 -4.03 -20.62
N PHE C 413 -0.93 -3.30 -21.57
CA PHE C 413 -1.78 -2.17 -21.26
C PHE C 413 -3.21 -2.54 -21.63
N LEU C 414 -4.14 -2.34 -20.72
CA LEU C 414 -5.55 -2.69 -20.94
C LEU C 414 -6.47 -1.52 -20.72
N ALA C 415 -7.50 -1.37 -21.56
CA ALA C 415 -8.44 -0.31 -21.49
C ALA C 415 -9.74 -0.76 -22.16
N HIS C 416 -10.87 -0.17 -21.77
CA HIS C 416 -12.15 -0.58 -22.38
C HIS C 416 -12.28 0.05 -23.78
N ARG C 417 -12.50 1.35 -23.85
CA ARG C 417 -12.68 2.01 -25.15
C ARG C 417 -11.37 1.92 -25.91
N VAL C 418 -11.43 1.97 -27.24
CA VAL C 418 -10.23 1.81 -28.03
C VAL C 418 -9.39 3.10 -28.03
N LEU C 419 -8.28 3.06 -27.32
CA LEU C 419 -7.35 4.18 -27.29
C LEU C 419 -6.27 4.05 -28.32
N GLY C 420 -6.18 2.91 -29.00
CA GLY C 420 -5.10 2.62 -29.91
C GLY C 420 -5.61 2.72 -31.36
N TYR C 421 -6.06 1.58 -31.91
CA TYR C 421 -6.40 1.44 -33.31
C TYR C 421 -7.54 0.46 -33.49
N SER C 422 -8.56 0.87 -34.22
CA SER C 422 -9.69 0.02 -34.60
C SER C 422 -10.27 0.52 -35.92
N SER C 423 -10.65 -0.44 -36.75
CA SER C 423 -11.33 -0.19 -37.99
C SER C 423 -12.86 -0.30 -37.87
N ALA C 424 -13.39 -0.24 -36.65
CA ALA C 424 -14.81 -0.22 -36.44
C ALA C 424 -15.53 0.81 -37.29
N GLY C 425 -16.64 0.38 -37.93
CA GLY C 425 -17.47 1.30 -38.66
C GLY C 425 -17.87 2.55 -37.92
N PHE C 426 -18.24 2.41 -36.64
CA PHE C 426 -18.67 3.59 -35.92
C PHE C 426 -17.57 4.65 -35.68
N TYR C 427 -16.34 4.23 -35.50
CA TYR C 427 -15.23 5.17 -35.41
C TYR C 427 -14.99 5.83 -36.77
N VAL C 428 -14.92 5.01 -37.80
CA VAL C 428 -14.55 5.54 -39.13
C VAL C 428 -15.58 6.57 -39.60
N GLN C 429 -16.85 6.36 -39.26
CA GLN C 429 -17.91 7.32 -39.60
C GLN C 429 -17.76 8.68 -38.95
N GLU C 430 -17.09 8.78 -37.79
CA GLU C 430 -16.80 10.06 -37.19
C GLU C 430 -15.37 10.52 -37.55
N GLY C 431 -14.77 9.87 -38.52
CA GLY C 431 -13.49 10.29 -39.01
C GLY C 431 -12.35 9.91 -38.07
N SER C 432 -12.40 8.70 -37.54
CA SER C 432 -11.37 8.25 -36.59
C SER C 432 -11.17 6.74 -36.68
N PHE C 433 -10.01 6.24 -36.25
CA PHE C 433 -9.74 4.82 -36.06
C PHE C 433 -9.35 4.55 -34.59
N GLU C 434 -10.11 5.17 -33.68
CA GLU C 434 -9.87 5.22 -32.21
C GLU C 434 -10.95 6.10 -31.64
N GLU C 435 -11.12 6.05 -30.31
CA GLU C 435 -11.73 7.18 -29.65
C GLU C 435 -11.00 8.48 -30.03
N PRO C 436 -11.73 9.56 -30.28
CA PRO C 436 -11.08 10.86 -30.37
C PRO C 436 -10.11 11.10 -29.22
N MET C 437 -8.88 11.51 -29.55
CA MET C 437 -7.82 11.75 -28.55
C MET C 437 -7.30 10.49 -27.87
N GLY C 438 -7.67 9.30 -28.36
CA GLY C 438 -7.23 8.02 -27.76
C GLY C 438 -5.77 7.85 -27.58
N ARG C 439 -4.99 8.01 -28.64
CA ARG C 439 -3.60 7.53 -28.65
C ARG C 439 -2.55 8.61 -28.54
N GLU C 440 -2.92 9.86 -28.82
CA GLU C 440 -1.89 10.83 -29.12
C GLU C 440 -1.02 11.15 -27.91
N ASP C 441 -1.62 11.38 -26.75
CA ASP C 441 -0.79 11.56 -25.53
C ASP C 441 -0.20 10.24 -25.03
N LEU C 442 -1.04 9.21 -24.97
CA LEU C 442 -0.62 7.94 -24.38
C LEU C 442 0.47 7.21 -25.15
N GLN C 443 0.52 7.38 -26.47
CA GLN C 443 1.52 6.69 -27.26
C GLN C 443 2.95 7.12 -26.88
N HIS C 444 3.11 8.33 -26.36
CA HIS C 444 4.38 8.73 -25.78
C HIS C 444 4.81 7.75 -24.69
N LEU C 445 3.86 7.38 -23.83
CA LEU C 445 4.17 6.45 -22.72
C LEU C 445 4.33 5.03 -23.22
N TRP C 446 3.44 4.57 -24.10
CA TRP C 446 3.58 3.21 -24.62
C TRP C 446 4.92 3.01 -25.28
N GLN C 447 5.41 4.03 -25.97
CA GLN C 447 6.66 3.91 -26.70
C GLN C 447 7.87 4.09 -25.78
N LYS C 448 7.83 5.11 -24.92
CA LYS C 448 8.93 5.36 -24.00
C LYS C 448 9.20 4.11 -23.14
N TYR C 449 8.13 3.50 -22.64
CA TYR C 449 8.25 2.39 -21.69
C TYR C 449 8.10 1.01 -22.35
N LYS C 450 8.01 1.01 -23.69
CA LYS C 450 7.93 -0.21 -24.47
C LYS C 450 6.81 -1.17 -24.02
N VAL C 451 5.58 -0.69 -24.03
CA VAL C 451 4.42 -1.53 -23.84
C VAL C 451 4.42 -2.57 -25.01
N ASP C 452 4.37 -3.87 -24.69
CA ASP C 452 4.43 -4.89 -25.75
C ASP C 452 3.10 -5.02 -26.51
N ILE C 453 2.02 -5.09 -25.77
CA ILE C 453 0.68 -5.25 -26.33
C ILE C 453 -0.30 -4.37 -25.54
N ALA C 454 -1.13 -3.62 -26.27
CA ALA C 454 -2.22 -2.86 -25.70
C ALA C 454 -3.49 -3.51 -26.22
N MET C 455 -4.44 -3.75 -25.32
CA MET C 455 -5.70 -4.44 -25.66
CA MET C 455 -5.69 -4.45 -25.66
C MET C 455 -6.90 -3.67 -25.20
N TYR C 456 -7.95 -3.71 -26.03
CA TYR C 456 -9.13 -2.96 -25.84
C TYR C 456 -10.37 -3.87 -25.99
N GLY C 457 -11.45 -3.42 -25.39
CA GLY C 457 -12.78 -3.97 -25.64
C GLY C 457 -13.59 -3.01 -26.50
N HIS C 458 -14.88 -2.92 -26.20
CA HIS C 458 -15.81 -1.88 -26.63
C HIS C 458 -16.33 -2.07 -28.04
N VAL C 459 -15.43 -2.27 -28.95
CA VAL C 459 -15.74 -2.70 -30.32
C VAL C 459 -15.94 -4.20 -30.31
N HIS C 460 -17.16 -4.63 -30.70
CA HIS C 460 -17.54 -6.05 -30.57
C HIS C 460 -17.07 -6.84 -31.79
N ASN C 461 -15.77 -7.02 -31.83
CA ASN C 461 -15.05 -7.84 -32.80
C ASN C 461 -13.61 -8.00 -32.40
N TYR C 462 -12.81 -8.67 -33.21
CA TYR C 462 -11.40 -8.85 -32.97
C TYR C 462 -10.62 -8.22 -34.09
N GLU C 463 -9.55 -7.50 -33.74
CA GLU C 463 -8.66 -6.90 -34.74
C GLU C 463 -7.26 -6.82 -34.16
N ARG C 464 -6.24 -7.11 -34.96
CA ARG C 464 -4.86 -7.03 -34.57
C ARG C 464 -4.06 -6.12 -35.49
N THR C 465 -3.27 -5.20 -34.91
CA THR C 465 -2.34 -4.39 -35.70
C THR C 465 -0.90 -4.93 -35.73
N CYS C 466 -0.11 -4.43 -36.70
CA CYS C 466 1.31 -4.53 -36.67
C CYS C 466 1.85 -3.78 -35.42
N PRO C 467 3.06 -4.10 -35.00
CA PRO C 467 3.79 -3.18 -34.10
C PRO C 467 3.79 -1.82 -34.78
N ILE C 468 3.35 -0.80 -34.04
CA ILE C 468 3.00 0.47 -34.61
C ILE C 468 3.30 1.62 -33.66
N TYR C 469 3.62 2.76 -34.26
CA TYR C 469 3.78 4.00 -33.53
C TYR C 469 3.38 5.12 -34.52
N GLN C 470 2.58 6.07 -34.07
CA GLN C 470 2.20 7.25 -34.89
C GLN C 470 1.61 6.83 -36.23
N ASN C 471 0.76 5.81 -36.21
CA ASN C 471 0.05 5.33 -37.40
C ASN C 471 0.88 4.61 -38.40
N VAL C 472 2.14 4.30 -38.04
CA VAL C 472 3.06 3.71 -38.98
C VAL C 472 3.61 2.38 -38.45
N CYS C 473 3.56 1.33 -39.25
CA CYS C 473 4.09 0.02 -38.82
C CYS C 473 5.57 0.12 -38.60
N THR C 474 6.06 -0.45 -37.49
CA THR C 474 7.46 -0.38 -37.18
C THR C 474 8.22 -1.70 -37.43
N ASN C 475 7.47 -2.71 -37.85
CA ASN C 475 7.99 -4.05 -38.09
C ASN C 475 7.02 -4.70 -39.07
N LYS C 476 7.53 -5.43 -40.06
CA LYS C 476 6.73 -5.98 -41.16
CA LYS C 476 6.71 -5.97 -41.16
C LYS C 476 6.24 -7.42 -40.97
N GLU C 477 6.69 -8.07 -39.89
CA GLU C 477 6.26 -9.47 -39.62
C GLU C 477 4.79 -9.58 -39.30
N LYS C 478 4.17 -10.68 -39.70
CA LYS C 478 2.78 -10.92 -39.37
C LYS C 478 2.61 -11.95 -38.25
N HIS C 479 3.62 -12.74 -37.99
CA HIS C 479 3.54 -13.82 -37.00
C HIS C 479 4.73 -14.03 -36.10
N ASN C 480 5.95 -14.05 -36.62
CA ASN C 480 7.12 -14.39 -35.83
C ASN C 480 7.90 -13.11 -35.49
N TYR C 481 7.49 -12.42 -34.43
CA TYR C 481 8.19 -11.21 -34.00
C TYR C 481 9.47 -11.55 -33.25
N LYS C 482 10.59 -10.95 -33.68
CA LYS C 482 11.84 -11.19 -33.11
C LYS C 482 12.53 -9.87 -32.71
N GLY C 483 13.19 -9.85 -31.55
CA GLY C 483 13.99 -8.70 -31.13
C GLY C 483 13.20 -7.47 -30.76
N ASN C 484 13.80 -6.33 -31.01
CA ASN C 484 13.19 -5.03 -30.71
C ASN C 484 12.20 -4.71 -31.84
N LEU C 485 10.94 -4.57 -31.49
CA LEU C 485 9.90 -4.40 -32.49
C LEU C 485 9.63 -2.96 -32.86
N ASN C 486 10.18 -2.03 -32.06
CA ASN C 486 10.06 -0.58 -32.29
C ASN C 486 8.66 0.04 -32.20
N GLY C 487 7.68 -0.72 -31.73
CA GLY C 487 6.35 -0.23 -31.54
C GLY C 487 5.51 -1.23 -30.77
N THR C 488 4.35 -0.79 -30.32
CA THR C 488 3.42 -1.60 -29.57
C THR C 488 2.47 -2.27 -30.54
N ILE C 489 2.11 -3.53 -30.26
CA ILE C 489 1.01 -4.23 -30.94
C ILE C 489 -0.31 -3.90 -30.25
N HIS C 490 -1.31 -3.49 -31.02
CA HIS C 490 -2.61 -3.17 -30.51
C HIS C 490 -3.62 -4.21 -30.93
N VAL C 491 -4.45 -4.60 -30.00
CA VAL C 491 -5.42 -5.68 -30.22
C VAL C 491 -6.77 -5.27 -29.68
N VAL C 492 -7.80 -5.37 -30.52
CA VAL C 492 -9.16 -5.19 -30.10
C VAL C 492 -9.72 -6.59 -29.84
N VAL C 493 -10.28 -6.78 -28.65
CA VAL C 493 -10.82 -8.10 -28.21
C VAL C 493 -12.13 -7.90 -27.50
N GLY C 494 -13.01 -7.10 -28.10
CA GLY C 494 -14.29 -6.76 -27.57
C GLY C 494 -15.41 -7.74 -28.00
N GLY C 495 -15.00 -8.84 -28.56
CA GLY C 495 -15.94 -9.90 -29.05
C GLY C 495 -16.42 -10.90 -28.01
N GLY C 496 -16.47 -10.49 -26.74
CA GLY C 496 -16.76 -11.45 -25.68
C GLY C 496 -18.18 -11.99 -25.65
N GLY C 497 -19.13 -11.25 -26.22
CA GLY C 497 -20.52 -11.69 -26.20
C GLY C 497 -21.56 -10.76 -26.73
N ALA C 498 -21.40 -9.46 -26.50
CA ALA C 498 -22.31 -8.45 -26.98
C ALA C 498 -22.35 -8.38 -28.52
N SER C 499 -23.53 -8.02 -29.03
CA SER C 499 -23.85 -7.97 -30.48
C SER C 499 -22.67 -7.44 -31.29
N LEU C 500 -22.31 -8.19 -32.31
CA LEU C 500 -21.13 -7.91 -33.12
C LEU C 500 -21.21 -6.56 -33.80
N ALA C 501 -20.04 -5.95 -33.92
CA ALA C 501 -19.87 -4.67 -34.56
C ALA C 501 -19.23 -4.82 -35.95
N GLU C 502 -19.80 -4.12 -36.94
CA GLU C 502 -19.24 -4.16 -38.27
CA GLU C 502 -19.29 -4.04 -38.30
C GLU C 502 -17.96 -3.31 -38.39
N PHE C 503 -17.06 -3.79 -39.24
CA PHE C 503 -15.90 -3.05 -39.66
C PHE C 503 -16.26 -2.07 -40.77
N ALA C 504 -15.57 -0.95 -40.82
CA ALA C 504 -15.59 -0.10 -42.00
C ALA C 504 -15.01 -0.83 -43.23
N PRO C 505 -15.46 -0.42 -44.42
CA PRO C 505 -14.95 -0.95 -45.67
C PRO C 505 -13.58 -0.34 -46.07
N ILE C 506 -12.66 -0.24 -45.10
CA ILE C 506 -11.32 0.22 -45.29
C ILE C 506 -10.40 -0.83 -44.72
N ASN C 507 -9.41 -1.25 -45.48
CA ASN C 507 -8.34 -2.09 -45.01
C ASN C 507 -7.07 -1.25 -44.92
N THR C 508 -6.76 -0.85 -43.69
CA THR C 508 -5.66 0.05 -43.48
C THR C 508 -4.32 -0.66 -43.61
N THR C 509 -3.27 0.14 -43.67
CA THR C 509 -1.91 -0.34 -43.76
C THR C 509 -1.49 -1.20 -42.56
N TRP C 510 -2.10 -0.97 -41.42
CA TRP C 510 -1.65 -1.57 -40.15
C TRP C 510 -2.55 -2.68 -39.61
N SER C 511 -3.64 -2.96 -40.28
CA SER C 511 -4.63 -3.95 -39.78
C SER C 511 -4.32 -5.33 -40.35
N ILE C 512 -3.73 -6.20 -39.54
CA ILE C 512 -3.21 -7.50 -39.96
C ILE C 512 -4.33 -8.54 -40.04
N PHE C 513 -5.19 -8.57 -39.05
CA PHE C 513 -6.26 -9.57 -38.96
C PHE C 513 -7.51 -8.98 -38.37
N LYS C 514 -8.65 -9.42 -38.91
CA LYS C 514 -9.94 -9.06 -38.41
C LYS C 514 -10.80 -10.29 -38.28
N ASP C 515 -11.67 -10.30 -37.27
CA ASP C 515 -12.70 -11.36 -37.14
C ASP C 515 -14.02 -10.75 -36.66
N HIS C 516 -15.06 -10.87 -37.48
CA HIS C 516 -16.38 -10.41 -37.12
C HIS C 516 -17.13 -11.58 -36.49
N ASP C 517 -16.81 -11.87 -35.24
CA ASP C 517 -17.36 -13.07 -34.56
C ASP C 517 -16.99 -12.90 -33.10
N PHE C 518 -17.47 -13.83 -32.28
CA PHE C 518 -17.20 -13.80 -30.84
C PHE C 518 -15.94 -14.56 -30.54
N GLY C 519 -15.11 -14.03 -29.63
CA GLY C 519 -13.88 -14.67 -29.30
C GLY C 519 -13.09 -13.91 -28.20
N PHE C 520 -11.95 -14.46 -27.86
CA PHE C 520 -11.11 -13.95 -26.74
C PHE C 520 -9.68 -14.29 -26.99
N VAL C 521 -8.78 -13.67 -26.22
CA VAL C 521 -7.40 -13.89 -26.36
C VAL C 521 -6.83 -14.62 -25.16
N LYS C 522 -5.89 -15.50 -25.46
CA LYS C 522 -5.01 -16.07 -24.47
C LYS C 522 -3.56 -15.73 -24.71
N LEU C 523 -2.93 -15.17 -23.67
CA LEU C 523 -1.50 -14.99 -23.68
C LEU C 523 -0.81 -16.08 -22.87
N THR C 524 0.23 -16.64 -23.46
CA THR C 524 1.07 -17.63 -22.81
C THR C 524 2.51 -17.21 -22.76
N ALA C 525 3.04 -16.94 -21.55
CA ALA C 525 4.42 -16.68 -21.36
C ALA C 525 5.11 -18.00 -21.04
N PHE C 526 5.90 -18.49 -21.98
CA PHE C 526 6.64 -19.75 -21.78
C PHE C 526 7.88 -19.56 -20.93
N ASP C 527 8.56 -18.44 -21.14
CA ASP C 527 9.78 -18.11 -20.43
C ASP C 527 10.02 -16.62 -20.60
N HIS C 528 11.15 -16.14 -20.12
CA HIS C 528 11.38 -14.69 -20.09
C HIS C 528 11.62 -14.13 -21.49
N SER C 529 11.88 -15.00 -22.48
CA SER C 529 12.14 -14.55 -23.85
C SER C 529 11.06 -14.89 -24.89
N ASN C 530 10.04 -15.66 -24.53
CA ASN C 530 9.05 -16.18 -25.46
C ASN C 530 7.62 -16.03 -24.97
N LEU C 531 6.82 -15.24 -25.71
CA LEU C 531 5.44 -15.02 -25.46
C LEU C 531 4.61 -15.46 -26.65
N LEU C 532 3.44 -16.01 -26.39
CA LEU C 532 2.48 -16.37 -27.42
C LEU C 532 1.17 -15.67 -27.19
N LEU C 533 0.59 -15.09 -28.25
CA LEU C 533 -0.75 -14.64 -28.24
C LEU C 533 -1.57 -15.55 -29.17
N GLU C 534 -2.71 -16.00 -28.66
CA GLU C 534 -3.75 -16.73 -29.42
C GLU C 534 -5.09 -16.05 -29.35
N TYR C 535 -5.75 -15.89 -30.51
CA TYR C 535 -7.12 -15.52 -30.58
C TYR C 535 -7.93 -16.80 -30.84
N ARG C 536 -8.93 -17.02 -30.00
CA ARG C 536 -9.82 -18.19 -30.05
C ARG C 536 -11.21 -17.78 -30.23
N LYS C 537 -11.97 -18.49 -31.08
CA LYS C 537 -13.38 -18.18 -31.22
C LYS C 537 -14.14 -18.81 -30.06
N SER C 538 -15.21 -18.16 -29.65
CA SER C 538 -16.07 -18.60 -28.55
C SER C 538 -16.95 -19.78 -28.98
N SER C 539 -17.24 -19.86 -30.28
CA SER C 539 -18.06 -21.00 -30.80
C SER C 539 -17.41 -22.37 -30.59
N ASP C 540 -16.09 -22.50 -30.80
CA ASP C 540 -15.42 -23.79 -30.67
C ASP C 540 -14.16 -23.79 -29.80
N GLY C 541 -13.74 -22.64 -29.28
CA GLY C 541 -12.51 -22.57 -28.53
C GLY C 541 -11.21 -22.77 -29.28
N GLN C 542 -11.25 -22.80 -30.60
CA GLN C 542 -10.05 -23.05 -31.38
C GLN C 542 -9.36 -21.74 -31.83
N VAL C 543 -8.11 -21.88 -32.17
CA VAL C 543 -7.23 -20.75 -32.48
C VAL C 543 -7.39 -20.36 -33.95
N TYR C 544 -7.70 -19.09 -34.20
CA TYR C 544 -7.86 -18.55 -35.54
C TYR C 544 -6.83 -17.45 -35.89
N ASP C 545 -6.14 -16.90 -34.89
CA ASP C 545 -5.02 -15.97 -35.17
C ASP C 545 -4.05 -16.11 -33.99
N SER C 546 -2.81 -15.77 -34.22
CA SER C 546 -1.76 -15.88 -33.26
C SER C 546 -0.50 -15.11 -33.68
N PHE C 547 0.41 -14.91 -32.73
CA PHE C 547 1.75 -14.48 -32.99
C PHE C 547 2.59 -14.80 -31.79
N THR C 548 3.88 -14.82 -32.02
CA THR C 548 4.84 -14.98 -30.98
C THR C 548 5.75 -13.76 -30.91
N ILE C 549 6.26 -13.46 -29.71
CA ILE C 549 7.35 -12.55 -29.54
C ILE C 549 8.50 -13.31 -28.91
N SER C 550 9.65 -13.28 -29.57
CA SER C 550 10.85 -13.90 -29.13
C SER C 550 11.92 -12.82 -29.04
N ARG C 551 12.30 -12.45 -27.82
CA ARG C 551 13.21 -11.32 -27.62
C ARG C 551 13.78 -11.38 -26.21
N ASP C 552 14.95 -10.81 -26.03
CA ASP C 552 15.68 -10.87 -24.77
C ASP C 552 15.67 -9.52 -24.07
N TYR C 553 16.11 -9.51 -22.83
CA TYR C 553 16.18 -8.28 -22.07
C TYR C 553 16.88 -7.17 -22.84
N ARG C 554 17.96 -7.47 -23.54
CA ARG C 554 18.71 -6.44 -24.21
C ARG C 554 17.87 -5.77 -25.34
N ASP C 555 16.88 -6.49 -25.88
CA ASP C 555 16.04 -5.92 -26.92
C ASP C 555 15.07 -4.92 -26.31
N ILE C 556 14.70 -5.13 -25.04
CA ILE C 556 13.82 -4.18 -24.35
C ILE C 556 14.66 -2.92 -24.06
N LEU C 557 15.90 -3.11 -23.67
CA LEU C 557 16.80 -1.98 -23.31
C LEU C 557 17.32 -1.17 -24.47
N ALA C 558 17.26 -1.74 -25.68
CA ALA C 558 17.79 -1.06 -26.86
C ALA C 558 16.90 0.14 -27.18
N CYS C 559 17.51 1.17 -27.76
CA CYS C 559 16.74 2.34 -28.15
C CYS C 559 15.81 2.00 -29.28
N SER C 560 14.66 2.62 -29.22
CA SER C 560 13.73 2.69 -30.35
C SER C 560 13.41 4.16 -30.59
N VAL C 561 12.72 4.46 -31.69
CA VAL C 561 12.27 5.85 -31.85
C VAL C 561 11.41 6.31 -30.67
N ASP C 562 11.71 7.50 -30.11
CA ASP C 562 11.00 8.06 -28.91
C ASP C 562 11.03 7.11 -27.73
N SER C 563 12.10 6.29 -27.66
CA SER C 563 12.34 5.39 -26.56
C SER C 563 13.87 5.25 -26.46
N CYS C 564 14.51 6.32 -26.02
CA CYS C 564 15.97 6.32 -25.97
C CYS C 564 16.46 7.21 -24.82
N PRO C 565 16.84 6.59 -23.66
CA PRO C 565 17.26 7.35 -22.47
C PRO C 565 18.42 8.29 -22.74
N THR C 566 18.55 9.28 -21.84
CA THR C 566 19.66 10.23 -21.88
C THR C 566 20.95 9.53 -21.67
N THR C 567 22.00 10.13 -22.21
CA THR C 567 23.38 9.66 -21.99
C THR C 567 24.35 10.80 -21.61
N THR C 568 25.48 10.39 -21.03
CA THR C 568 26.60 11.29 -20.85
C THR C 568 27.67 10.82 -21.82
N LEU C 569 28.47 11.76 -22.31
CA LEU C 569 29.66 11.40 -23.07
C LEU C 569 30.81 10.90 -22.18
N ALA C 570 30.72 11.16 -20.87
CA ALA C 570 31.82 10.92 -19.96
C ALA C 570 31.96 9.41 -19.74
N SER C 571 33.15 8.99 -19.25
CA SER C 571 33.40 7.58 -18.92
C SER C 571 33.74 7.41 -17.44
C1 NAG D . -18.13 24.18 33.59
C2 NAG D . -18.28 25.68 33.44
C3 NAG D . -19.13 26.23 34.63
C4 NAG D . -20.44 25.48 34.78
C5 NAG D . -20.16 24.00 34.82
C6 NAG D . -21.41 23.11 34.92
C7 NAG D . -16.65 27.24 32.47
C8 NAG D . -15.34 27.93 32.66
N2 NAG D . -17.03 26.39 33.43
O3 NAG D . -19.39 27.59 34.41
O4 NAG D . -20.97 25.92 36.05
O5 NAG D . -19.42 23.59 33.65
O6 NAG D . -22.35 23.48 33.93
O7 NAG D . -17.31 27.46 31.47
C1 NAG D . -22.34 26.31 35.91
C2 NAG D . -22.94 26.50 37.31
C3 NAG D . -24.40 26.97 37.31
C4 NAG D . -24.58 28.10 36.31
C5 NAG D . -23.92 27.73 34.98
C6 NAG D . -24.08 28.76 33.88
C7 NAG D . -23.04 24.16 38.26
C8 NAG D . -24.21 23.65 37.43
N2 NAG D . -22.56 25.38 38.17
O3 NAG D . -24.68 27.42 38.62
O4 NAG D . -25.96 28.37 36.13
O5 NAG D . -22.53 27.51 35.20
O6 NAG D . -23.80 28.09 32.66
O7 NAG D . -22.46 23.41 39.06
C1 NAG E . -6.09 33.79 50.33
C2 NAG E . -6.75 35.12 50.75
C3 NAG E . -7.05 35.99 49.51
C4 NAG E . -5.86 36.08 48.59
C5 NAG E . -5.23 34.69 48.35
C6 NAG E . -3.94 34.76 47.58
C7 NAG E . -7.96 34.61 52.83
C8 NAG E . -9.27 34.43 53.51
N2 NAG E . -8.00 34.90 51.49
O3 NAG E . -7.37 37.27 50.00
O4 NAG E . -6.20 36.70 47.35
O5 NAG E . -4.95 34.04 49.57
O6 NAG E . -2.93 35.54 48.19
O7 NAG E . -6.90 34.47 53.45
C1 NAG E . -5.62 38.00 47.24
C2 NAG E . -5.62 38.41 45.76
C3 NAG E . -5.33 39.91 45.50
C4 NAG E . -6.04 40.82 46.50
C5 NAG E . -5.77 40.28 47.91
C6 NAG E . -6.43 41.15 48.98
C7 NAG E . -4.90 36.63 44.31
C8 NAG E . -3.75 35.98 43.62
N2 NAG E . -4.58 37.69 45.04
O3 NAG E . -5.73 40.17 44.17
O4 NAG E . -5.65 42.19 46.34
O5 NAG E . -6.32 38.97 48.01
O6 NAG E . -7.83 40.99 48.79
O7 NAG E . -6.06 36.20 44.21
C1 NAG F . 13.28 -7.98 39.19
C2 NAG F . 12.90 -8.84 40.38
C3 NAG F . 11.62 -8.34 41.02
C4 NAG F . 11.79 -6.89 41.39
C5 NAG F . 12.20 -6.11 40.15
C6 NAG F . 12.41 -4.63 40.43
C7 NAG F . 13.61 -11.15 40.05
C8 NAG F . 13.29 -12.48 39.46
N2 NAG F . 12.72 -10.18 39.88
O3 NAG F . 11.21 -9.07 42.16
O4 NAG F . 10.57 -6.42 41.92
O5 NAG F . 13.39 -6.63 39.59
O6 NAG F . 13.52 -4.49 41.27
O7 NAG F . 14.66 -10.98 40.68
C1 NAG F . 10.77 -5.68 43.13
C2 NAG F . 9.58 -4.75 43.40
C3 NAG F . 9.78 -4.00 44.73
C4 NAG F . 10.12 -4.98 45.86
C5 NAG F . 11.28 -5.88 45.44
C6 NAG F . 11.59 -6.95 46.49
C7 NAG F . 8.51 -3.91 41.33
C8 NAG F . 8.44 -2.79 40.33
N2 NAG F . 9.39 -3.78 42.34
O3 NAG F . 8.65 -3.22 45.05
O4 NAG F . 10.41 -4.24 47.03
O5 NAG F . 10.97 -6.55 44.23
O6 NAG F . 12.88 -7.44 46.23
O7 NAG F . 7.79 -4.89 41.18
C1 NAG G . 57.07 -19.55 -12.66
C2 NAG G . 58.45 -19.12 -13.10
C3 NAG G . 58.45 -17.63 -13.49
C4 NAG G . 57.36 -17.33 -14.49
C5 NAG G . 56.05 -17.91 -13.97
C6 NAG G . 54.91 -17.72 -14.94
C7 NAG G . 60.08 -20.50 -11.90
C8 NAG G . 61.06 -20.62 -10.79
N2 NAG G . 59.41 -19.32 -12.04
O3 NAG G . 59.72 -17.29 -13.99
O4 NAG G . 57.18 -15.93 -14.58
O5 NAG G . 56.20 -19.31 -13.69
O6 NAG G . 55.02 -18.35 -16.22
O7 NAG G . 59.84 -21.43 -12.66
C1 NAG G . 57.66 -15.40 -15.82
C2 NAG G . 57.03 -14.02 -16.06
C3 NAG G . 57.59 -13.34 -17.29
C4 NAG G . 59.11 -13.41 -17.30
C5 NAG G . 59.57 -14.85 -17.03
C6 NAG G . 61.09 -14.93 -16.96
C7 NAG G . 54.73 -13.96 -15.36
C8 NAG G . 53.30 -14.17 -15.79
N2 NAG G . 55.63 -14.17 -16.30
O3 NAG G . 57.06 -12.03 -17.35
O4 NAG G . 59.56 -13.01 -18.59
O5 NAG G . 59.05 -15.27 -15.77
O6 NAG G . 61.48 -14.32 -15.75
O7 NAG G . 55.02 -13.64 -14.21
C1 NAG H . 46.99 -6.80 3.53
C2 NAG H . 47.91 -5.92 2.74
C3 NAG H . 49.37 -6.36 3.02
C4 NAG H . 49.68 -6.45 4.52
C5 NAG H . 48.59 -7.24 5.21
C6 NAG H . 48.76 -7.33 6.72
C7 NAG H . 47.51 -4.98 0.55
C8 NAG H . 47.39 -5.21 -0.92
N2 NAG H . 47.70 -6.06 1.33
O3 NAG H . 50.28 -5.45 2.47
O4 NAG H . 50.95 -7.15 4.69
O5 NAG H . 47.36 -6.64 4.87
O6 NAG H . 48.87 -6.08 7.36
O7 NAG H . 47.47 -3.83 0.97
C1 NAG H . 51.84 -6.37 5.51
C2 NAG H . 53.06 -7.23 5.89
C3 NAG H . 54.05 -6.47 6.74
C4 NAG H . 54.34 -5.13 6.09
C5 NAG H . 53.03 -4.41 5.75
C6 NAG H . 53.24 -3.04 5.13
C7 NAG H . 52.16 -8.90 7.56
C8 NAG H . 51.70 -10.34 7.59
N2 NAG H . 52.59 -8.53 6.36
O3 NAG H . 55.26 -7.17 6.74
O4 NAG H . 55.14 -4.34 6.93
O5 NAG H . 52.28 -5.22 4.85
O6 NAG H . 52.24 -2.18 5.64
O7 NAG H . 52.14 -8.22 8.58
C1 NAG I . 14.51 -37.60 -1.99
C2 NAG I . 14.81 -38.89 -1.22
C3 NAG I . 16.19 -38.81 -0.58
C4 NAG I . 17.23 -38.45 -1.63
C5 NAG I . 16.77 -37.18 -2.33
C6 NAG I . 17.76 -36.72 -3.40
C7 NAG I . 12.85 -40.03 -0.30
C8 NAG I . 11.85 -40.13 0.80
N2 NAG I . 13.80 -39.09 -0.20
O3 NAG I . 16.48 -40.03 0.06
O4 NAG I . 18.48 -38.18 -1.03
O5 NAG I . 15.51 -37.36 -2.93
O6 NAG I . 18.09 -37.80 -4.25
O7 NAG I . 12.79 -40.79 -1.28
C1 FUC I . 16.45 -39.96 1.49
C2 FUC I . 16.10 -41.34 2.06
C3 FUC I . 17.28 -42.34 2.03
C4 FUC I . 18.56 -41.67 2.50
C5 FUC I . 18.76 -40.38 1.71
C6 FUC I . 20.11 -39.73 1.98
O2 FUC I . 15.07 -41.93 1.30
O3 FUC I . 16.99 -43.45 2.86
O4 FUC I . 18.46 -41.38 3.88
O5 FUC I . 17.68 -39.50 2.00
C1 NAG I . 19.53 -38.97 -1.62
C2 NAG I . 20.90 -38.36 -1.33
C3 NAG I . 21.93 -39.21 -2.08
C4 NAG I . 21.88 -40.63 -1.53
C5 NAG I . 20.46 -41.19 -1.62
C6 NAG I . 20.34 -42.53 -0.87
C7 NAG I . 20.78 -35.95 -0.75
C8 NAG I . 20.91 -34.53 -1.25
N2 NAG I . 20.98 -36.94 -1.65
O3 NAG I . 23.23 -38.68 -1.96
O4 NAG I . 22.79 -41.46 -2.22
O5 NAG I . 19.50 -40.29 -1.11
O6 NAG I . 19.00 -42.97 -0.84
O7 NAG I . 20.47 -36.14 0.42
C1 NAG J . -22.20 -20.77 -29.77
C2 NAG J . -22.51 -20.10 -31.08
C3 NAG J . -23.23 -21.08 -32.02
C4 NAG J . -22.49 -22.40 -32.18
C5 NAG J . -22.20 -22.92 -30.77
C6 NAG J . -21.49 -24.25 -30.72
C7 NAG J . -23.07 -17.73 -31.30
C8 NAG J . -24.06 -16.66 -31.03
N2 NAG J . -23.36 -18.96 -30.85
O3 NAG J . -23.50 -20.42 -33.25
O4 NAG J . -23.37 -23.35 -32.79
O5 NAG J . -21.45 -21.92 -30.06
O6 NAG J . -20.36 -24.26 -31.55
O7 NAG J . -22.04 -17.51 -31.92
C1 NAG J . -22.90 -23.95 -34.00
C2 NAG J . -23.95 -24.96 -34.44
C3 NAG J . -23.43 -25.79 -35.61
C4 NAG J . -23.20 -24.85 -36.77
C5 NAG J . -22.56 -23.49 -36.39
C6 NAG J . -23.07 -22.39 -37.33
C7 NAG J . -24.06 -26.59 -32.53
C8 NAG J . -22.76 -27.28 -32.86
N2 NAG J . -24.54 -25.61 -33.28
O3 NAG J . -24.38 -26.75 -36.03
O4 NAG J . -22.39 -25.51 -37.73
O5 NAG J . -22.80 -23.02 -35.06
O6 NAG J . -24.38 -21.99 -36.96
O7 NAG J . -24.74 -26.93 -31.54
C1 NAG K . -10.53 -5.99 -46.81
C2 NAG K . -11.24 -6.05 -48.14
C3 NAG K . -12.20 -7.24 -48.15
C4 NAG K . -11.45 -8.53 -47.94
C5 NAG K . -10.34 -8.49 -46.87
C6 NAG K . -9.01 -9.04 -47.40
C7 NAG K . -11.63 -3.88 -49.17
C8 NAG K . -12.49 -2.65 -49.23
N2 NAG K . -11.99 -4.81 -48.30
O3 NAG K . -12.85 -7.33 -49.39
O4 NAG K . -12.42 -9.51 -47.62
O5 NAG K . -10.06 -7.22 -46.28
O6 NAG K . -9.02 -10.44 -47.29
O7 NAG K . -10.64 -3.99 -49.90
C1 FUC K . -14.19 -6.76 -49.35
C2 FUC K . -14.62 -6.46 -50.79
C3 FUC K . -14.86 -7.75 -51.57
C4 FUC K . -15.13 -8.94 -50.63
C5 FUC K . -15.86 -8.54 -49.34
C6 FUC K . -17.28 -8.01 -49.55
O2 FUC K . -13.63 -5.70 -51.44
O3 FUC K . -15.94 -7.54 -52.46
O4 FUC K . -15.85 -9.94 -51.30
O5 FUC K . -15.10 -7.57 -48.63
C1 NAG K . -12.19 -10.76 -48.33
C2 NAG K . -13.44 -11.62 -48.21
C3 NAG K . -13.16 -13.00 -48.81
C4 NAG K . -12.75 -12.84 -50.28
C5 NAG K . -11.60 -11.82 -50.40
C6 NAG K . -11.24 -11.49 -51.85
C7 NAG K . -13.48 -12.03 -45.73
C8 NAG K . -12.07 -12.55 -45.64
N2 NAG K . -14.04 -11.64 -46.87
O3 NAG K . -14.28 -13.87 -48.68
O4 NAG K . -12.41 -14.10 -50.81
O5 NAG K . -11.91 -10.62 -49.71
O6 NAG K . -11.71 -10.21 -52.25
O7 NAG K . -14.15 -11.97 -44.69
FE FE L . -5.29 28.05 21.43
MN MN M . -3.34 28.43 18.38
C1 GOL N . -25.85 11.44 18.20
O1 GOL N . -24.55 10.96 17.88
C2 GOL N . -26.14 11.25 19.70
O2 GOL N . -25.19 11.92 20.52
C3 GOL N . -26.18 9.79 20.15
O3 GOL N . -27.09 9.14 19.25
C1 NAG O . -25.26 24.70 -7.62
C2 NAG O . -26.67 25.26 -7.43
C3 NAG O . -27.56 24.52 -8.39
C4 NAG O . -27.08 24.93 -9.77
C5 NAG O . -25.59 24.63 -9.97
C6 NAG O . -25.11 25.41 -11.19
C7 NAG O . -27.63 26.13 -5.36
C8 NAG O . -27.92 25.89 -3.92
N2 NAG O . -27.03 25.14 -6.03
O3 NAG O . -28.95 24.82 -8.27
O4 NAG O . -27.85 24.24 -10.74
O5 NAG O . -24.74 24.99 -8.89
O6 NAG O . -23.80 25.86 -10.94
O7 NAG O . -27.97 27.20 -5.85
C1 NAG P . -24.22 40.93 15.38
C2 NAG P . -24.48 42.28 16.03
C3 NAG P . -24.74 42.17 17.54
C4 NAG P . -25.78 41.11 17.85
C5 NAG P . -26.19 40.19 16.70
C6 NAG P . -27.60 40.50 16.16
C7 NAG P . -23.34 44.19 15.04
C8 NAG P . -22.12 45.06 15.05
N2 NAG P . -23.36 43.18 15.90
O3 NAG P . -25.09 43.42 18.12
O4 NAG P . -25.25 40.29 18.88
O5 NAG P . -25.29 40.04 15.58
O6 NAG P . -28.26 39.29 15.91
O7 NAG P . -24.25 44.42 14.25
P PO4 Q . -3.94 30.43 20.60
O1 PO4 Q . -3.85 29.79 21.97
O2 PO4 Q . -4.99 29.59 19.80
O3 PO4 Q . -2.63 30.31 19.89
O4 PO4 Q . -4.52 31.87 20.59
C1 GOL R . 0.71 32.14 64.84
O1 GOL R . 1.88 32.95 64.97
C2 GOL R . -0.64 32.89 64.80
O2 GOL R . -0.97 33.59 66.02
C3 GOL R . -0.67 33.94 63.70
O3 GOL R . 0.63 34.50 63.53
C1 GOL S . -31.16 22.26 25.30
O1 GOL S . -30.51 21.80 26.47
C2 GOL S . -31.21 23.78 25.33
O2 GOL S . -32.53 24.24 25.67
C3 GOL S . -30.88 24.29 23.95
O3 GOL S . -31.36 25.62 23.80
FE FE T . 35.90 0.30 -8.76
MN MN U . 33.40 2.26 -10.51
C1 NAG V . 25.98 29.42 9.08
C2 NAG V . 26.45 30.31 10.24
C3 NAG V . 25.63 31.56 10.56
C4 NAG V . 25.50 32.33 9.26
C5 NAG V . 24.60 31.45 8.40
C6 NAG V . 24.27 32.13 7.06
C7 NAG V . 27.58 28.76 11.66
C8 NAG V . 27.51 27.91 12.89
N2 NAG V . 26.49 29.46 11.40
O3 NAG V . 26.25 32.32 11.59
O4 NAG V . 24.94 33.61 9.46
O5 NAG V . 25.16 30.15 8.16
O6 NAG V . 22.95 31.82 6.69
O7 NAG V . 28.56 28.82 10.91
C1 NAG W . 49.68 18.05 -1.08
C2 NAG W . 51.05 18.20 -1.68
C3 NAG W . 51.98 17.06 -1.22
C4 NAG W . 52.04 16.98 0.31
C5 NAG W . 50.62 17.05 0.92
C6 NAG W . 50.68 17.23 2.44
C7 NAG W . 51.19 19.52 -3.75
C8 NAG W . 51.13 19.53 -5.25
N2 NAG W . 51.03 18.34 -3.14
O3 NAG W . 53.29 17.32 -1.66
O4 NAG W . 52.75 15.82 0.74
O5 NAG W . 49.85 18.11 0.34
O6 NAG W . 51.06 18.55 2.75
O7 NAG W . 51.35 20.58 -3.17
P PO4 X . 36.27 1.64 -11.29
O1 PO4 X . 35.75 2.27 -9.94
O2 PO4 X . 36.74 0.24 -10.87
O3 PO4 X . 37.44 2.54 -11.63
O4 PO4 X . 35.10 1.69 -12.20
FE FE Y . -19.72 -3.51 -25.24
MN MN Z . -18.26 -0.32 -24.43
C1 NAG AA . -44.37 -19.10 -30.16
C1 NAG AA . -46.30 -17.84 -29.33
C2 NAG AA . -44.93 -19.13 -31.58
C2 NAG AA . -47.19 -17.67 -30.56
C3 NAG AA . -44.19 -18.21 -32.55
C3 NAG AA . -46.26 -17.15 -31.64
C4 NAG AA . -44.04 -16.82 -31.95
C4 NAG AA . -45.74 -15.82 -31.11
C5 NAG AA . -43.70 -16.87 -30.45
C5 NAG AA . -45.16 -15.91 -29.70
C6 NAG AA . -43.72 -15.49 -29.79
C6 NAG AA . -44.80 -14.52 -29.22
C7 NAG AA . -44.42 -21.22 -32.89
C7 NAG AA . -47.35 -20.03 -31.23
C8 NAG AA . -43.19 -20.65 -33.52
C8 NAG AA . -45.90 -19.94 -31.58
N2 NAG AA . -45.15 -20.51 -32.04
N2 NAG AA . -47.93 -18.92 -30.78
O3 NAG AA . -44.96 -18.10 -33.73
O3 NAG AA . -46.88 -16.89 -32.88
O4 NAG AA . -43.05 -16.10 -32.67
O4 NAG AA . -44.73 -15.30 -31.95
O5 NAG AA . -44.56 -17.75 -29.75
O5 NAG AA . -46.05 -16.56 -28.79
O6 NAG AA . -44.99 -14.91 -29.88
O6 NAG AA . -45.98 -13.76 -29.07
O7 NAG AA . -44.78 -22.37 -33.16
O7 NAG AA . -47.94 -21.09 -31.37
C1 NAG BA . -29.71 -19.05 14.88
C2 NAG BA . -30.14 -20.42 15.39
C3 NAG BA . -30.32 -21.38 14.21
C4 NAG BA . -31.40 -20.82 13.30
C5 NAG BA . -30.98 -19.42 12.85
C6 NAG BA . -32.12 -18.77 12.10
C7 NAG BA . -29.24 -20.95 17.65
C8 NAG BA . -30.44 -20.34 18.32
N2 NAG BA . -29.14 -20.94 16.31
O3 NAG BA . -30.58 -22.73 14.58
O4 NAG BA . -31.60 -21.66 12.16
O5 NAG BA . -30.65 -18.56 13.95
O6 NAG BA . -31.60 -17.64 11.43
O7 NAG BA . -28.33 -21.42 18.35
C1 NAG CA . 14.44 -0.49 -34.49
C1 NAG CA . 12.50 -1.06 -35.82
C2 NAG CA . 15.46 -1.10 -35.42
C2 NAG CA . 12.50 -0.36 -37.16
C3 NAG CA . 16.81 -0.38 -35.45
C3 NAG CA . 12.71 -1.18 -38.46
C4 NAG CA . 16.64 1.12 -35.57
C4 NAG CA . 13.07 -2.64 -38.27
C5 NAG CA . 15.87 1.52 -34.36
C5 NAG CA . 12.36 -3.12 -37.02
C6 NAG CA . 15.60 3.04 -34.37
C6 NAG CA . 12.49 -4.60 -36.68
C7 NAG CA . 15.07 -3.42 -35.09
C7 NAG CA . 11.36 1.70 -37.09
C8 NAG CA . 13.98 -3.27 -36.12
C8 NAG CA . 12.76 2.20 -36.84
N2 NAG CA . 15.75 -2.34 -34.80
N2 NAG CA . 11.29 0.37 -37.23
O3 NAG CA . 17.53 -0.87 -36.53
O3 NAG CA . 13.67 -0.51 -39.20
O4 NAG CA . 17.90 1.76 -35.57
O4 NAG CA . 12.57 -3.39 -39.39
O5 NAG CA . 14.60 0.92 -34.48
O5 NAG CA . 12.86 -2.42 -35.91
O6 NAG CA . 16.79 3.77 -34.21
O6 NAG CA . 11.60 -4.78 -35.58
O7 NAG CA . 15.30 -4.48 -34.54
O7 NAG CA . 10.40 2.49 -37.13
P PO4 DA . -20.46 -1.02 -26.34
O1 PO4 DA . -20.57 0.24 -25.57
O2 PO4 DA . -21.30 -2.17 -25.79
O3 PO4 DA . -19.07 -1.65 -26.34
O4 PO4 DA . -20.68 -0.72 -27.84
C1 GOL EA . 4.03 1.03 -9.34
O1 GOL EA . 3.72 1.91 -8.24
C2 GOL EA . 2.82 0.32 -9.95
O2 GOL EA . 1.70 1.27 -10.06
C3 GOL EA . 2.42 -1.01 -9.24
O3 GOL EA . 3.23 -1.66 -8.22
#